data_1U8R
#
_entry.id   1U8R
#
_cell.length_a   107.959
_cell.length_b   107.959
_cell.length_c   215.124
_cell.angle_alpha   90.00
_cell.angle_beta   90.00
_cell.angle_gamma   120.00
#
_symmetry.space_group_name_H-M   'P 31'
#
loop_
_entity.id
_entity.type
_entity.pdbx_description
1 polymer 'mbtA operator DNA'
2 polymer 'mbtB operator DNA'
3 polymer 'Iron-dependent repressor ideR'
4 non-polymer 'COBALT (II) ION'
5 non-polymer 'SODIUM ION'
6 water water
#
loop_
_entity_poly.entity_id
_entity_poly.type
_entity_poly.pdbx_seq_one_letter_code
_entity_poly.pdbx_strand_id
1 'polydeoxyribonucleotide'
;(DC)(DC)(DC)(DT)(DG)(DT)(DT)(DA)(DG)(DC)(DA)(DC)(DA)(DG)(DG)(DC)(DT)(DG)(DC)(DC)
(DC)(DT)(DA)(DA)(DT)(DT)(DT)(DT)(DA)(DG)(DT)(DG)(DG)
;
E,K
2 'polydeoxyribonucleotide'
;(DC)(DA)(DC)(DT)(DA)(DA)(DA)(DA)(DT)(DT)(DA)(DG)(DG)(DG)(DC)(DA)(DG)(DC)(DC)(DT)
(DG)(DT)(DG)(DC)(DT)(DA)(DA)(DC)(DA)(DG)(DG)(DG)(DC)
;
F,L
3 'polypeptide(L)'
;MNELVDTTEMYLRTIYDLEEEGVTPLRARIAERLDQSGPTVSQTVSRMERDGLLRVAGDRHLELTEKGRALAIAVMRKHR
LAERLLVDVIGLPWEEVHAEACRWEHVMSEDVERRLVKVLNNPTTSPFGNPIPGLDELGVGPEPGADDANLVRLTELPAG
SPVAVVVRQLTEHVQGDIDLITRLKDAGVVPNARVTVETTPGGGVTIVIPGHENVTLPHEMAHAVKVEKV
;
A,B,C,D,G,H,I,J
#
loop_
_chem_comp.id
_chem_comp.type
_chem_comp.name
_chem_comp.formula
CO non-polymer 'COBALT (II) ION' 'Co 2'
DA DNA linking 2'-DEOXYADENOSINE-5'-MONOPHOSPHATE 'C10 H14 N5 O6 P'
DC DNA linking 2'-DEOXYCYTIDINE-5'-MONOPHOSPHATE 'C9 H14 N3 O7 P'
DG DNA linking 2'-DEOXYGUANOSINE-5'-MONOPHOSPHATE 'C10 H14 N5 O7 P'
DT DNA linking THYMIDINE-5'-MONOPHOSPHATE 'C10 H15 N2 O8 P'
NA non-polymer 'SODIUM ION' 'Na 1'
#
# COMPACT_ATOMS: atom_id res chain seq x y z
N MET E 1 -16.86 22.20 -9.28
CA MET E 1 -16.65 23.10 -10.46
C MET E 1 -15.83 24.33 -10.08
N ASN E 2 -16.33 25.09 -9.12
CA ASN E 2 -15.68 26.31 -8.63
C ASN E 2 -16.66 27.02 -7.70
N GLU E 3 -16.20 27.38 -6.50
CA GLU E 3 -17.04 28.06 -5.52
C GLU E 3 -17.79 29.23 -6.15
N LEU E 4 -17.03 30.19 -6.65
CA LEU E 4 -17.57 31.39 -7.27
C LEU E 4 -18.15 31.19 -8.69
N VAL E 5 -17.92 30.02 -9.26
CA VAL E 5 -18.37 29.71 -10.61
C VAL E 5 -17.45 30.42 -11.61
N ASP E 6 -17.30 31.74 -11.43
CA ASP E 6 -16.42 32.56 -12.27
C ASP E 6 -15.72 33.59 -11.40
N THR E 7 -14.44 33.37 -11.13
CA THR E 7 -13.69 34.27 -10.28
C THR E 7 -13.73 35.72 -10.77
N THR E 8 -13.17 35.97 -11.94
CA THR E 8 -13.14 37.32 -12.47
C THR E 8 -14.46 38.06 -12.31
N GLU E 9 -15.54 37.49 -12.84
CA GLU E 9 -16.84 38.15 -12.70
C GLU E 9 -17.14 38.51 -11.25
N MET E 10 -16.92 37.58 -10.32
CA MET E 10 -17.21 37.88 -8.92
C MET E 10 -16.31 39.00 -8.35
N TYR E 11 -15.09 39.11 -8.85
CA TYR E 11 -14.19 40.17 -8.40
C TYR E 11 -14.75 41.50 -8.93
N LEU E 12 -15.14 41.52 -10.20
CA LEU E 12 -15.72 42.73 -10.78
C LEU E 12 -16.97 43.16 -10.04
N ARG E 13 -17.91 42.23 -9.87
CA ARG E 13 -19.16 42.56 -9.19
C ARG E 13 -18.92 43.00 -7.74
N THR E 14 -17.90 42.45 -7.10
CA THR E 14 -17.64 42.88 -5.73
C THR E 14 -17.13 44.32 -5.73
N ILE E 15 -16.35 44.68 -6.76
CA ILE E 15 -15.82 46.04 -6.91
C ILE E 15 -17.02 46.96 -7.00
N TYR E 16 -17.92 46.60 -7.91
CA TYR E 16 -19.15 47.34 -8.14
C TYR E 16 -19.93 47.45 -6.83
N ASP E 17 -20.21 46.30 -6.19
CA ASP E 17 -20.94 46.28 -4.93
C ASP E 17 -20.39 47.28 -3.93
N LEU E 18 -19.08 47.29 -3.76
CA LEU E 18 -18.47 48.22 -2.83
C LEU E 18 -18.81 49.66 -3.20
N GLU E 19 -18.73 49.99 -4.49
CA GLU E 19 -19.05 51.35 -4.95
C GLU E 19 -20.48 51.69 -4.56
N GLU E 20 -21.38 50.75 -4.84
CA GLU E 20 -22.79 50.90 -4.53
C GLU E 20 -22.98 51.18 -3.03
N GLU E 21 -22.10 50.61 -2.20
CA GLU E 21 -22.16 50.78 -0.76
C GLU E 21 -21.44 52.04 -0.32
N GLY E 22 -20.74 52.66 -1.27
CA GLY E 22 -20.02 53.88 -0.99
C GLY E 22 -18.76 53.67 -0.17
N VAL E 23 -18.17 52.47 -0.26
CA VAL E 23 -16.93 52.22 0.48
C VAL E 23 -15.79 52.10 -0.56
N THR E 24 -14.58 52.44 -0.14
CA THR E 24 -13.44 52.39 -1.03
C THR E 24 -13.07 50.97 -1.40
N PRO E 25 -12.99 50.69 -2.70
CA PRO E 25 -12.66 49.40 -3.31
C PRO E 25 -11.20 48.94 -3.11
N LEU E 26 -10.91 48.39 -1.94
CA LEU E 26 -9.57 47.89 -1.67
C LEU E 26 -9.52 46.39 -1.86
N ARG E 27 -8.32 45.88 -2.10
CA ARG E 27 -8.15 44.46 -2.30
C ARG E 27 -8.51 43.74 -1.02
N ALA E 28 -8.18 44.36 0.10
CA ALA E 28 -8.49 43.76 1.38
C ALA E 28 -10.00 43.49 1.48
N ARG E 29 -10.82 44.36 0.91
CA ARG E 29 -12.28 44.17 0.95
C ARG E 29 -12.66 42.89 0.19
N ILE E 30 -12.18 42.75 -1.03
CA ILE E 30 -12.51 41.58 -1.81
C ILE E 30 -12.17 40.30 -1.06
N ALA E 31 -10.98 40.28 -0.45
CA ALA E 31 -10.55 39.11 0.31
C ALA E 31 -11.55 38.74 1.39
N GLU E 32 -12.02 39.75 2.14
CA GLU E 32 -12.98 39.51 3.20
C GLU E 32 -14.23 38.90 2.62
N ARG E 33 -14.83 39.60 1.67
CA ARG E 33 -16.06 39.14 1.09
C ARG E 33 -16.04 37.84 0.32
N LEU E 34 -14.94 37.54 -0.36
CA LEU E 34 -14.91 36.30 -1.11
C LEU E 34 -14.19 35.21 -0.32
N ASP E 35 -13.80 35.54 0.91
CA ASP E 35 -13.09 34.60 1.78
C ASP E 35 -11.86 33.94 1.13
N GLN E 36 -10.98 34.77 0.60
CA GLN E 36 -9.76 34.29 -0.03
C GLN E 36 -8.60 35.00 0.63
N SER E 37 -7.40 34.42 0.53
CA SER E 37 -6.22 35.01 1.15
C SER E 37 -5.77 36.29 0.43
N GLY E 38 -5.06 37.15 1.16
CA GLY E 38 -4.57 38.36 0.56
C GLY E 38 -3.80 38.04 -0.71
N PRO E 39 -2.76 37.22 -0.60
CA PRO E 39 -1.98 36.85 -1.77
C PRO E 39 -2.88 36.43 -2.91
N THR E 40 -3.91 35.64 -2.62
CA THR E 40 -4.77 35.22 -3.72
C THR E 40 -5.39 36.42 -4.43
N VAL E 41 -6.11 37.26 -3.70
CA VAL E 41 -6.75 38.39 -4.36
C VAL E 41 -5.76 39.28 -5.11
N SER E 42 -4.56 39.43 -4.57
CA SER E 42 -3.55 40.24 -5.25
C SER E 42 -3.24 39.65 -6.62
N GLN E 43 -2.81 38.41 -6.61
CA GLN E 43 -2.46 37.74 -7.84
C GLN E 43 -3.63 37.75 -8.82
N THR E 44 -4.84 37.56 -8.31
CA THR E 44 -5.98 37.55 -9.22
C THR E 44 -6.22 38.93 -9.81
N VAL E 45 -6.09 39.96 -9.00
CA VAL E 45 -6.27 41.32 -9.50
C VAL E 45 -5.25 41.56 -10.62
N SER E 46 -3.99 41.27 -10.36
CA SER E 46 -2.99 41.42 -11.40
C SER E 46 -3.50 40.81 -12.71
N ARG E 47 -3.75 39.50 -12.77
CA ARG E 47 -4.27 38.94 -14.02
C ARG E 47 -5.35 39.87 -14.58
N MET E 48 -6.22 40.36 -13.72
CA MET E 48 -7.28 41.23 -14.18
C MET E 48 -6.74 42.53 -14.75
N GLU E 49 -5.79 43.15 -14.06
CA GLU E 49 -5.19 44.40 -14.52
C GLU E 49 -4.50 44.14 -15.86
N ARG E 50 -3.84 43.01 -15.95
CA ARG E 50 -3.14 42.58 -17.16
C ARG E 50 -4.09 42.40 -18.32
N ASP E 51 -5.37 42.23 -18.04
CA ASP E 51 -6.32 42.05 -19.13
C ASP E 51 -7.18 43.31 -19.26
N GLY E 52 -6.70 44.39 -18.65
CA GLY E 52 -7.39 45.66 -18.70
C GLY E 52 -8.84 45.69 -18.25
N LEU E 53 -9.11 45.11 -17.08
CA LEU E 53 -10.46 45.09 -16.55
C LEU E 53 -10.51 46.08 -15.40
N LEU E 54 -9.35 46.37 -14.83
CA LEU E 54 -9.28 47.33 -13.73
C LEU E 54 -7.85 47.81 -13.56
N ARG E 55 -7.67 48.85 -12.75
CA ARG E 55 -6.34 49.37 -12.49
C ARG E 55 -6.25 49.62 -11.01
N VAL E 56 -5.06 49.46 -10.44
CA VAL E 56 -4.88 49.71 -9.02
C VAL E 56 -4.34 51.12 -8.97
N ALA E 57 -5.10 52.06 -8.44
CA ALA E 57 -4.64 53.45 -8.37
C ALA E 57 -3.42 53.69 -7.48
N GLY E 58 -3.09 54.97 -7.28
CA GLY E 58 -1.96 55.34 -6.45
C GLY E 58 -2.21 55.02 -5.00
N ASP E 59 -3.39 55.37 -4.51
CA ASP E 59 -3.76 55.13 -3.13
C ASP E 59 -4.11 53.65 -2.93
N ARG E 60 -3.98 52.88 -4.00
CA ARG E 60 -4.24 51.44 -4.00
C ARG E 60 -5.69 51.05 -4.13
N HIS E 61 -6.57 51.99 -4.43
CA HIS E 61 -7.97 51.60 -4.57
C HIS E 61 -8.18 51.06 -5.96
N LEU E 62 -9.13 50.16 -6.11
CA LEU E 62 -9.40 49.55 -7.40
C LEU E 62 -10.35 50.37 -8.27
N GLU E 63 -9.90 50.63 -9.50
CA GLU E 63 -10.64 51.42 -10.46
C GLU E 63 -10.98 50.52 -11.63
N LEU E 64 -12.28 50.37 -11.94
CA LEU E 64 -12.70 49.53 -13.07
C LEU E 64 -12.49 50.27 -14.38
N THR E 65 -11.85 49.64 -15.36
CA THR E 65 -11.63 50.30 -16.64
C THR E 65 -12.91 50.37 -17.44
N GLU E 66 -12.85 50.98 -18.62
CA GLU E 66 -14.02 51.10 -19.49
C GLU E 66 -14.64 49.72 -19.65
N LYS E 67 -13.79 48.78 -20.06
CA LYS E 67 -14.17 47.40 -20.30
C LYS E 67 -14.69 46.73 -19.06
N GLY E 68 -13.87 46.74 -18.01
CA GLY E 68 -14.25 46.11 -16.76
C GLY E 68 -15.63 46.51 -16.27
N ARG E 69 -15.92 47.80 -16.26
CA ARG E 69 -17.21 48.25 -15.79
C ARG E 69 -18.34 47.68 -16.64
N ALA E 70 -18.20 47.73 -17.95
CA ALA E 70 -19.25 47.22 -18.83
C ALA E 70 -19.66 45.81 -18.47
N LEU E 71 -18.68 44.99 -18.12
CA LEU E 71 -18.90 43.59 -17.77
C LEU E 71 -19.50 43.49 -16.37
N ALA E 72 -18.95 44.29 -15.46
CA ALA E 72 -19.43 44.30 -14.10
C ALA E 72 -20.93 44.53 -14.13
N ILE E 73 -21.36 45.53 -14.90
CA ILE E 73 -22.78 45.86 -15.02
C ILE E 73 -23.55 44.70 -15.61
N ALA E 74 -23.03 44.11 -16.68
CA ALA E 74 -23.71 43.01 -17.32
C ALA E 74 -24.00 41.94 -16.28
N VAL E 75 -23.04 41.65 -15.40
CA VAL E 75 -23.28 40.65 -14.39
C VAL E 75 -24.35 41.09 -13.44
N MET E 76 -24.16 42.26 -12.82
CA MET E 76 -25.13 42.77 -11.86
C MET E 76 -26.55 42.70 -12.41
N ARG E 77 -26.68 42.96 -13.72
CA ARG E 77 -27.97 42.95 -14.42
C ARG E 77 -28.60 41.57 -14.41
N LYS E 78 -27.85 40.56 -14.86
CA LYS E 78 -28.37 39.20 -14.90
C LYS E 78 -28.73 38.81 -13.49
N HIS E 79 -27.87 39.17 -12.54
CA HIS E 79 -28.11 38.85 -11.15
C HIS E 79 -29.49 39.29 -10.73
N ARG E 80 -29.77 40.58 -10.85
CA ARG E 80 -31.07 41.10 -10.45
C ARG E 80 -32.26 40.62 -11.27
N LEU E 81 -32.10 40.46 -12.57
CA LEU E 81 -33.23 39.96 -13.36
C LEU E 81 -33.59 38.57 -12.85
N ALA E 82 -32.57 37.79 -12.46
CA ALA E 82 -32.77 36.43 -11.96
C ALA E 82 -33.49 36.41 -10.62
N GLU E 83 -33.07 37.29 -9.71
CA GLU E 83 -33.71 37.36 -8.41
C GLU E 83 -35.18 37.66 -8.70
N ARG E 84 -35.44 38.47 -9.72
CA ARG E 84 -36.81 38.79 -10.09
C ARG E 84 -37.50 37.48 -10.45
N LEU E 85 -36.98 36.82 -11.48
CA LEU E 85 -37.56 35.57 -11.93
C LEU E 85 -37.73 34.55 -10.80
N LEU E 86 -36.75 34.45 -9.91
CA LEU E 86 -36.84 33.50 -8.81
C LEU E 86 -37.96 33.75 -7.84
N VAL E 87 -38.20 35.02 -7.51
CA VAL E 87 -39.24 35.39 -6.56
C VAL E 87 -40.65 35.41 -7.17
N ASP E 88 -40.82 36.12 -8.28
CA ASP E 88 -42.10 36.27 -8.96
C ASP E 88 -42.65 35.02 -9.62
N VAL E 89 -41.90 34.43 -10.55
CA VAL E 89 -42.35 33.24 -11.27
C VAL E 89 -42.04 31.90 -10.58
N ILE E 90 -40.76 31.56 -10.48
CA ILE E 90 -40.38 30.32 -9.85
C ILE E 90 -41.03 30.17 -8.48
N GLY E 91 -41.14 31.27 -7.74
CA GLY E 91 -41.74 31.21 -6.42
C GLY E 91 -40.81 30.76 -5.31
N LEU E 92 -39.51 30.95 -5.50
CA LEU E 92 -38.53 30.57 -4.49
C LEU E 92 -38.56 31.61 -3.37
N PRO E 93 -38.43 31.18 -2.11
CA PRO E 93 -38.44 32.10 -0.96
C PRO E 93 -37.42 33.25 -1.02
N TRP E 94 -37.86 34.42 -0.59
CA TRP E 94 -37.07 35.65 -0.58
C TRP E 94 -35.62 35.53 -0.13
N GLU E 95 -35.42 35.10 1.12
CA GLU E 95 -34.07 34.98 1.69
C GLU E 95 -33.24 33.86 1.09
N GLU E 96 -33.65 33.40 -0.10
CA GLU E 96 -32.94 32.33 -0.78
C GLU E 96 -32.59 32.63 -2.23
N VAL E 97 -33.28 33.60 -2.83
CA VAL E 97 -33.01 33.96 -4.21
C VAL E 97 -31.64 34.57 -4.44
N HIS E 98 -31.17 35.38 -3.49
CA HIS E 98 -29.88 35.99 -3.70
C HIS E 98 -28.81 34.93 -3.94
N ALA E 99 -28.65 33.99 -3.01
CA ALA E 99 -27.62 32.96 -3.15
C ALA E 99 -27.73 32.15 -4.46
N GLU E 100 -28.95 31.98 -4.93
CA GLU E 100 -29.22 31.24 -6.15
C GLU E 100 -28.78 32.07 -7.34
N ALA E 101 -29.14 33.35 -7.30
CA ALA E 101 -28.81 34.28 -8.37
C ALA E 101 -27.30 34.51 -8.47
N CYS E 102 -26.61 34.42 -7.33
CA CYS E 102 -25.17 34.63 -7.29
C CYS E 102 -24.46 33.62 -8.17
N ARG E 103 -25.16 32.53 -8.51
CA ARG E 103 -24.59 31.50 -9.36
C ARG E 103 -25.13 31.63 -10.76
N TRP E 104 -26.43 31.89 -10.89
CA TRP E 104 -27.06 32.02 -12.21
C TRP E 104 -26.51 33.19 -12.98
N GLU E 105 -26.08 34.22 -12.26
CA GLU E 105 -25.55 35.43 -12.86
C GLU E 105 -24.38 35.18 -13.78
N HIS E 106 -23.72 34.04 -13.60
CA HIS E 106 -22.55 33.71 -14.40
C HIS E 106 -22.87 32.78 -15.56
N VAL E 107 -24.14 32.46 -15.81
CA VAL E 107 -24.46 31.57 -16.92
C VAL E 107 -25.63 32.03 -17.82
N MET E 108 -26.39 33.02 -17.37
CA MET E 108 -27.53 33.54 -18.13
C MET E 108 -27.03 34.23 -19.39
N SER E 109 -27.57 33.83 -20.53
CA SER E 109 -27.18 34.44 -21.80
C SER E 109 -27.84 35.79 -21.89
N GLU E 110 -27.39 36.59 -22.84
CA GLU E 110 -27.97 37.91 -22.99
C GLU E 110 -29.39 37.75 -23.56
N ASP E 111 -29.60 36.72 -24.37
CA ASP E 111 -30.91 36.46 -24.95
C ASP E 111 -31.93 36.18 -23.85
N VAL E 112 -31.63 35.22 -22.98
CA VAL E 112 -32.54 34.91 -21.89
C VAL E 112 -32.82 36.17 -21.07
N GLU E 113 -31.85 37.08 -21.02
CA GLU E 113 -32.05 38.31 -20.29
C GLU E 113 -33.22 39.07 -20.89
N ARG E 114 -33.05 39.49 -22.15
CA ARG E 114 -34.08 40.23 -22.87
C ARG E 114 -35.48 39.64 -22.66
N ARG E 115 -35.63 38.34 -22.95
CA ARG E 115 -36.92 37.69 -22.78
C ARG E 115 -37.44 37.74 -21.35
N LEU E 116 -36.54 37.73 -20.38
CA LEU E 116 -36.97 37.81 -19.00
C LEU E 116 -37.54 39.20 -18.76
N VAL E 117 -37.01 40.17 -19.51
CA VAL E 117 -37.48 41.55 -19.41
C VAL E 117 -38.95 41.63 -19.78
N LYS E 118 -39.30 40.99 -20.90
CA LYS E 118 -40.68 40.96 -21.38
C LYS E 118 -41.60 40.13 -20.49
N VAL E 119 -41.09 39.03 -19.95
CA VAL E 119 -41.88 38.16 -19.09
C VAL E 119 -42.19 38.78 -17.73
N LEU E 120 -41.37 39.71 -17.28
CA LEU E 120 -41.55 40.35 -15.98
C LEU E 120 -42.11 41.76 -16.09
N ASN E 121 -42.45 42.16 -17.31
CA ASN E 121 -43.00 43.49 -17.62
C ASN E 121 -42.03 44.64 -17.39
N ASN E 122 -40.87 44.57 -18.04
CA ASN E 122 -39.86 45.61 -17.94
C ASN E 122 -39.57 46.03 -16.51
N PRO E 123 -39.27 45.07 -15.61
CA PRO E 123 -38.99 45.45 -14.22
C PRO E 123 -37.82 46.42 -14.20
N THR E 124 -37.65 47.13 -13.10
CA THR E 124 -36.58 48.10 -13.00
C THR E 124 -35.80 47.97 -11.72
N THR E 125 -36.21 47.02 -10.88
CA THR E 125 -35.53 46.80 -9.60
C THR E 125 -35.53 45.33 -9.26
N SER E 126 -34.88 44.98 -8.16
CA SER E 126 -34.81 43.61 -7.69
C SER E 126 -35.75 43.49 -6.50
N PRO E 127 -36.04 42.26 -6.05
CA PRO E 127 -36.92 42.02 -4.91
C PRO E 127 -36.37 42.68 -3.65
N PHE E 128 -35.26 43.40 -3.79
CA PHE E 128 -34.66 44.08 -2.65
C PHE E 128 -34.56 45.56 -2.91
N GLY E 129 -35.08 46.00 -4.05
CA GLY E 129 -35.09 47.41 -4.35
C GLY E 129 -33.95 48.00 -5.15
N ASN E 130 -32.90 47.24 -5.38
CA ASN E 130 -31.80 47.81 -6.12
C ASN E 130 -32.16 47.86 -7.59
N PRO E 131 -31.82 48.96 -8.28
CA PRO E 131 -32.11 49.13 -9.71
C PRO E 131 -31.37 48.17 -10.60
N ILE E 132 -31.98 47.79 -11.71
CA ILE E 132 -31.34 46.89 -12.65
C ILE E 132 -30.54 47.74 -13.65
N PRO E 133 -29.22 47.68 -13.55
CA PRO E 133 -28.27 48.41 -14.40
C PRO E 133 -28.18 47.95 -15.84
N GLY E 134 -27.48 48.75 -16.65
CA GLY E 134 -27.27 48.44 -18.05
C GLY E 134 -28.47 47.90 -18.82
N LEU E 135 -29.65 48.39 -18.49
CA LEU E 135 -30.84 47.91 -19.16
C LEU E 135 -31.00 48.39 -20.57
N ASP E 136 -30.37 49.50 -20.91
CA ASP E 136 -30.49 50.02 -22.27
C ASP E 136 -29.45 49.41 -23.18
N GLU E 137 -28.21 49.24 -22.70
CA GLU E 137 -27.22 48.65 -23.58
C GLU E 137 -27.63 47.22 -23.86
N LEU E 138 -28.64 46.75 -23.13
CA LEU E 138 -29.17 45.40 -23.32
C LEU E 138 -30.14 45.48 -24.51
N GLY E 139 -30.99 46.49 -24.49
CA GLY E 139 -31.95 46.69 -25.57
C GLY E 139 -33.34 47.02 -25.10
N VAL E 140 -33.47 47.95 -24.16
CA VAL E 140 -34.77 48.38 -23.63
C VAL E 140 -34.62 49.62 -22.74
N GLY E 141 -35.22 49.57 -21.55
CA GLY E 141 -35.12 50.68 -20.60
C GLY E 141 -35.72 52.01 -21.03
N LEU E 151 -33.27 60.25 -0.66
CA LEU E 151 -32.84 58.88 -0.38
C LEU E 151 -31.45 58.87 0.25
N VAL E 152 -31.35 58.32 1.46
CA VAL E 152 -30.06 58.28 2.14
C VAL E 152 -29.60 56.88 2.49
N ARG E 153 -28.41 56.80 3.07
CA ARG E 153 -27.80 55.55 3.48
C ARG E 153 -27.74 55.58 5.00
N LEU E 154 -28.18 54.50 5.67
CA LEU E 154 -28.18 54.47 7.14
C LEU E 154 -26.95 55.06 7.83
N THR E 155 -25.81 55.05 7.15
CA THR E 155 -24.58 55.60 7.71
C THR E 155 -24.63 57.12 7.67
N GLU E 156 -25.33 57.65 6.67
CA GLU E 156 -25.50 59.09 6.48
C GLU E 156 -26.69 59.62 7.31
N LEU E 157 -26.95 58.99 8.45
CA LEU E 157 -28.05 59.41 9.29
C LEU E 157 -27.50 59.97 10.60
N PRO E 158 -27.83 61.24 10.92
CA PRO E 158 -27.38 61.92 12.14
C PRO E 158 -27.77 61.19 13.43
N ALA E 159 -26.88 61.22 14.42
CA ALA E 159 -27.13 60.55 15.69
C ALA E 159 -28.00 61.38 16.62
N GLY E 160 -28.31 60.82 17.79
CA GLY E 160 -29.13 61.51 18.75
C GLY E 160 -30.48 60.83 18.96
N SER E 161 -31.53 61.46 18.43
CA SER E 161 -32.88 60.92 18.56
C SER E 161 -33.28 60.08 17.34
N PRO E 162 -34.00 58.96 17.56
CA PRO E 162 -34.45 58.06 16.49
C PRO E 162 -35.07 58.80 15.32
N VAL E 163 -35.27 58.11 14.22
CA VAL E 163 -35.86 58.73 13.05
C VAL E 163 -36.72 57.73 12.29
N ALA E 164 -37.90 58.18 11.90
CA ALA E 164 -38.82 57.33 11.16
C ALA E 164 -38.39 57.40 9.71
N VAL E 165 -38.25 56.23 9.09
CA VAL E 165 -37.85 56.12 7.71
C VAL E 165 -38.53 54.91 7.08
N VAL E 166 -38.41 54.78 5.77
CA VAL E 166 -38.99 53.63 5.09
C VAL E 166 -37.90 52.93 4.27
N VAL E 167 -37.63 51.68 4.61
CA VAL E 167 -36.61 50.89 3.93
C VAL E 167 -36.85 50.86 2.42
N ARG E 168 -35.86 51.31 1.66
CA ARG E 168 -35.95 51.36 0.20
C ARG E 168 -35.09 50.32 -0.51
N GLN E 169 -33.87 50.12 -0.02
CA GLN E 169 -32.92 49.16 -0.60
C GLN E 169 -32.10 48.36 0.39
N LEU E 170 -31.76 47.14 0.00
CA LEU E 170 -30.92 46.25 0.79
C LEU E 170 -29.91 45.70 -0.23
N THR E 171 -28.80 46.40 -0.36
CA THR E 171 -27.78 46.00 -1.33
C THR E 171 -27.20 44.62 -1.13
N GLU E 172 -26.67 44.08 -2.21
CA GLU E 172 -26.10 42.75 -2.22
C GLU E 172 -25.24 42.40 -1.00
N HIS E 173 -24.52 43.35 -0.44
CA HIS E 173 -23.71 42.99 0.72
C HIS E 173 -24.55 42.37 1.82
N VAL E 174 -25.67 43.02 2.16
CA VAL E 174 -26.53 42.50 3.22
C VAL E 174 -27.16 41.18 2.78
N GLN E 175 -27.56 41.08 1.52
CA GLN E 175 -28.14 39.83 1.01
C GLN E 175 -27.15 38.70 1.29
N GLY E 176 -25.87 39.07 1.38
CA GLY E 176 -24.83 38.10 1.62
C GLY E 176 -25.02 37.34 2.92
N ASP E 177 -24.99 38.05 4.04
CA ASP E 177 -25.16 37.41 5.34
C ASP E 177 -26.55 36.85 5.40
N ILE E 178 -26.68 35.57 5.05
CA ILE E 178 -27.97 34.91 5.03
C ILE E 178 -28.65 34.89 6.39
N ASP E 179 -27.88 34.74 7.45
CA ASP E 179 -28.46 34.72 8.79
C ASP E 179 -29.17 36.04 9.08
N LEU E 180 -28.58 37.13 8.61
CA LEU E 180 -29.14 38.46 8.81
C LEU E 180 -30.30 38.76 7.87
N ILE E 181 -30.15 38.42 6.59
CA ILE E 181 -31.21 38.70 5.64
C ILE E 181 -32.48 37.97 6.05
N THR E 182 -32.31 36.88 6.80
CA THR E 182 -33.45 36.12 7.28
C THR E 182 -34.09 36.87 8.43
N ARG E 183 -33.30 37.22 9.44
CA ARG E 183 -33.81 37.96 10.59
C ARG E 183 -34.57 39.19 10.10
N LEU E 184 -34.00 39.89 9.13
CA LEU E 184 -34.62 41.09 8.58
C LEU E 184 -35.98 40.77 7.98
N LYS E 185 -36.13 39.60 7.37
CA LYS E 185 -37.40 39.23 6.80
C LYS E 185 -38.41 38.99 7.92
N ASP E 186 -38.00 38.21 8.92
CA ASP E 186 -38.85 37.91 10.06
C ASP E 186 -39.31 39.18 10.77
N ALA E 187 -38.41 40.15 10.91
CA ALA E 187 -38.74 41.40 11.57
C ALA E 187 -39.39 42.38 10.62
N GLY E 188 -39.76 41.89 9.44
CA GLY E 188 -40.41 42.75 8.45
C GLY E 188 -39.59 43.87 7.80
N VAL E 189 -38.34 44.06 8.22
CA VAL E 189 -37.50 45.11 7.64
C VAL E 189 -37.20 44.82 6.17
N VAL E 190 -38.10 45.25 5.29
CA VAL E 190 -37.95 45.03 3.86
C VAL E 190 -38.46 46.26 3.11
N PRO E 191 -38.34 46.29 1.77
CA PRO E 191 -38.79 47.41 0.95
C PRO E 191 -40.20 47.90 1.26
N ASN E 192 -40.36 49.22 1.36
CA ASN E 192 -41.64 49.84 1.65
C ASN E 192 -42.10 49.35 3.02
N ALA E 193 -41.34 49.74 4.04
CA ALA E 193 -41.65 49.34 5.41
C ALA E 193 -41.26 50.46 6.37
N ARG E 194 -42.25 51.04 7.04
CA ARG E 194 -41.98 52.11 7.98
C ARG E 194 -41.35 51.52 9.23
N VAL E 195 -40.24 52.10 9.64
CA VAL E 195 -39.53 51.65 10.82
C VAL E 195 -38.65 52.82 11.27
N THR E 196 -38.11 52.74 12.49
CA THR E 196 -37.27 53.82 12.98
C THR E 196 -35.88 53.29 13.22
N VAL E 197 -34.89 54.18 13.07
CA VAL E 197 -33.50 53.82 13.23
C VAL E 197 -32.77 54.85 14.08
N GLU E 198 -31.86 54.36 14.92
CA GLU E 198 -31.08 55.24 15.80
C GLU E 198 -29.61 54.80 15.81
N THR E 199 -28.73 55.79 15.65
CA THR E 199 -27.30 55.57 15.63
C THR E 199 -26.76 55.07 16.96
N THR E 200 -26.10 53.91 16.92
CA THR E 200 -25.51 53.30 18.13
C THR E 200 -24.16 53.97 18.43
N PRO E 201 -23.59 53.72 19.62
CA PRO E 201 -22.31 54.33 19.95
C PRO E 201 -21.21 53.96 18.95
N GLY E 202 -21.12 52.67 18.65
CA GLY E 202 -20.10 52.19 17.73
C GLY E 202 -20.42 52.38 16.25
N GLY E 203 -20.81 53.61 15.89
CA GLY E 203 -21.13 53.90 14.49
C GLY E 203 -22.15 52.97 13.85
N GLY E 204 -22.69 52.06 14.65
CA GLY E 204 -23.68 51.12 14.17
C GLY E 204 -25.04 51.77 14.01
N VAL E 205 -26.08 50.96 13.96
CA VAL E 205 -27.43 51.46 13.80
C VAL E 205 -28.45 50.46 14.33
N THR E 206 -29.46 50.94 15.05
CA THR E 206 -30.48 50.08 15.63
C THR E 206 -31.84 50.33 14.98
N ILE E 207 -32.43 49.27 14.45
CA ILE E 207 -33.73 49.37 13.81
C ILE E 207 -34.82 48.90 14.77
N VAL E 208 -35.80 49.77 15.00
CA VAL E 208 -36.92 49.48 15.88
C VAL E 208 -38.16 49.18 15.05
N ILE E 209 -38.51 47.90 14.95
CA ILE E 209 -39.68 47.50 14.16
C ILE E 209 -40.90 47.36 15.04
N PRO E 210 -41.96 48.13 14.74
CA PRO E 210 -43.18 48.04 15.54
C PRO E 210 -43.77 46.64 15.46
N GLY E 211 -43.59 45.88 16.54
CA GLY E 211 -44.11 44.53 16.59
C GLY E 211 -43.08 43.44 16.79
N HIS E 212 -41.92 43.57 16.17
CA HIS E 212 -40.90 42.54 16.30
C HIS E 212 -39.67 43.00 17.08
N GLU E 213 -38.87 42.05 17.54
CA GLU E 213 -37.64 42.30 18.30
C GLU E 213 -36.81 43.35 17.60
N ASN E 214 -35.93 44.03 18.32
CA ASN E 214 -35.10 45.04 17.67
C ASN E 214 -34.01 44.33 16.88
N VAL E 215 -33.38 45.05 15.96
CA VAL E 215 -32.31 44.49 15.15
C VAL E 215 -31.24 45.55 14.93
N THR E 216 -30.01 45.23 15.33
CA THR E 216 -28.90 46.17 15.19
C THR E 216 -27.89 45.76 14.12
N LEU E 217 -27.52 46.71 13.27
CA LEU E 217 -26.57 46.45 12.19
C LEU E 217 -25.24 47.12 12.45
N PRO E 218 -24.13 46.41 12.18
CA PRO E 218 -22.81 46.99 12.39
C PRO E 218 -22.61 48.09 11.34
N HIS E 219 -21.68 49.01 11.58
CA HIS E 219 -21.43 50.09 10.63
C HIS E 219 -21.33 49.60 9.17
N GLU E 220 -20.61 48.51 8.94
CA GLU E 220 -20.46 47.96 7.59
C GLU E 220 -21.80 47.59 6.95
N MET E 221 -22.59 46.77 7.64
CA MET E 221 -23.88 46.36 7.11
C MET E 221 -24.74 47.57 6.87
N ALA E 222 -24.60 48.56 7.74
CA ALA E 222 -25.37 49.79 7.62
C ALA E 222 -25.08 50.50 6.29
N HIS E 223 -23.82 50.47 5.86
CA HIS E 223 -23.46 51.10 4.59
C HIS E 223 -24.29 50.52 3.45
N ALA E 224 -24.84 49.33 3.68
CA ALA E 224 -25.60 48.63 2.67
C ALA E 224 -27.11 48.72 2.74
N VAL E 225 -27.64 49.68 3.49
CA VAL E 225 -29.08 49.83 3.58
C VAL E 225 -29.47 51.27 3.24
N LYS E 226 -30.29 51.45 2.22
CA LYS E 226 -30.71 52.80 1.85
C LYS E 226 -32.16 53.00 2.30
N VAL E 227 -32.47 54.19 2.81
CA VAL E 227 -33.83 54.48 3.25
C VAL E 227 -34.26 55.87 2.80
N GLU E 228 -35.52 56.19 3.09
CA GLU E 228 -36.08 57.49 2.73
C GLU E 228 -36.65 58.13 4.00
N LYS E 229 -36.15 59.32 4.33
CA LYS E 229 -36.60 60.04 5.50
C LYS E 229 -38.08 60.36 5.34
N VAL E 230 -38.92 59.59 6.02
CA VAL E 230 -40.37 59.75 5.95
C VAL E 230 -41.04 59.29 7.23
N MET F 1 -14.44 31.77 -17.29
CA MET F 1 -14.72 30.85 -16.14
C MET F 1 -14.32 29.40 -16.46
N ASN F 2 -14.94 28.84 -17.50
CA ASN F 2 -14.70 27.46 -17.95
C ASN F 2 -15.72 27.11 -19.03
N GLU F 3 -15.24 26.60 -20.16
CA GLU F 3 -16.10 26.23 -21.27
C GLU F 3 -17.30 25.41 -20.80
N LEU F 4 -17.00 24.24 -20.22
CA LEU F 4 -18.01 23.31 -19.73
C LEU F 4 -18.73 23.74 -18.44
N VAL F 5 -18.16 24.72 -17.74
CA VAL F 5 -18.70 25.21 -16.47
C VAL F 5 -18.23 24.28 -15.34
N ASP F 6 -18.39 22.97 -15.55
CA ASP F 6 -17.98 21.94 -14.59
C ASP F 6 -17.54 20.71 -15.37
N THR F 7 -16.23 20.46 -15.42
CA THR F 7 -15.70 19.32 -16.17
C THR F 7 -16.29 17.96 -15.82
N THR F 8 -16.15 17.59 -14.54
CA THR F 8 -16.68 16.31 -14.04
C THR F 8 -18.13 16.06 -14.44
N GLU F 9 -19.01 16.97 -14.07
CA GLU F 9 -20.41 16.79 -14.44
C GLU F 9 -20.56 16.57 -15.95
N MET F 10 -19.94 17.40 -16.79
CA MET F 10 -20.08 17.19 -18.22
C MET F 10 -19.52 15.84 -18.66
N TYR F 11 -18.54 15.32 -17.94
CA TYR F 11 -18.03 14.00 -18.32
C TYR F 11 -19.10 13.00 -17.94
N LEU F 12 -19.62 13.11 -16.73
CA LEU F 12 -20.65 12.20 -16.28
C LEU F 12 -21.86 12.18 -17.21
N ARG F 13 -22.38 13.35 -17.54
CA ARG F 13 -23.56 13.41 -18.41
C ARG F 13 -23.27 12.89 -19.82
N THR F 14 -22.04 13.02 -20.28
CA THR F 14 -21.70 12.52 -21.62
C THR F 14 -21.73 11.00 -21.55
N ILE F 15 -21.27 10.44 -20.45
CA ILE F 15 -21.28 9.00 -20.25
C ILE F 15 -22.73 8.55 -20.38
N TYR F 16 -23.58 9.22 -19.61
CA TYR F 16 -25.01 8.94 -19.57
C TYR F 16 -25.64 9.07 -20.95
N ASP F 17 -25.37 10.18 -21.63
CA ASP F 17 -25.92 10.40 -22.97
C ASP F 17 -25.57 9.25 -23.90
N LEU F 18 -24.33 8.80 -23.86
CA LEU F 18 -23.92 7.72 -24.70
C LEU F 18 -24.72 6.45 -24.42
N GLU F 19 -25.02 6.18 -23.14
CA GLU F 19 -25.81 5.00 -22.77
C GLU F 19 -27.20 5.15 -23.36
N GLU F 20 -27.77 6.34 -23.20
CA GLU F 20 -29.10 6.66 -23.72
C GLU F 20 -29.15 6.45 -25.24
N GLU F 21 -28.04 6.72 -25.91
CA GLU F 21 -27.94 6.54 -27.36
C GLU F 21 -27.67 5.08 -27.73
N GLY F 22 -27.33 4.29 -26.73
CA GLY F 22 -27.04 2.89 -26.97
C GLY F 22 -25.67 2.66 -27.59
N VAL F 23 -24.73 3.58 -27.40
CA VAL F 23 -23.38 3.40 -27.93
C VAL F 23 -22.42 3.13 -26.77
N THR F 24 -21.32 2.43 -27.06
CA THR F 24 -20.37 2.08 -26.02
C THR F 24 -19.63 3.31 -25.51
N PRO F 25 -19.70 3.53 -24.19
CA PRO F 25 -19.06 4.66 -23.50
C PRO F 25 -17.55 4.58 -23.49
N LEU F 26 -16.90 4.98 -24.57
CA LEU F 26 -15.45 4.96 -24.62
C LEU F 26 -14.87 6.34 -24.35
N ARG F 27 -13.62 6.37 -23.91
CA ARG F 27 -13.01 7.65 -23.67
C ARG F 27 -12.92 8.44 -24.97
N ALA F 28 -12.67 7.74 -26.06
CA ALA F 28 -12.57 8.39 -27.36
C ALA F 28 -13.85 9.17 -27.65
N ARG F 29 -15.01 8.66 -27.24
CA ARG F 29 -16.27 9.36 -27.46
C ARG F 29 -16.24 10.73 -26.80
N ILE F 30 -15.98 10.73 -25.49
CA ILE F 30 -15.94 11.93 -24.70
C ILE F 30 -15.08 13.00 -25.36
N ALA F 31 -13.90 12.61 -25.82
CA ALA F 31 -12.99 13.55 -26.49
C ALA F 31 -13.65 14.20 -27.71
N GLU F 32 -14.28 13.39 -28.54
CA GLU F 32 -14.95 13.94 -29.73
C GLU F 32 -15.99 14.94 -29.31
N ARG F 33 -16.92 14.50 -28.46
CA ARG F 33 -18.04 15.32 -28.00
C ARG F 33 -17.73 16.57 -27.18
N LEU F 34 -16.69 16.53 -26.37
CA LEU F 34 -16.36 17.70 -25.56
C LEU F 34 -15.18 18.43 -26.21
N ASP F 35 -14.72 17.91 -27.33
CA ASP F 35 -13.63 18.51 -28.07
C ASP F 35 -12.39 18.75 -27.22
N GLN F 36 -11.88 17.69 -26.60
CA GLN F 36 -10.66 17.80 -25.80
C GLN F 36 -9.72 16.70 -26.29
N SER F 37 -8.42 16.86 -26.07
CA SER F 37 -7.48 15.86 -26.55
C SER F 37 -7.56 14.53 -25.78
N GLY F 38 -7.07 13.47 -26.42
CA GLY F 38 -7.08 12.14 -25.82
C GLY F 38 -6.46 12.13 -24.45
N PRO F 39 -5.22 12.63 -24.32
CA PRO F 39 -4.54 12.67 -23.04
C PRO F 39 -5.40 13.37 -21.99
N THR F 40 -6.10 14.44 -22.40
CA THR F 40 -6.93 15.17 -21.46
C THR F 40 -8.05 14.30 -20.91
N VAL F 41 -8.87 13.72 -21.78
CA VAL F 41 -9.98 12.90 -21.29
C VAL F 41 -9.49 11.73 -20.44
N SER F 42 -8.32 11.21 -20.74
CA SER F 42 -7.76 10.11 -19.96
C SER F 42 -7.40 10.59 -18.55
N GLN F 43 -6.54 11.60 -18.47
CA GLN F 43 -6.14 12.14 -17.19
C GLN F 43 -7.37 12.56 -16.36
N THR F 44 -8.37 13.14 -17.04
CA THR F 44 -9.58 13.57 -16.35
C THR F 44 -10.37 12.38 -15.81
N VAL F 45 -10.49 11.35 -16.62
CA VAL F 45 -11.20 10.17 -16.18
C VAL F 45 -10.53 9.66 -14.91
N SER F 46 -9.20 9.54 -14.94
CA SER F 46 -8.47 9.08 -13.77
C SER F 46 -8.97 9.81 -12.54
N ARG F 47 -8.78 11.12 -12.50
CA ARG F 47 -9.25 11.88 -11.35
C ARG F 47 -10.63 11.39 -10.96
N MET F 48 -11.48 11.16 -11.94
CA MET F 48 -12.84 10.72 -11.67
C MET F 48 -12.89 9.30 -11.09
N GLU F 49 -12.04 8.42 -11.62
CA GLU F 49 -11.98 7.03 -11.14
C GLU F 49 -11.44 7.09 -9.73
N ARG F 50 -10.34 7.82 -9.56
CA ARG F 50 -9.71 8.00 -8.27
C ARG F 50 -10.72 8.54 -7.25
N ASP F 51 -11.80 9.13 -7.72
CA ASP F 51 -12.79 9.68 -6.79
C ASP F 51 -14.04 8.82 -6.77
N GLY F 52 -13.91 7.61 -7.30
CA GLY F 52 -15.02 6.68 -7.32
C GLY F 52 -16.30 7.18 -7.95
N LEU F 53 -16.19 7.68 -9.18
CA LEU F 53 -17.36 8.18 -9.91
C LEU F 53 -17.61 7.28 -11.11
N LEU F 54 -16.57 6.57 -11.49
CA LEU F 54 -16.63 5.65 -12.62
C LEU F 54 -15.43 4.72 -12.61
N ARG F 55 -15.48 3.67 -13.43
CA ARG F 55 -14.40 2.69 -13.53
C ARG F 55 -14.17 2.38 -14.99
N VAL F 56 -12.93 2.12 -15.35
CA VAL F 56 -12.62 1.76 -16.72
C VAL F 56 -12.56 0.23 -16.70
N ALA F 57 -13.54 -0.41 -17.33
CA ALA F 57 -13.61 -1.87 -17.37
C ALA F 57 -12.48 -2.53 -18.14
N GLY F 58 -12.60 -3.85 -18.33
CA GLY F 58 -11.57 -4.58 -19.06
C GLY F 58 -11.47 -4.21 -20.52
N ASP F 59 -12.62 -4.14 -21.20
CA ASP F 59 -12.64 -3.79 -22.62
C ASP F 59 -12.41 -2.30 -22.83
N ARG F 60 -12.25 -1.58 -21.72
CA ARG F 60 -11.98 -0.15 -21.73
C ARG F 60 -13.20 0.76 -21.82
N HIS F 61 -14.39 0.18 -21.65
CA HIS F 61 -15.59 1.01 -21.70
C HIS F 61 -15.79 1.63 -20.32
N LEU F 62 -16.39 2.82 -20.28
CA LEU F 62 -16.61 3.52 -19.02
C LEU F 62 -17.86 3.07 -18.29
N GLU F 63 -17.72 2.72 -17.03
CA GLU F 63 -18.82 2.23 -16.20
C GLU F 63 -19.06 3.20 -15.04
N LEU F 64 -20.26 3.77 -14.94
CA LEU F 64 -20.55 4.71 -13.85
C LEU F 64 -20.81 3.98 -12.54
N THR F 65 -20.12 4.40 -11.47
CA THR F 65 -20.31 3.76 -10.16
C THR F 65 -21.63 4.16 -9.51
N GLU F 66 -21.95 3.52 -8.40
CA GLU F 66 -23.19 3.82 -7.67
C GLU F 66 -23.35 5.32 -7.55
N LYS F 67 -22.30 5.95 -7.03
CA LYS F 67 -22.21 7.40 -6.79
C LYS F 67 -22.27 8.20 -8.09
N GLY F 68 -21.36 7.88 -9.01
CA GLY F 68 -21.30 8.57 -10.29
C GLY F 68 -22.61 8.65 -11.03
N ARG F 69 -23.37 7.57 -11.01
CA ARG F 69 -24.65 7.54 -11.71
C ARG F 69 -25.65 8.44 -11.04
N ALA F 70 -25.68 8.42 -9.71
CA ALA F 70 -26.62 9.23 -8.95
C ALA F 70 -26.50 10.69 -9.35
N LEU F 71 -25.26 11.15 -9.47
CA LEU F 71 -24.95 12.53 -9.83
C LEU F 71 -25.32 12.81 -11.28
N ALA F 72 -24.91 11.90 -12.17
CA ALA F 72 -25.18 12.01 -13.59
C ALA F 72 -26.66 12.23 -13.84
N ILE F 73 -27.47 11.52 -13.06
CA ILE F 73 -28.91 11.64 -13.18
C ILE F 73 -29.27 13.03 -12.73
N ALA F 74 -28.78 13.39 -11.55
CA ALA F 74 -29.04 14.71 -10.97
C ALA F 74 -28.86 15.82 -11.99
N VAL F 75 -27.72 15.82 -12.68
CA VAL F 75 -27.43 16.82 -13.68
C VAL F 75 -28.43 16.77 -14.81
N MET F 76 -28.67 15.57 -15.34
CA MET F 76 -29.61 15.37 -16.45
C MET F 76 -31.02 15.87 -16.11
N ARG F 77 -31.39 15.67 -14.85
CA ARG F 77 -32.68 16.08 -14.36
C ARG F 77 -32.79 17.60 -14.46
N LYS F 78 -31.83 18.31 -13.85
CA LYS F 78 -31.81 19.78 -13.88
C LYS F 78 -31.81 20.25 -15.31
N HIS F 79 -30.95 19.65 -16.12
CA HIS F 79 -30.84 20.03 -17.51
C HIS F 79 -32.21 20.09 -18.18
N ARG F 80 -32.95 19.00 -18.10
CA ARG F 80 -34.28 18.93 -18.73
C ARG F 80 -35.36 19.77 -18.07
N LEU F 81 -35.31 19.92 -16.76
CA LEU F 81 -36.28 20.76 -16.10
C LEU F 81 -36.05 22.18 -16.61
N ALA F 82 -34.79 22.53 -16.83
CA ALA F 82 -34.41 23.86 -17.32
C ALA F 82 -34.92 24.11 -18.73
N GLU F 83 -34.69 23.16 -19.62
CA GLU F 83 -35.17 23.28 -21.00
C GLU F 83 -36.69 23.54 -20.95
N ARG F 84 -37.38 22.87 -20.03
CA ARG F 84 -38.83 23.03 -19.86
C ARG F 84 -39.10 24.49 -19.54
N LEU F 85 -38.56 24.94 -18.42
CA LEU F 85 -38.73 26.31 -17.99
C LEU F 85 -38.38 27.34 -19.07
N LEU F 86 -37.31 27.08 -19.83
CA LEU F 86 -36.89 28.00 -20.89
C LEU F 86 -37.90 28.12 -22.02
N VAL F 87 -38.42 26.99 -22.47
CA VAL F 87 -39.39 26.95 -23.56
C VAL F 87 -40.79 27.41 -23.16
N ASP F 88 -41.30 26.82 -22.09
CA ASP F 88 -42.64 27.14 -21.61
C ASP F 88 -42.83 28.52 -21.00
N VAL F 89 -42.07 28.83 -19.95
CA VAL F 89 -42.18 30.12 -19.26
C VAL F 89 -41.36 31.26 -19.84
N ILE F 90 -40.04 31.14 -19.77
CA ILE F 90 -39.14 32.15 -20.31
C ILE F 90 -39.47 32.49 -21.77
N GLY F 91 -39.91 31.50 -22.52
CA GLY F 91 -40.24 31.72 -23.92
C GLY F 91 -39.06 31.76 -24.87
N LEU F 92 -37.98 31.08 -24.51
CA LEU F 92 -36.80 31.08 -25.36
C LEU F 92 -37.02 30.11 -26.53
N PRO F 93 -36.60 30.51 -27.74
CA PRO F 93 -36.77 29.64 -28.91
C PRO F 93 -36.24 28.22 -28.69
N TRP F 94 -36.94 27.26 -29.28
CA TRP F 94 -36.63 25.84 -29.19
C TRP F 94 -35.16 25.47 -29.44
N GLU F 95 -34.68 25.75 -30.65
CA GLU F 95 -33.30 25.41 -31.01
C GLU F 95 -32.23 26.20 -30.27
N GLU F 96 -32.57 26.73 -29.10
CA GLU F 96 -31.62 27.49 -28.31
C GLU F 96 -31.59 27.10 -26.84
N VAL F 97 -32.67 26.49 -26.35
CA VAL F 97 -32.76 26.07 -24.94
C VAL F 97 -31.77 25.01 -24.53
N HIS F 98 -31.43 24.11 -25.44
CA HIS F 98 -30.48 23.08 -25.08
C HIS F 98 -29.12 23.65 -24.64
N ALA F 99 -28.55 24.53 -25.46
CA ALA F 99 -27.25 25.15 -25.16
C ALA F 99 -27.30 26.01 -23.92
N GLU F 100 -28.47 26.58 -23.64
CA GLU F 100 -28.63 27.43 -22.47
C GLU F 100 -28.67 26.51 -21.25
N ALA F 101 -29.48 25.45 -21.37
CA ALA F 101 -29.62 24.51 -20.27
C ALA F 101 -28.35 23.73 -20.00
N CYS F 102 -27.51 23.56 -21.02
CA CYS F 102 -26.25 22.81 -20.86
C CYS F 102 -25.32 23.55 -19.90
N ARG F 103 -25.68 24.80 -19.59
CA ARG F 103 -24.92 25.62 -18.65
C ARG F 103 -25.65 25.71 -17.33
N TRP F 104 -26.95 25.92 -17.39
CA TRP F 104 -27.75 26.02 -16.17
C TRP F 104 -27.70 24.74 -15.35
N GLU F 105 -27.60 23.62 -16.06
CA GLU F 105 -27.58 22.31 -15.42
C GLU F 105 -26.48 22.21 -14.38
N HIS F 106 -25.55 23.14 -14.40
CA HIS F 106 -24.45 23.07 -13.46
C HIS F 106 -24.56 24.07 -12.33
N VAL F 107 -25.71 24.73 -12.21
CA VAL F 107 -25.88 25.69 -11.13
C VAL F 107 -27.24 25.66 -10.45
N MET F 108 -28.20 24.96 -11.03
CA MET F 108 -29.53 24.87 -10.45
C MET F 108 -29.50 24.12 -9.12
N SER F 109 -30.06 24.74 -8.10
CA SER F 109 -30.09 24.13 -6.78
C SER F 109 -31.15 23.04 -6.83
N GLU F 110 -31.12 22.13 -5.86
CA GLU F 110 -32.12 21.05 -5.81
C GLU F 110 -33.47 21.65 -5.40
N ASP F 111 -33.43 22.78 -4.70
CA ASP F 111 -34.65 23.46 -4.29
C ASP F 111 -35.35 24.02 -5.52
N VAL F 112 -34.66 24.84 -6.30
CA VAL F 112 -35.24 25.41 -7.50
C VAL F 112 -35.81 24.29 -8.36
N GLU F 113 -35.20 23.12 -8.29
CA GLU F 113 -35.72 22.01 -9.07
C GLU F 113 -37.14 21.76 -8.61
N ARG F 114 -37.28 21.29 -7.37
CA ARG F 114 -38.58 21.00 -6.81
C ARG F 114 -39.58 22.05 -7.22
N ARG F 115 -39.32 23.31 -6.90
CA ARG F 115 -40.25 24.39 -7.27
C ARG F 115 -40.56 24.46 -8.76
N LEU F 116 -39.61 24.06 -9.59
CA LEU F 116 -39.86 24.09 -11.02
C LEU F 116 -40.84 22.99 -11.39
N VAL F 117 -40.79 21.91 -10.62
CA VAL F 117 -41.68 20.78 -10.82
C VAL F 117 -43.11 21.25 -10.63
N LYS F 118 -43.35 21.97 -9.53
CA LYS F 118 -44.68 22.49 -9.25
C LYS F 118 -45.14 23.57 -10.23
N VAL F 119 -44.21 24.38 -10.73
CA VAL F 119 -44.54 25.45 -11.66
C VAL F 119 -44.82 24.97 -13.08
N LEU F 120 -44.35 23.77 -13.41
CA LEU F 120 -44.58 23.25 -14.75
C LEU F 120 -45.59 22.11 -14.73
N ASN F 121 -46.18 21.89 -13.56
CA ASN F 121 -47.19 20.86 -13.37
C ASN F 121 -46.65 19.44 -13.49
N ASN F 122 -45.69 19.11 -12.64
CA ASN F 122 -45.08 17.78 -12.63
C ASN F 122 -44.75 17.24 -14.01
N PRO F 123 -44.00 18.02 -14.82
CA PRO F 123 -43.65 17.54 -16.16
C PRO F 123 -42.93 16.21 -16.07
N THR F 124 -42.86 15.48 -17.18
CA THR F 124 -42.19 14.19 -17.19
C THR F 124 -41.22 14.03 -18.36
N THR F 125 -41.16 15.04 -19.21
CA THR F 125 -40.27 15.00 -20.36
C THR F 125 -39.76 16.39 -20.69
N SER F 126 -38.85 16.44 -21.64
CA SER F 126 -38.27 17.70 -22.08
C SER F 126 -38.96 18.13 -23.37
N PRO F 127 -38.69 19.36 -23.83
CA PRO F 127 -39.29 19.86 -25.06
C PRO F 127 -38.84 19.03 -26.24
N PHE F 128 -38.00 18.03 -25.97
CA PHE F 128 -37.50 17.13 -27.00
C PHE F 128 -37.96 15.67 -26.82
N GLY F 129 -38.79 15.46 -25.81
CA GLY F 129 -39.34 14.13 -25.56
C GLY F 129 -38.62 13.20 -24.62
N ASN F 130 -37.42 13.56 -24.19
CA ASN F 130 -36.70 12.66 -23.30
C ASN F 130 -37.25 12.79 -21.89
N PRO F 131 -37.39 11.66 -21.19
CA PRO F 131 -37.91 11.65 -19.83
C PRO F 131 -36.97 12.32 -18.82
N ILE F 132 -37.56 12.87 -17.77
CA ILE F 132 -36.80 13.52 -16.72
C ILE F 132 -36.48 12.48 -15.64
N PRO F 133 -35.22 12.04 -15.60
CA PRO F 133 -34.74 11.04 -14.63
C PRO F 133 -34.73 11.53 -13.20
N GLY F 134 -34.41 10.61 -12.30
CA GLY F 134 -34.34 10.89 -10.88
C GLY F 134 -35.41 11.78 -10.27
N LEU F 135 -36.62 11.72 -10.80
CA LEU F 135 -37.66 12.57 -10.28
C LEU F 135 -38.11 12.22 -8.87
N ASP F 136 -38.05 10.94 -8.51
CA ASP F 136 -38.47 10.52 -7.18
C ASP F 136 -37.44 10.78 -6.11
N GLU F 137 -36.17 10.51 -6.39
CA GLU F 137 -35.15 10.76 -5.39
C GLU F 137 -35.06 12.26 -5.16
N LEU F 138 -35.79 13.01 -5.99
CA LEU F 138 -35.85 14.45 -5.85
C LEU F 138 -36.93 14.70 -4.80
N GLY F 139 -38.06 14.01 -4.96
CA GLY F 139 -39.17 14.15 -4.03
C GLY F 139 -40.52 14.34 -4.69
N VAL F 140 -40.83 13.49 -5.68
CA VAL F 140 -42.11 13.55 -6.39
C VAL F 140 -42.27 12.32 -7.32
N GLY F 141 -42.66 12.57 -8.56
CA GLY F 141 -42.83 11.50 -9.54
C GLY F 141 -43.94 10.53 -9.25
N LEU F 151 -41.33 1.16 -28.95
CA LEU F 151 -40.41 2.29 -29.08
C LEU F 151 -39.01 1.84 -29.53
N VAL F 152 -38.60 2.29 -30.70
CA VAL F 152 -37.29 1.90 -31.23
C VAL F 152 -36.38 3.07 -31.54
N ARG F 153 -35.15 2.75 -31.92
CA ARG F 153 -34.14 3.73 -32.25
C ARG F 153 -33.90 3.64 -33.75
N LEU F 154 -33.86 4.76 -34.47
CA LEU F 154 -33.67 4.74 -35.92
C LEU F 154 -32.61 3.78 -36.45
N THR F 155 -31.65 3.41 -35.60
CA THR F 155 -30.61 2.49 -36.02
C THR F 155 -31.17 1.07 -36.01
N GLU F 156 -32.09 0.82 -35.07
CA GLU F 156 -32.73 -0.48 -34.91
C GLU F 156 -33.90 -0.67 -35.89
N LEU F 157 -33.83 -0.01 -37.03
CA LEU F 157 -34.90 -0.13 -38.02
C LEU F 157 -34.38 -0.86 -39.26
N PRO F 158 -35.04 -1.97 -39.62
CA PRO F 158 -34.66 -2.78 -40.78
C PRO F 158 -34.67 -1.98 -42.09
N ALA F 159 -33.72 -2.30 -42.97
CA ALA F 159 -33.61 -1.60 -44.25
C ALA F 159 -34.61 -2.15 -45.24
N GLY F 160 -34.55 -1.64 -46.47
CA GLY F 160 -35.46 -2.09 -47.50
C GLY F 160 -36.49 -1.06 -47.87
N SER F 161 -37.74 -1.31 -47.48
CA SER F 161 -38.82 -0.39 -47.79
C SER F 161 -39.05 0.59 -46.65
N PRO F 162 -39.35 1.87 -46.97
CA PRO F 162 -39.60 2.90 -45.96
C PRO F 162 -40.56 2.43 -44.87
N VAL F 163 -40.68 3.24 -43.82
CA VAL F 163 -41.57 2.90 -42.71
C VAL F 163 -42.18 4.16 -42.10
N ALA F 164 -43.46 4.08 -41.77
CA ALA F 164 -44.16 5.21 -41.17
C ALA F 164 -43.99 5.06 -39.68
N VAL F 165 -43.51 6.13 -39.07
CA VAL F 165 -43.27 6.15 -37.64
C VAL F 165 -43.59 7.54 -37.12
N VAL F 166 -43.59 7.69 -35.81
CA VAL F 166 -43.87 8.98 -35.21
C VAL F 166 -42.73 9.36 -34.26
N VAL F 167 -42.03 10.44 -34.57
CA VAL F 167 -40.91 10.93 -33.78
C VAL F 167 -41.30 11.08 -32.33
N ARG F 168 -40.58 10.37 -31.44
CA ARG F 168 -40.84 10.40 -30.00
C ARG F 168 -39.75 11.10 -29.17
N GLN F 169 -38.49 10.92 -29.57
CA GLN F 169 -37.38 11.53 -28.84
C GLN F 169 -36.21 12.05 -29.69
N LEU F 170 -35.61 13.13 -29.22
CA LEU F 170 -34.44 13.71 -29.86
C LEU F 170 -33.43 13.93 -28.75
N THR F 171 -32.67 12.88 -28.42
CA THR F 171 -31.69 12.94 -27.37
C THR F 171 -30.64 14.02 -27.53
N GLU F 172 -30.14 14.50 -26.40
CA GLU F 172 -29.16 15.57 -26.34
C GLU F 172 -28.12 15.64 -27.44
N HIS F 173 -27.63 14.48 -27.89
CA HIS F 173 -26.61 14.49 -28.93
C HIS F 173 -27.08 15.22 -30.18
N VAL F 174 -28.31 14.98 -30.61
CA VAL F 174 -28.80 15.65 -31.79
C VAL F 174 -29.00 17.12 -31.46
N GLN F 175 -29.44 17.38 -30.23
CA GLN F 175 -29.66 18.75 -29.76
C GLN F 175 -28.35 19.53 -29.89
N GLY F 176 -27.24 18.80 -29.89
CA GLY F 176 -25.93 19.41 -30.00
C GLY F 176 -25.69 20.12 -31.30
N ASP F 177 -25.85 19.41 -32.41
CA ASP F 177 -25.66 20.02 -33.73
C ASP F 177 -26.81 20.98 -33.96
N ILE F 178 -26.57 22.25 -33.66
CA ILE F 178 -27.59 23.28 -33.80
C ILE F 178 -28.08 23.46 -35.23
N ASP F 179 -27.17 23.36 -36.20
CA ASP F 179 -27.54 23.50 -37.58
C ASP F 179 -28.59 22.45 -37.92
N LEU F 180 -28.40 21.24 -37.42
CA LEU F 180 -29.33 20.13 -37.67
C LEU F 180 -30.63 20.24 -36.88
N ILE F 181 -30.53 20.50 -35.58
CA ILE F 181 -31.73 20.61 -34.75
C ILE F 181 -32.61 21.73 -35.32
N THR F 182 -31.99 22.62 -36.10
CA THR F 182 -32.71 23.72 -36.71
C THR F 182 -33.44 23.20 -37.94
N ARG F 183 -32.71 22.51 -38.81
CA ARG F 183 -33.32 21.95 -40.01
C ARG F 183 -34.49 21.06 -39.65
N LEU F 184 -34.32 20.25 -38.62
CA LEU F 184 -35.37 19.33 -38.16
C LEU F 184 -36.64 20.08 -37.77
N LYS F 185 -36.48 21.25 -37.15
CA LYS F 185 -37.63 22.05 -36.75
C LYS F 185 -38.32 22.57 -37.99
N ASP F 186 -37.52 23.11 -38.92
CA ASP F 186 -38.06 23.63 -40.16
C ASP F 186 -38.82 22.58 -40.95
N ALA F 187 -38.32 21.35 -40.93
CA ALA F 187 -38.98 20.28 -41.64
C ALA F 187 -40.00 19.57 -40.76
N GLY F 188 -40.31 20.18 -39.62
CA GLY F 188 -41.28 19.62 -38.70
C GLY F 188 -40.95 18.32 -37.97
N VAL F 189 -39.77 17.76 -38.22
CA VAL F 189 -39.39 16.52 -37.56
C VAL F 189 -39.24 16.74 -36.07
N VAL F 190 -40.34 16.63 -35.34
CA VAL F 190 -40.32 16.83 -33.90
C VAL F 190 -41.28 15.88 -33.22
N PRO F 191 -41.30 15.85 -31.88
CA PRO F 191 -42.20 14.97 -31.13
C PRO F 191 -43.63 14.97 -31.62
N ASN F 192 -44.21 13.78 -31.71
CA ASN F 192 -45.58 13.61 -32.18
C ASN F 192 -45.69 14.17 -33.59
N ALA F 193 -44.96 13.55 -34.51
CA ALA F 193 -44.96 13.96 -35.91
C ALA F 193 -44.82 12.74 -36.80
N ARG F 194 -45.87 12.42 -37.55
CA ARG F 194 -45.79 11.27 -38.44
C ARG F 194 -44.83 11.60 -39.56
N VAL F 195 -43.97 10.64 -39.89
CA VAL F 195 -43.02 10.82 -40.96
C VAL F 195 -42.51 9.43 -41.33
N THR F 196 -41.90 9.30 -42.50
CA THR F 196 -41.39 8.00 -42.90
C THR F 196 -39.88 8.01 -42.97
N VAL F 197 -39.27 6.88 -42.65
CA VAL F 197 -37.82 6.77 -42.65
C VAL F 197 -37.36 5.53 -43.40
N GLU F 198 -36.25 5.65 -44.12
CA GLU F 198 -35.69 4.54 -44.87
C GLU F 198 -34.19 4.48 -44.69
N THR F 199 -33.68 3.27 -44.43
CA THR F 199 -32.24 3.05 -44.21
C THR F 199 -31.38 3.29 -45.45
N THR F 200 -30.44 4.23 -45.34
CA THR F 200 -29.56 4.54 -46.45
C THR F 200 -28.47 3.48 -46.58
N PRO F 201 -27.70 3.50 -47.68
CA PRO F 201 -26.64 2.51 -47.87
C PRO F 201 -25.59 2.55 -46.76
N GLY F 202 -25.11 3.76 -46.45
CA GLY F 202 -24.10 3.91 -45.42
C GLY F 202 -24.65 3.92 -44.00
N GLY F 203 -25.34 2.85 -43.62
CA GLY F 203 -25.89 2.76 -42.27
C GLY F 203 -26.65 3.97 -41.79
N GLY F 204 -26.85 4.94 -42.67
CA GLY F 204 -27.57 6.15 -42.33
C GLY F 204 -29.08 5.96 -42.35
N VAL F 205 -29.81 7.07 -42.35
CA VAL F 205 -31.28 7.04 -42.36
C VAL F 205 -31.81 8.30 -43.04
N THR F 206 -32.83 8.12 -43.88
CA THR F 206 -33.44 9.24 -44.58
C THR F 206 -34.87 9.46 -44.12
N ILE F 207 -35.16 10.68 -43.68
CA ILE F 207 -36.49 11.03 -43.20
C ILE F 207 -37.29 11.79 -44.27
N VAL F 208 -38.44 11.25 -44.62
CA VAL F 208 -39.31 11.85 -45.62
C VAL F 208 -40.47 12.55 -44.92
N ILE F 209 -40.44 13.87 -44.92
CA ILE F 209 -41.49 14.65 -44.28
C ILE F 209 -42.49 15.14 -45.32
N PRO F 210 -43.77 14.73 -45.17
CA PRO F 210 -44.78 15.18 -46.13
C PRO F 210 -44.92 16.69 -46.14
N GLY F 211 -44.36 17.33 -47.16
CA GLY F 211 -44.45 18.78 -47.26
C GLY F 211 -43.13 19.52 -47.32
N HIS F 212 -42.12 19.01 -46.61
CA HIS F 212 -40.82 19.66 -46.59
C HIS F 212 -39.73 18.80 -47.22
N GLU F 213 -38.64 19.44 -47.62
CA GLU F 213 -37.49 18.75 -48.21
C GLU F 213 -37.14 17.52 -47.39
N ASN F 214 -36.39 16.59 -47.95
CA ASN F 214 -36.02 15.41 -47.18
C ASN F 214 -34.85 15.77 -46.27
N VAL F 215 -34.61 14.94 -45.27
CA VAL F 215 -33.53 15.18 -44.34
C VAL F 215 -32.85 13.85 -44.00
N THR F 216 -31.54 13.77 -44.27
CA THR F 216 -30.80 12.54 -44.00
C THR F 216 -29.89 12.68 -42.79
N LEU F 217 -29.91 11.66 -41.94
CA LEU F 217 -29.11 11.63 -40.72
C LEU F 217 -28.02 10.57 -40.80
N PRO F 218 -26.78 10.91 -40.39
CA PRO F 218 -25.70 9.92 -40.43
C PRO F 218 -25.97 8.86 -39.36
N HIS F 219 -25.33 7.71 -39.49
CA HIS F 219 -25.52 6.63 -38.51
C HIS F 219 -25.46 7.11 -37.06
N GLU F 220 -24.47 7.96 -36.75
CA GLU F 220 -24.30 8.48 -35.40
C GLU F 220 -25.51 9.28 -34.93
N MET F 221 -25.93 10.24 -35.73
CA MET F 221 -27.08 11.06 -35.39
C MET F 221 -28.32 10.18 -35.26
N ALA F 222 -28.42 9.16 -36.11
CA ALA F 222 -29.54 8.23 -36.06
C ALA F 222 -29.63 7.53 -34.70
N HIS F 223 -28.50 7.14 -34.15
CA HIS F 223 -28.47 6.49 -32.85
C HIS F 223 -29.15 7.38 -31.81
N ALA F 224 -29.31 8.65 -32.13
CA ALA F 224 -29.91 9.57 -31.18
C ALA F 224 -31.36 9.99 -31.44
N VAL F 225 -32.09 9.19 -32.22
CA VAL F 225 -33.49 9.51 -32.51
C VAL F 225 -34.36 8.29 -32.21
N LYS F 226 -35.32 8.43 -31.30
CA LYS F 226 -36.22 7.33 -30.96
C LYS F 226 -37.59 7.56 -31.58
N VAL F 227 -38.17 6.53 -32.20
CA VAL F 227 -39.48 6.64 -32.82
C VAL F 227 -40.39 5.48 -32.44
N GLU F 228 -41.66 5.59 -32.82
CA GLU F 228 -42.65 4.56 -32.54
C GLU F 228 -43.22 4.05 -33.86
N LYS F 229 -43.09 2.74 -34.09
CA LYS F 229 -43.60 2.13 -35.31
C LYS F 229 -45.10 2.32 -35.32
N VAL F 230 -45.55 3.25 -36.16
CA VAL F 230 -46.97 3.56 -36.27
C VAL F 230 -47.25 4.18 -37.62
N MET G 1 11.32 25.20 9.02
CA MET G 1 12.13 26.21 8.27
C MET G 1 11.90 26.12 6.76
N ASN G 2 12.24 24.96 6.19
CA ASN G 2 12.10 24.69 4.75
C ASN G 2 12.75 23.35 4.45
N GLU G 3 12.03 22.47 3.78
CA GLU G 3 12.53 21.14 3.41
C GLU G 3 13.95 21.19 2.81
N LEU G 4 14.07 21.93 1.71
CA LEU G 4 15.32 22.11 0.98
C LEU G 4 16.29 23.07 1.66
N VAL G 5 15.79 23.87 2.59
CA VAL G 5 16.59 24.87 3.30
C VAL G 5 16.71 26.09 2.40
N ASP G 6 17.14 25.87 1.15
CA ASP G 6 17.25 26.94 0.17
C ASP G 6 16.83 26.42 -1.23
N THR G 7 15.60 26.73 -1.62
CA THR G 7 15.07 26.29 -2.90
C THR G 7 16.03 26.57 -4.06
N THR G 8 16.29 27.85 -4.33
CA THR G 8 17.19 28.23 -5.42
C THR G 8 18.46 27.39 -5.53
N GLU G 9 19.23 27.32 -4.43
CA GLU G 9 20.46 26.55 -4.43
C GLU G 9 20.17 25.11 -4.79
N MET G 10 19.22 24.49 -4.15
CA MET G 10 18.96 23.11 -4.51
C MET G 10 18.63 22.98 -5.99
N TYR G 11 17.83 23.90 -6.54
CA TYR G 11 17.51 23.80 -7.97
C TYR G 11 18.79 23.90 -8.78
N LEU G 12 19.65 24.86 -8.46
CA LEU G 12 20.91 25.02 -9.17
C LEU G 12 21.72 23.74 -9.13
N ARG G 13 21.90 23.19 -7.93
CA ARG G 13 22.68 21.97 -7.76
C ARG G 13 22.04 20.80 -8.49
N THR G 14 20.72 20.80 -8.62
CA THR G 14 20.08 19.70 -9.31
C THR G 14 20.40 19.81 -10.79
N ILE G 15 20.49 21.04 -11.29
CA ILE G 15 20.83 21.25 -12.70
C ILE G 15 22.23 20.68 -12.93
N TYR G 16 23.12 21.04 -12.02
CA TYR G 16 24.51 20.60 -12.06
C TYR G 16 24.57 19.08 -12.03
N ASP G 17 23.94 18.47 -11.02
CA ASP G 17 23.91 17.02 -10.87
C ASP G 17 23.49 16.33 -12.15
N LEU G 18 22.45 16.86 -12.79
CA LEU G 18 21.97 16.27 -14.04
C LEU G 18 23.06 16.32 -15.11
N GLU G 19 23.77 17.44 -15.20
CA GLU G 19 24.84 17.56 -16.20
C GLU G 19 25.92 16.54 -15.89
N GLU G 20 26.25 16.42 -14.61
CA GLU G 20 27.26 15.49 -14.16
C GLU G 20 26.87 14.04 -14.50
N GLU G 21 25.57 13.75 -14.53
CA GLU G 21 25.09 12.39 -14.85
C GLU G 21 24.99 12.20 -16.36
N GLY G 22 25.11 13.31 -17.10
CA GLY G 22 25.00 13.27 -18.55
C GLY G 22 23.57 13.16 -19.07
N VAL G 23 22.59 13.66 -18.31
CA VAL G 23 21.20 13.61 -18.75
C VAL G 23 20.74 15.04 -19.03
N THR G 24 19.79 15.21 -19.93
CA THR G 24 19.31 16.53 -20.27
C THR G 24 18.55 17.19 -19.11
N PRO G 25 18.99 18.40 -18.71
CA PRO G 25 18.41 19.21 -17.63
C PRO G 25 17.02 19.75 -17.94
N LEU G 26 16.00 18.95 -17.67
CA LEU G 26 14.65 19.41 -17.92
C LEU G 26 13.96 19.76 -16.62
N ARG G 27 12.92 20.57 -16.68
CA ARG G 27 12.20 20.93 -15.47
C ARG G 27 11.57 19.67 -14.89
N ALA G 28 11.06 18.82 -15.77
CA ALA G 28 10.43 17.59 -15.32
C ALA G 28 11.35 16.82 -14.40
N ARG G 29 12.66 16.86 -14.69
CA ARG G 29 13.65 16.16 -13.87
C ARG G 29 13.63 16.74 -12.44
N ILE G 30 13.82 18.05 -12.35
CA ILE G 30 13.84 18.74 -11.07
C ILE G 30 12.61 18.34 -10.24
N ALA G 31 11.46 18.38 -10.87
CA ALA G 31 10.22 18.05 -10.18
C ALA G 31 10.30 16.68 -9.54
N GLU G 32 10.80 15.70 -10.29
CA GLU G 32 10.91 14.34 -9.77
C GLU G 32 11.84 14.31 -8.56
N ARG G 33 13.05 14.79 -8.77
CA ARG G 33 14.05 14.77 -7.75
C ARG G 33 13.76 15.58 -6.50
N LEU G 34 13.17 16.75 -6.62
CA LEU G 34 12.87 17.54 -5.43
C LEU G 34 11.43 17.34 -4.95
N ASP G 35 10.75 16.36 -5.54
CA ASP G 35 9.37 16.05 -5.18
C ASP G 35 8.44 17.27 -5.08
N GLN G 36 8.37 18.06 -6.15
CA GLN G 36 7.50 19.23 -6.22
C GLN G 36 6.70 19.10 -7.51
N SER G 37 5.53 19.74 -7.55
CA SER G 37 4.64 19.70 -8.72
C SER G 37 5.21 20.39 -9.94
N GLY G 38 4.65 20.07 -11.10
CA GLY G 38 5.11 20.66 -12.34
C GLY G 38 5.08 22.18 -12.29
N PRO G 39 3.92 22.75 -11.95
CA PRO G 39 3.71 24.20 -11.85
C PRO G 39 4.72 24.85 -10.90
N THR G 40 4.99 24.19 -9.78
CA THR G 40 5.92 24.72 -8.80
C THR G 40 7.29 24.91 -9.41
N VAL G 41 7.87 23.86 -9.94
CA VAL G 41 9.21 23.99 -10.52
C VAL G 41 9.23 25.05 -11.62
N SER G 42 8.15 25.13 -12.41
CA SER G 42 8.11 26.11 -13.49
C SER G 42 8.15 27.51 -12.94
N GLN G 43 7.21 27.83 -12.07
CA GLN G 43 7.17 29.16 -11.48
C GLN G 43 8.53 29.48 -10.83
N THR G 44 9.10 28.54 -10.09
CA THR G 44 10.38 28.78 -9.45
C THR G 44 11.49 29.03 -10.47
N VAL G 45 11.51 28.24 -11.54
CA VAL G 45 12.54 28.46 -12.57
C VAL G 45 12.45 29.89 -13.10
N SER G 46 11.23 30.38 -13.33
CA SER G 46 11.04 31.74 -13.82
C SER G 46 11.71 32.73 -12.87
N ARG G 47 11.37 32.67 -11.59
CA ARG G 47 12.00 33.58 -10.63
C ARG G 47 13.50 33.48 -10.84
N MET G 48 13.98 32.28 -11.11
CA MET G 48 15.39 32.10 -11.32
C MET G 48 15.87 32.74 -12.61
N GLU G 49 15.14 32.54 -13.70
CA GLU G 49 15.48 33.11 -15.00
C GLU G 49 15.45 34.63 -14.91
N ARG G 50 14.41 35.13 -14.25
CA ARG G 50 14.23 36.55 -14.04
C ARG G 50 15.41 37.16 -13.29
N ASP G 51 16.12 36.34 -12.51
CA ASP G 51 17.25 36.86 -11.78
C ASP G 51 18.57 36.46 -12.45
N GLY G 52 18.46 36.03 -13.70
CA GLY G 52 19.64 35.64 -14.46
C GLY G 52 20.50 34.54 -13.87
N LEU G 53 19.89 33.45 -13.44
CA LEU G 53 20.63 32.34 -12.88
C LEU G 53 20.64 31.21 -13.89
N LEU G 54 19.61 31.18 -14.73
CA LEU G 54 19.54 30.17 -15.78
C LEU G 54 18.67 30.68 -16.92
N ARG G 55 18.58 29.92 -18.00
CA ARG G 55 17.76 30.28 -19.16
C ARG G 55 17.16 28.99 -19.69
N VAL G 56 15.89 29.03 -20.09
CA VAL G 56 15.25 27.86 -20.65
C VAL G 56 15.47 27.98 -22.14
N ALA G 57 16.23 27.06 -22.71
CA ALA G 57 16.55 27.09 -24.12
C ALA G 57 15.35 26.77 -25.01
N GLY G 58 15.59 26.72 -26.32
CA GLY G 58 14.54 26.43 -27.28
C GLY G 58 13.95 25.04 -27.12
N ASP G 59 14.81 24.06 -26.92
CA ASP G 59 14.33 22.70 -26.75
C ASP G 59 13.80 22.50 -25.33
N ARG G 60 13.82 23.57 -24.55
CA ARG G 60 13.32 23.57 -23.18
C ARG G 60 14.26 22.99 -22.13
N HIS G 61 15.53 22.77 -22.48
CA HIS G 61 16.48 22.25 -21.48
C HIS G 61 17.05 23.46 -20.72
N LEU G 62 17.40 23.25 -19.46
CA LEU G 62 17.91 24.34 -18.64
C LEU G 62 19.40 24.60 -18.81
N GLU G 63 19.73 25.86 -19.03
CA GLU G 63 21.10 26.28 -19.26
C GLU G 63 21.51 27.23 -18.14
N LEU G 64 22.51 26.87 -17.34
CA LEU G 64 22.95 27.75 -16.25
C LEU G 64 23.71 28.95 -16.81
N THR G 65 23.39 30.15 -16.36
CA THR G 65 24.09 31.36 -16.83
C THR G 65 25.46 31.46 -16.18
N GLU G 66 26.24 32.46 -16.61
CA GLU G 66 27.58 32.67 -16.07
C GLU G 66 27.51 32.64 -14.54
N LYS G 67 26.63 33.48 -14.02
CA LYS G 67 26.39 33.66 -12.59
C LYS G 67 25.82 32.39 -11.95
N GLY G 68 24.79 31.83 -12.57
CA GLY G 68 24.16 30.63 -12.06
C GLY G 68 25.11 29.47 -11.85
N ARG G 69 26.05 29.30 -12.76
CA ARG G 69 27.01 28.20 -12.64
C ARG G 69 27.98 28.45 -11.49
N ALA G 70 28.45 29.68 -11.38
CA ALA G 70 29.39 30.01 -10.32
C ALA G 70 28.82 29.61 -8.97
N LEU G 71 27.58 29.99 -8.71
CA LEU G 71 26.92 29.69 -7.46
C LEU G 71 26.73 28.18 -7.32
N ALA G 72 26.28 27.55 -8.39
CA ALA G 72 26.06 26.12 -8.39
C ALA G 72 27.31 25.40 -7.91
N ILE G 73 28.44 25.73 -8.52
CA ILE G 73 29.70 25.11 -8.15
C ILE G 73 29.94 25.32 -6.66
N ALA G 74 29.83 26.58 -6.24
CA ALA G 74 30.02 26.96 -4.86
C ALA G 74 29.27 26.02 -3.92
N VAL G 75 28.01 25.73 -4.23
CA VAL G 75 27.25 24.84 -3.37
C VAL G 75 27.81 23.43 -3.41
N MET G 76 28.11 22.95 -4.62
CA MET G 76 28.64 21.61 -4.76
C MET G 76 29.95 21.46 -3.99
N ARG G 77 30.75 22.51 -4.00
CA ARG G 77 32.05 22.52 -3.30
C ARG G 77 31.85 22.33 -1.78
N LYS G 78 30.92 23.08 -1.22
CA LYS G 78 30.62 23.01 0.20
C LYS G 78 30.05 21.63 0.47
N HIS G 79 29.08 21.23 -0.32
CA HIS G 79 28.47 19.94 -0.12
C HIS G 79 29.50 18.83 0.08
N ARG G 80 30.48 18.76 -0.82
CA ARG G 80 31.51 17.72 -0.77
C ARG G 80 32.55 17.90 0.33
N LEU G 81 33.01 19.12 0.55
CA LEU G 81 33.97 19.34 1.61
C LEU G 81 33.32 18.86 2.89
N ALA G 82 32.02 19.09 3.00
CA ALA G 82 31.27 18.68 4.18
C ALA G 82 31.24 17.17 4.32
N GLU G 83 30.87 16.46 3.25
CA GLU G 83 30.82 15.01 3.32
C GLU G 83 32.19 14.50 3.79
N ARG G 84 33.25 15.19 3.37
CA ARG G 84 34.61 14.83 3.77
C ARG G 84 34.71 14.94 5.28
N LEU G 85 34.46 16.15 5.80
CA LEU G 85 34.52 16.41 7.23
C LEU G 85 33.63 15.46 8.04
N LEU G 86 32.44 15.18 7.54
CA LEU G 86 31.54 14.30 8.27
C LEU G 86 32.10 12.89 8.42
N VAL G 87 32.68 12.35 7.35
CA VAL G 87 33.24 11.01 7.38
C VAL G 87 34.58 10.88 8.09
N ASP G 88 35.54 11.69 7.66
CA ASP G 88 36.88 11.66 8.25
C ASP G 88 37.00 12.08 9.71
N VAL G 89 36.59 13.31 10.01
CA VAL G 89 36.68 13.87 11.36
C VAL G 89 35.52 13.58 12.29
N ILE G 90 34.32 14.02 11.92
CA ILE G 90 33.15 13.80 12.77
C ILE G 90 32.94 12.31 12.97
N GLY G 91 33.24 11.53 11.95
CA GLY G 91 33.06 10.10 12.04
C GLY G 91 31.64 9.62 11.85
N LEU G 92 30.85 10.36 11.07
CA LEU G 92 29.47 9.98 10.82
C LEU G 92 29.47 8.89 9.73
N PRO G 93 28.71 7.81 9.94
CA PRO G 93 28.62 6.70 8.98
C PRO G 93 28.38 7.12 7.53
N TRP G 94 29.05 6.43 6.61
CA TRP G 94 28.99 6.69 5.17
C TRP G 94 27.62 6.94 4.54
N GLU G 95 26.71 5.99 4.67
CA GLU G 95 25.39 6.15 4.08
C GLU G 95 24.50 7.17 4.80
N GLU G 96 25.13 8.10 5.51
CA GLU G 96 24.39 9.13 6.22
C GLU G 96 24.93 10.53 5.99
N VAL G 97 26.19 10.62 5.57
CA VAL G 97 26.81 11.92 5.35
C VAL G 97 26.20 12.74 4.24
N HIS G 98 25.78 12.09 3.17
CA HIS G 98 25.19 12.84 2.07
C HIS G 98 23.97 13.66 2.50
N ALA G 99 23.03 13.01 3.17
CA ALA G 99 21.81 13.70 3.61
C ALA G 99 22.11 14.87 4.54
N GLU G 100 23.11 14.70 5.38
CA GLU G 100 23.50 15.75 6.31
C GLU G 100 24.10 16.91 5.53
N ALA G 101 25.05 16.60 4.65
CA ALA G 101 25.69 17.64 3.85
C ALA G 101 24.70 18.34 2.95
N CYS G 102 23.67 17.64 2.49
CA CYS G 102 22.69 18.26 1.60
C CYS G 102 22.03 19.46 2.29
N ARG G 103 22.23 19.56 3.61
CA ARG G 103 21.68 20.66 4.40
C ARG G 103 22.77 21.65 4.76
N TRP G 104 23.94 21.13 5.15
CA TRP G 104 25.07 21.98 5.52
C TRP G 104 25.58 22.77 4.32
N GLU G 105 25.32 22.25 3.12
CA GLU G 105 25.78 22.89 1.90
C GLU G 105 25.18 24.27 1.74
N HIS G 106 24.08 24.52 2.45
CA HIS G 106 23.41 25.81 2.37
C HIS G 106 23.72 26.81 3.50
N VAL G 107 24.64 26.46 4.40
CA VAL G 107 25.00 27.37 5.50
C VAL G 107 26.49 27.52 5.76
N MET G 108 27.33 26.67 5.15
CA MET G 108 28.78 26.74 5.31
C MET G 108 29.33 28.02 4.70
N SER G 109 29.99 28.85 5.51
CA SER G 109 30.56 30.12 5.03
C SER G 109 31.75 29.79 4.14
N GLU G 110 32.17 30.74 3.31
CA GLU G 110 33.31 30.50 2.44
C GLU G 110 34.58 30.36 3.28
N ASP G 111 34.60 30.97 4.46
CA ASP G 111 35.77 30.87 5.34
C ASP G 111 35.90 29.45 5.86
N VAL G 112 34.85 28.92 6.46
CA VAL G 112 34.88 27.56 6.97
C VAL G 112 35.32 26.57 5.89
N GLU G 113 35.07 26.91 4.62
CA GLU G 113 35.47 26.04 3.53
C GLU G 113 37.00 26.00 3.51
N ARG G 114 37.59 27.16 3.27
CA ARG G 114 39.03 27.29 3.23
C ARG G 114 39.67 26.53 4.38
N ARG G 115 39.24 26.82 5.61
CA ARG G 115 39.81 26.13 6.75
C ARG G 115 39.62 24.62 6.72
N LEU G 116 38.54 24.15 6.11
CA LEU G 116 38.33 22.69 6.03
C LEU G 116 39.30 22.05 5.04
N VAL G 117 39.74 22.84 4.07
CA VAL G 117 40.69 22.41 3.06
C VAL G 117 41.97 22.05 3.80
N LYS G 118 42.47 22.98 4.61
CA LYS G 118 43.69 22.78 5.39
C LYS G 118 43.56 21.66 6.42
N VAL G 119 42.38 21.50 6.99
CA VAL G 119 42.18 20.46 7.98
C VAL G 119 42.08 19.06 7.37
N LEU G 120 41.74 18.97 6.08
CA LEU G 120 41.62 17.66 5.46
C LEU G 120 42.75 17.37 4.48
N ASN G 121 43.75 18.26 4.50
CA ASN G 121 44.94 18.16 3.65
C ASN G 121 44.66 18.32 2.16
N ASN G 122 44.04 19.44 1.81
CA ASN G 122 43.72 19.75 0.42
C ASN G 122 43.04 18.60 -0.31
N PRO G 123 41.95 18.06 0.27
CA PRO G 123 41.29 16.95 -0.43
C PRO G 123 40.89 17.40 -1.83
N THR G 124 40.54 16.44 -2.68
CA THR G 124 40.16 16.75 -4.05
C THR G 124 38.93 15.98 -4.47
N THR G 125 38.40 15.15 -3.60
CA THR G 125 37.21 14.39 -3.92
C THR G 125 36.37 14.20 -2.67
N SER G 126 35.23 13.56 -2.82
CA SER G 126 34.34 13.30 -1.70
C SER G 126 34.49 11.85 -1.33
N PRO G 127 33.86 11.41 -0.24
CA PRO G 127 33.90 10.02 0.23
C PRO G 127 33.21 9.10 -0.77
N PHE G 128 32.78 9.67 -1.90
CA PHE G 128 32.11 8.90 -2.93
C PHE G 128 32.85 8.99 -4.25
N GLY G 129 33.92 9.76 -4.27
CA GLY G 129 34.75 9.85 -5.47
C GLY G 129 34.57 11.01 -6.42
N ASN G 130 33.54 11.81 -6.23
CA ASN G 130 33.35 12.94 -7.13
C ASN G 130 34.31 14.07 -6.75
N PRO G 131 34.92 14.70 -7.75
CA PRO G 131 35.87 15.81 -7.54
C PRO G 131 35.24 17.04 -6.90
N ILE G 132 36.03 17.74 -6.11
CA ILE G 132 35.56 18.95 -5.43
C ILE G 132 35.81 20.14 -6.36
N PRO G 133 34.73 20.69 -6.94
CA PRO G 133 34.77 21.83 -7.87
C PRO G 133 35.10 23.17 -7.27
N GLY G 134 35.27 24.15 -8.15
CA GLY G 134 35.58 25.51 -7.75
C GLY G 134 36.60 25.65 -6.63
N LEU G 135 37.58 24.75 -6.59
CA LEU G 135 38.58 24.82 -5.54
C LEU G 135 39.54 25.98 -5.68
N ASP G 136 39.78 26.42 -6.91
CA ASP G 136 40.71 27.52 -7.11
C ASP G 136 40.05 28.86 -6.90
N GLU G 137 38.78 28.98 -7.31
CA GLU G 137 38.05 30.24 -7.13
C GLU G 137 37.93 30.47 -5.65
N LEU G 138 38.08 29.40 -4.90
CA LEU G 138 37.99 29.48 -3.45
C LEU G 138 39.32 30.05 -2.95
N GLY G 139 40.43 29.52 -3.45
CA GLY G 139 41.74 30.00 -3.03
C GLY G 139 42.74 28.91 -2.72
N VAL G 140 42.86 27.93 -3.61
CA VAL G 140 43.81 26.81 -3.46
C VAL G 140 43.89 25.96 -4.73
N GLY G 141 43.75 24.65 -4.59
CA GLY G 141 43.80 23.76 -5.74
C GLY G 141 45.08 23.81 -6.55
N LEU G 151 37.94 7.25 -18.62
CA LEU G 151 36.86 7.28 -17.63
C LEU G 151 35.50 7.33 -18.33
N VAL G 152 34.66 6.35 -18.04
CA VAL G 152 33.34 6.31 -18.66
C VAL G 152 32.21 6.22 -17.67
N ARG G 153 30.98 6.28 -18.19
CA ARG G 153 29.77 6.21 -17.39
C ARG G 153 29.11 4.87 -17.75
N LEU G 154 28.66 4.13 -16.72
CA LEU G 154 28.02 2.82 -16.93
C LEU G 154 27.03 2.73 -18.08
N THR G 155 26.47 3.86 -18.48
CA THR G 155 25.53 3.86 -19.59
C THR G 155 26.28 3.84 -20.91
N GLU G 156 27.49 4.39 -20.90
CA GLU G 156 28.36 4.45 -22.08
C GLU G 156 29.16 3.15 -22.24
N LEU G 157 28.65 2.06 -21.70
CA LEU G 157 29.34 0.78 -21.79
C LEU G 157 28.61 -0.15 -22.73
N PRO G 158 29.31 -0.62 -23.79
CA PRO G 158 28.73 -1.53 -24.78
C PRO G 158 28.17 -2.80 -24.16
N ALA G 159 27.09 -3.32 -24.74
CA ALA G 159 26.46 -4.53 -24.22
C ALA G 159 27.14 -5.78 -24.75
N GLY G 160 26.64 -6.94 -24.33
CA GLY G 160 27.21 -8.19 -24.77
C GLY G 160 27.87 -8.96 -23.64
N SER G 161 29.19 -9.04 -23.69
CA SER G 161 29.96 -9.75 -22.67
C SER G 161 30.40 -8.82 -21.53
N PRO G 162 30.35 -9.30 -20.27
CA PRO G 162 30.73 -8.52 -19.09
C PRO G 162 32.03 -7.75 -19.29
N VAL G 163 32.33 -6.83 -18.40
CA VAL G 163 33.56 -6.06 -18.48
C VAL G 163 34.11 -5.77 -17.09
N ALA G 164 35.42 -5.85 -16.96
CA ALA G 164 36.08 -5.58 -15.69
C ALA G 164 36.39 -4.10 -15.66
N VAL G 165 35.95 -3.44 -14.61
CA VAL G 165 36.17 -2.02 -14.43
C VAL G 165 36.35 -1.70 -12.95
N VAL G 166 36.80 -0.50 -12.67
CA VAL G 166 37.02 -0.10 -11.30
C VAL G 166 36.18 1.13 -10.99
N VAL G 167 35.25 0.96 -10.06
CA VAL G 167 34.36 2.04 -9.65
C VAL G 167 35.16 3.29 -9.29
N ARG G 168 34.87 4.40 -9.97
CA ARG G 168 35.58 5.65 -9.72
C ARG G 168 34.72 6.71 -9.05
N GLN G 169 33.47 6.83 -9.48
CA GLN G 169 32.56 7.84 -8.93
C GLN G 169 31.15 7.36 -8.65
N LEU G 170 30.52 7.98 -7.66
CA LEU G 170 29.14 7.70 -7.29
C LEU G 170 28.48 9.08 -7.12
N THR G 171 27.98 9.64 -8.22
CA THR G 171 27.34 10.96 -8.20
C THR G 171 26.16 11.07 -7.27
N GLU G 172 25.97 12.28 -6.77
CA GLU G 172 24.93 12.60 -5.83
C GLU G 172 23.62 11.85 -6.05
N HIS G 173 23.17 11.76 -7.31
CA HIS G 173 21.91 11.06 -7.55
C HIS G 173 21.82 9.68 -6.89
N VAL G 174 22.90 8.92 -6.95
CA VAL G 174 22.88 7.60 -6.33
C VAL G 174 22.94 7.77 -4.81
N GLN G 175 23.74 8.72 -4.33
CA GLN G 175 23.85 8.99 -2.90
C GLN G 175 22.45 9.26 -2.35
N GLY G 176 21.56 9.70 -3.23
CA GLY G 176 20.20 10.00 -2.83
C GLY G 176 19.46 8.78 -2.32
N ASP G 177 19.33 7.76 -3.16
CA ASP G 177 18.63 6.54 -2.74
C ASP G 177 19.47 5.89 -1.67
N ILE G 178 19.11 6.16 -0.42
CA ILE G 178 19.84 5.61 0.71
C ILE G 178 19.83 4.09 0.75
N ASP G 179 18.70 3.49 0.39
CA ASP G 179 18.60 2.04 0.41
C ASP G 179 19.66 1.42 -0.51
N LEU G 180 19.85 2.02 -1.67
CA LEU G 180 20.82 1.55 -2.66
C LEU G 180 22.26 1.85 -2.28
N ILE G 181 22.52 3.07 -1.81
CA ILE G 181 23.86 3.43 -1.44
C ILE G 181 24.32 2.53 -0.29
N THR G 182 23.34 1.97 0.44
CA THR G 182 23.65 1.07 1.56
C THR G 182 24.07 -0.27 0.99
N ARG G 183 23.21 -0.83 0.14
CA ARG G 183 23.50 -2.11 -0.47
C ARG G 183 24.88 -2.05 -1.14
N LEU G 184 25.13 -0.99 -1.90
CA LEU G 184 26.40 -0.83 -2.60
C LEU G 184 27.59 -0.89 -1.65
N LYS G 185 27.40 -0.41 -0.42
CA LYS G 185 28.49 -0.44 0.56
C LYS G 185 28.69 -1.88 1.01
N ASP G 186 27.58 -2.55 1.31
CA ASP G 186 27.61 -3.94 1.75
C ASP G 186 28.25 -4.84 0.71
N ALA G 187 27.99 -4.56 -0.56
CA ALA G 187 28.56 -5.35 -1.64
C ALA G 187 29.93 -4.82 -2.06
N GLY G 188 30.47 -3.88 -1.27
CA GLY G 188 31.77 -3.31 -1.57
C GLY G 188 31.91 -2.42 -2.79
N VAL G 189 30.83 -2.25 -3.55
CA VAL G 189 30.88 -1.40 -4.74
C VAL G 189 31.14 0.04 -4.33
N VAL G 190 32.41 0.41 -4.23
CA VAL G 190 32.78 1.76 -3.85
C VAL G 190 34.04 2.15 -4.61
N PRO G 191 34.52 3.39 -4.46
CA PRO G 191 35.73 3.87 -5.15
C PRO G 191 36.92 2.92 -5.02
N ASN G 192 37.67 2.75 -6.10
CA ASN G 192 38.82 1.85 -6.13
C ASN G 192 38.40 0.44 -5.77
N ALA G 193 37.51 -0.12 -6.57
CA ALA G 193 37.00 -1.46 -6.36
C ALA G 193 36.82 -2.16 -7.69
N ARG G 194 37.59 -3.21 -7.91
CA ARG G 194 37.45 -3.95 -9.15
C ARG G 194 36.16 -4.75 -9.11
N VAL G 195 35.43 -4.67 -10.21
CA VAL G 195 34.17 -5.39 -10.33
C VAL G 195 33.79 -5.44 -11.81
N THR G 196 32.89 -6.34 -12.16
CA THR G 196 32.47 -6.47 -13.54
C THR G 196 31.01 -6.07 -13.72
N VAL G 197 30.73 -5.43 -14.85
CA VAL G 197 29.40 -4.97 -15.17
C VAL G 197 28.96 -5.41 -16.55
N GLU G 198 27.69 -5.80 -16.66
CA GLU G 198 27.12 -6.26 -17.93
C GLU G 198 25.76 -5.60 -18.18
N THR G 199 25.59 -5.13 -19.42
CA THR G 199 24.35 -4.46 -19.83
C THR G 199 23.13 -5.37 -19.81
N THR G 200 22.12 -4.98 -19.05
CA THR G 200 20.88 -5.75 -18.93
C THR G 200 19.99 -5.44 -20.14
N PRO G 201 18.92 -6.23 -20.35
CA PRO G 201 18.03 -5.99 -21.48
C PRO G 201 17.43 -4.59 -21.45
N GLY G 202 16.87 -4.22 -20.30
CA GLY G 202 16.25 -2.92 -20.17
C GLY G 202 17.19 -1.76 -19.95
N GLY G 203 18.15 -1.58 -20.86
CA GLY G 203 19.11 -0.49 -20.76
C GLY G 203 19.79 -0.37 -19.40
N GLY G 204 19.50 -1.31 -18.50
CA GLY G 204 20.09 -1.29 -17.17
C GLY G 204 21.53 -1.79 -17.15
N VAL G 205 22.00 -2.14 -15.95
CA VAL G 205 23.37 -2.63 -15.76
C VAL G 205 23.45 -3.51 -14.51
N THR G 206 24.16 -4.64 -14.64
CA THR G 206 24.33 -5.58 -13.54
C THR G 206 25.79 -5.63 -13.11
N ILE G 207 26.02 -5.37 -11.82
CA ILE G 207 27.35 -5.38 -11.27
C ILE G 207 27.61 -6.71 -10.57
N VAL G 208 28.70 -7.36 -10.94
CA VAL G 208 29.08 -8.64 -10.37
C VAL G 208 30.26 -8.45 -9.41
N ILE G 209 29.99 -8.46 -8.11
CA ILE G 209 31.04 -8.27 -7.12
C ILE G 209 31.57 -9.61 -6.63
N PRO G 210 32.87 -9.85 -6.82
CA PRO G 210 33.46 -11.11 -6.37
C PRO G 210 33.32 -11.28 -4.86
N GLY G 211 32.36 -12.10 -4.45
CA GLY G 211 32.18 -12.32 -3.04
C GLY G 211 30.80 -12.02 -2.48
N HIS G 212 30.18 -10.96 -2.99
CA HIS G 212 28.86 -10.57 -2.51
C HIS G 212 27.77 -10.71 -3.59
N GLU G 213 26.52 -10.77 -3.16
CA GLU G 213 25.38 -10.89 -4.06
C GLU G 213 25.52 -9.92 -5.21
N ASN G 214 24.84 -10.18 -6.33
CA ASN G 214 24.92 -9.25 -7.44
C ASN G 214 24.03 -8.05 -7.14
N VAL G 215 24.26 -6.98 -7.88
CA VAL G 215 23.47 -5.77 -7.68
C VAL G 215 23.18 -5.14 -9.04
N THR G 216 21.89 -4.94 -9.33
CA THR G 216 21.49 -4.36 -10.61
C THR G 216 20.97 -2.93 -10.46
N LEU G 217 21.45 -2.05 -11.34
CA LEU G 217 21.06 -0.64 -11.32
C LEU G 217 20.21 -0.31 -12.53
N PRO G 218 19.12 0.47 -12.34
CA PRO G 218 18.25 0.85 -13.45
C PRO G 218 19.02 1.80 -14.37
N HIS G 219 18.49 2.05 -15.57
CA HIS G 219 19.17 2.93 -16.51
C HIS G 219 19.52 4.28 -15.86
N GLU G 220 18.57 4.87 -15.14
CA GLU G 220 18.81 6.16 -14.51
C GLU G 220 19.98 6.13 -13.53
N MET G 221 19.93 5.22 -12.56
CA MET G 221 20.99 5.09 -11.56
C MET G 221 22.32 4.90 -12.26
N ALA G 222 22.32 4.07 -13.30
CA ALA G 222 23.53 3.81 -14.06
C ALA G 222 24.16 5.10 -14.57
N HIS G 223 23.33 6.05 -15.00
CA HIS G 223 23.84 7.32 -15.50
C HIS G 223 24.67 7.99 -14.43
N ALA G 224 24.45 7.57 -13.19
CA ALA G 224 25.14 8.16 -12.04
C ALA G 224 26.34 7.42 -11.49
N VAL G 225 26.98 6.55 -12.28
CA VAL G 225 28.15 5.81 -11.84
C VAL G 225 29.27 5.86 -12.87
N LYS G 226 30.41 6.46 -12.53
CA LYS G 226 31.52 6.51 -13.47
C LYS G 226 32.56 5.46 -13.11
N VAL G 227 33.13 4.80 -14.12
CA VAL G 227 34.12 3.77 -13.90
C VAL G 227 35.27 3.90 -14.88
N GLU G 228 36.31 3.11 -14.65
CA GLU G 228 37.50 3.10 -15.49
C GLU G 228 37.68 1.69 -16.06
N LYS G 229 37.76 1.60 -17.38
CA LYS G 229 37.96 0.33 -18.06
C LYS G 229 39.32 -0.21 -17.70
N VAL G 230 39.35 -1.18 -16.80
CA VAL G 230 40.60 -1.79 -16.34
C VAL G 230 40.36 -3.21 -15.85
N MET H 1 17.68 32.43 0.89
CA MET H 1 16.94 31.37 1.63
C MET H 1 16.10 31.95 2.77
N ASN H 2 16.78 32.61 3.71
CA ASN H 2 16.16 33.23 4.88
C ASN H 2 17.27 33.69 5.83
N GLU H 3 17.22 34.95 6.22
CA GLU H 3 18.20 35.54 7.14
C GLU H 3 18.50 34.63 8.35
N LEU H 4 17.45 34.36 9.13
CA LEU H 4 17.49 33.55 10.34
C LEU H 4 17.68 32.07 10.07
N VAL H 5 17.32 31.64 8.88
CA VAL H 5 17.40 30.25 8.45
C VAL H 5 16.12 29.60 8.87
N ASP H 6 15.75 29.79 10.13
CA ASP H 6 14.52 29.26 10.68
C ASP H 6 13.96 30.24 11.70
N THR H 7 12.93 30.99 11.32
CA THR H 7 12.32 31.98 12.20
C THR H 7 11.96 31.41 13.56
N THR H 8 11.02 30.45 13.59
CA THR H 8 10.58 29.84 14.85
C THR H 8 11.71 29.47 15.83
N GLU H 9 12.67 28.69 15.35
CA GLU H 9 13.78 28.33 16.21
C GLU H 9 14.46 29.56 16.78
N MET H 10 14.83 30.52 15.93
CA MET H 10 15.50 31.72 16.44
C MET H 10 14.65 32.49 17.46
N TYR H 11 13.34 32.44 17.33
CA TYR H 11 12.49 33.12 18.32
C TYR H 11 12.61 32.33 19.63
N LEU H 12 12.54 31.00 19.54
CA LEU H 12 12.66 30.18 20.73
C LEU H 12 13.98 30.44 21.40
N ARG H 13 15.06 30.36 20.63
CA ARG H 13 16.37 30.57 21.21
C ARG H 13 16.58 31.97 21.76
N THR H 14 15.87 32.97 21.23
CA THR H 14 16.05 34.31 21.76
C THR H 14 15.34 34.39 23.12
N ILE H 15 14.20 33.71 23.22
CA ILE H 15 13.45 33.68 24.47
C ILE H 15 14.41 33.10 25.51
N TYR H 16 14.94 31.92 25.19
CA TYR H 16 15.87 31.22 26.05
C TYR H 16 17.03 32.12 26.49
N ASP H 17 17.68 32.77 25.53
CA ASP H 17 18.82 33.68 25.79
C ASP H 17 18.44 34.76 26.78
N LEU H 18 17.24 35.31 26.62
CA LEU H 18 16.76 36.35 27.51
C LEU H 18 16.69 35.83 28.94
N GLU H 19 16.14 34.63 29.11
CA GLU H 19 16.05 34.03 30.44
C GLU H 19 17.48 33.89 30.97
N GLU H 20 18.34 33.30 30.17
CA GLU H 20 19.71 33.09 30.54
C GLU H 20 20.38 34.40 30.99
N GLU H 21 19.91 35.53 30.45
CA GLU H 21 20.46 36.84 30.79
C GLU H 21 19.74 37.43 31.99
N GLY H 22 18.64 36.80 32.37
CA GLY H 22 17.89 37.29 33.49
C GLY H 22 17.03 38.50 33.18
N VAL H 23 16.73 38.77 31.92
CA VAL H 23 15.87 39.91 31.59
C VAL H 23 14.51 39.34 31.20
N THR H 24 13.45 40.12 31.38
CA THR H 24 12.10 39.67 31.07
C THR H 24 11.84 39.51 29.57
N PRO H 25 11.45 38.29 29.15
CA PRO H 25 11.15 37.90 27.79
C PRO H 25 9.94 38.59 27.19
N LEU H 26 10.13 39.80 26.71
CA LEU H 26 9.04 40.53 26.09
C LEU H 26 9.16 40.45 24.57
N ARG H 27 8.06 40.67 23.86
CA ARG H 27 8.12 40.67 22.42
C ARG H 27 9.01 41.81 21.94
N ALA H 28 8.98 42.93 22.66
CA ALA H 28 9.81 44.06 22.28
C ALA H 28 11.26 43.62 22.14
N ARG H 29 11.71 42.76 23.06
CA ARG H 29 13.08 42.26 23.03
C ARG H 29 13.40 41.55 21.72
N ILE H 30 12.59 40.57 21.38
CA ILE H 30 12.79 39.80 20.16
C ILE H 30 12.92 40.71 18.95
N ALA H 31 12.08 41.74 18.89
CA ALA H 31 12.12 42.67 17.77
C ALA H 31 13.47 43.34 17.66
N GLU H 32 14.01 43.80 18.79
CA GLU H 32 15.32 44.46 18.83
C GLU H 32 16.43 43.52 18.37
N ARG H 33 16.49 42.36 18.99
CA ARG H 33 17.52 41.37 18.71
C ARG H 33 17.47 40.66 17.36
N LEU H 34 16.31 40.56 16.74
CA LEU H 34 16.27 39.91 15.44
C LEU H 34 16.04 40.98 14.39
N ASP H 35 16.03 42.22 14.82
CA ASP H 35 15.81 43.32 13.91
C ASP H 35 14.59 43.14 13.01
N GLN H 36 13.40 43.06 13.63
CA GLN H 36 12.15 42.92 12.89
C GLN H 36 11.15 43.89 13.53
N SER H 37 10.14 44.31 12.76
CA SER H 37 9.15 45.25 13.28
C SER H 37 8.29 44.63 14.34
N GLY H 38 7.65 45.48 15.14
CA GLY H 38 6.80 45.02 16.21
C GLY H 38 5.70 44.11 15.71
N PRO H 39 4.96 44.56 14.69
CA PRO H 39 3.86 43.80 14.11
C PRO H 39 4.32 42.42 13.67
N THR H 40 5.53 42.35 13.14
CA THR H 40 6.05 41.09 12.69
C THR H 40 6.23 40.13 13.86
N VAL H 41 6.97 40.56 14.88
CA VAL H 41 7.19 39.65 16.00
C VAL H 41 5.88 39.20 16.62
N SER H 42 4.89 40.09 16.66
CA SER H 42 3.61 39.75 17.26
C SER H 42 2.91 38.66 16.49
N GLN H 43 2.69 38.90 15.22
CA GLN H 43 2.03 37.90 14.37
C GLN H 43 2.80 36.57 14.44
N THR H 44 4.13 36.63 14.44
CA THR H 44 4.92 35.41 14.50
C THR H 44 4.74 34.71 15.85
N VAL H 45 4.66 35.48 16.92
CA VAL H 45 4.46 34.86 18.22
C VAL H 45 3.11 34.11 18.22
N SER H 46 2.08 34.72 17.65
CA SER H 46 0.77 34.09 17.55
C SER H 46 0.87 32.72 16.89
N ARG H 47 1.48 32.68 15.71
CA ARG H 47 1.65 31.41 15.02
C ARG H 47 2.27 30.42 15.99
N MET H 48 3.23 30.90 16.77
CA MET H 48 3.90 30.05 17.73
C MET H 48 2.98 29.64 18.88
N GLU H 49 2.22 30.60 19.42
CA GLU H 49 1.29 30.32 20.52
C GLU H 49 0.24 29.32 20.01
N ARG H 50 -0.25 29.57 18.80
CA ARG H 50 -1.24 28.73 18.15
C ARG H 50 -0.72 27.30 17.95
N ASP H 51 0.59 27.11 18.00
CA ASP H 51 1.15 25.78 17.83
C ASP H 51 1.72 25.30 19.15
N GLY H 52 1.26 25.94 20.22
CA GLY H 52 1.68 25.58 21.57
C GLY H 52 3.17 25.51 21.84
N LEU H 53 3.89 26.56 21.47
CA LEU H 53 5.33 26.59 21.69
C LEU H 53 5.61 27.57 22.81
N LEU H 54 4.67 28.47 23.03
CA LEU H 54 4.83 29.47 24.09
C LEU H 54 3.48 30.10 24.38
N ARG H 55 3.40 30.89 25.44
CA ARG H 55 2.15 31.56 25.81
C ARG H 55 2.47 33.00 26.22
N VAL H 56 1.57 33.92 25.92
CA VAL H 56 1.80 35.28 26.32
C VAL H 56 1.03 35.41 27.62
N ALA H 57 1.76 35.65 28.72
CA ALA H 57 1.18 35.77 30.05
C ALA H 57 0.30 36.99 30.25
N GLY H 58 -0.09 37.22 31.49
CA GLY H 58 -0.93 38.37 31.80
C GLY H 58 -0.15 39.67 31.69
N ASP H 59 1.08 39.66 32.19
CA ASP H 59 1.91 40.86 32.13
C ASP H 59 2.51 41.01 30.74
N ARG H 60 2.21 40.04 29.87
CA ARG H 60 2.68 40.03 28.50
C ARG H 60 4.07 39.44 28.29
N HIS H 61 4.67 38.90 29.35
CA HIS H 61 6.00 38.31 29.18
C HIS H 61 5.79 36.93 28.55
N LEU H 62 6.77 36.50 27.75
CA LEU H 62 6.69 35.24 27.05
C LEU H 62 7.11 34.04 27.88
N GLU H 63 6.25 33.02 27.89
CA GLU H 63 6.50 31.80 28.65
C GLU H 63 6.59 30.60 27.71
N LEU H 64 7.74 29.92 27.67
CA LEU H 64 7.89 28.75 26.79
C LEU H 64 7.12 27.55 27.35
N THR H 65 6.29 26.91 26.52
CA THR H 65 5.53 25.75 27.00
C THR H 65 6.48 24.55 27.12
N GLU H 66 5.96 23.44 27.64
CA GLU H 66 6.72 22.20 27.81
C GLU H 66 7.49 21.85 26.51
N LYS H 67 6.75 21.83 25.42
CA LYS H 67 7.23 21.53 24.06
C LYS H 67 8.21 22.59 23.57
N GLY H 68 7.79 23.85 23.64
CA GLY H 68 8.61 24.97 23.21
C GLY H 68 9.97 25.01 23.86
N ARG H 69 10.03 24.66 25.15
CA ARG H 69 11.30 24.67 25.85
C ARG H 69 12.20 23.51 25.42
N ALA H 70 11.59 22.34 25.21
CA ALA H 70 12.34 21.16 24.80
C ALA H 70 13.10 21.44 23.51
N LEU H 71 12.40 22.09 22.57
CA LEU H 71 12.96 22.43 21.28
C LEU H 71 14.04 23.51 21.46
N ALA H 72 13.69 24.56 22.21
CA ALA H 72 14.62 25.65 22.48
C ALA H 72 15.97 25.11 22.93
N ILE H 73 15.94 24.21 23.90
CA ILE H 73 17.15 23.60 24.44
C ILE H 73 17.89 22.87 23.34
N ALA H 74 17.14 22.10 22.57
CA ALA H 74 17.70 21.33 21.49
C ALA H 74 18.52 22.22 20.57
N VAL H 75 18.03 23.41 20.29
CA VAL H 75 18.76 24.31 19.41
C VAL H 75 19.99 24.82 20.09
N MET H 76 19.83 25.30 21.31
CA MET H 76 20.97 25.81 22.06
C MET H 76 22.08 24.77 22.12
N ARG H 77 21.69 23.51 22.27
CA ARG H 77 22.64 22.42 22.35
C ARG H 77 23.47 22.29 21.08
N LYS H 78 22.80 22.26 19.94
CA LYS H 78 23.49 22.14 18.66
C LYS H 78 24.39 23.35 18.48
N HIS H 79 23.85 24.53 18.73
CA HIS H 79 24.60 25.77 18.60
C HIS H 79 25.94 25.70 19.33
N ARG H 80 25.90 25.26 20.58
CA ARG H 80 27.11 25.21 21.38
C ARG H 80 28.06 24.08 21.03
N LEU H 81 27.53 22.92 20.66
CA LEU H 81 28.40 21.83 20.25
C LEU H 81 29.12 22.24 18.97
N ALA H 82 28.43 23.00 18.14
CA ALA H 82 28.97 23.48 16.88
C ALA H 82 30.10 24.47 17.14
N GLU H 83 29.84 25.45 18.01
CA GLU H 83 30.88 26.44 18.33
C GLU H 83 32.13 25.67 18.78
N ARG H 84 31.93 24.60 19.55
CA ARG H 84 33.03 23.76 20.01
C ARG H 84 33.80 23.25 18.81
N LEU H 85 33.10 22.50 17.96
CA LEU H 85 33.68 21.93 16.75
C LEU H 85 34.40 22.96 15.87
N LEU H 86 33.84 24.16 15.78
CA LEU H 86 34.44 25.20 14.94
C LEU H 86 35.75 25.75 15.49
N VAL H 87 35.85 25.85 16.81
CA VAL H 87 37.07 26.36 17.42
C VAL H 87 38.17 25.30 17.60
N ASP H 88 37.79 24.15 18.15
CA ASP H 88 38.73 23.05 18.41
C ASP H 88 39.22 22.30 17.18
N VAL H 89 38.31 21.77 16.37
CA VAL H 89 38.68 21.01 15.18
C VAL H 89 38.83 21.82 13.88
N ILE H 90 37.75 22.45 13.43
CA ILE H 90 37.81 23.23 12.19
C ILE H 90 38.89 24.30 12.29
N GLY H 91 39.05 24.88 13.46
CA GLY H 91 40.05 25.90 13.65
C GLY H 91 39.65 27.29 13.19
N LEU H 92 38.36 27.57 13.23
CA LEU H 92 37.85 28.89 12.82
C LEU H 92 38.05 29.86 13.98
N PRO H 93 38.57 31.07 13.71
CA PRO H 93 38.79 32.09 14.75
C PRO H 93 37.64 32.27 15.73
N TRP H 94 37.99 32.57 16.98
CA TRP H 94 37.03 32.76 18.07
C TRP H 94 35.86 33.70 17.81
N GLU H 95 36.16 34.96 17.50
CA GLU H 95 35.11 35.94 17.24
C GLU H 95 34.35 35.74 15.94
N GLU H 96 34.31 34.50 15.43
CA GLU H 96 33.62 34.21 14.19
C GLU H 96 32.75 32.97 14.29
N VAL H 97 33.08 32.08 15.22
CA VAL H 97 32.33 30.84 15.39
C VAL H 97 30.89 31.07 15.78
N HIS H 98 30.64 32.06 16.63
CA HIS H 98 29.27 32.29 17.03
C HIS H 98 28.33 32.53 15.84
N ALA H 99 28.72 33.45 14.97
CA ALA H 99 27.92 33.77 13.80
C ALA H 99 27.68 32.57 12.89
N GLU H 100 28.69 31.71 12.78
CA GLU H 100 28.60 30.53 11.94
C GLU H 100 27.64 29.54 12.57
N ALA H 101 27.81 29.28 13.85
CA ALA H 101 26.96 28.33 14.54
C ALA H 101 25.52 28.80 14.61
N CYS H 102 25.29 30.11 14.54
CA CYS H 102 23.94 30.65 14.63
C CYS H 102 23.14 30.15 13.42
N ARG H 103 23.88 29.66 12.42
CA ARG H 103 23.28 29.12 11.21
C ARG H 103 23.27 27.60 11.25
N TRP H 104 24.37 27.02 11.69
CA TRP H 104 24.49 25.57 11.77
C TRP H 104 23.47 24.98 12.75
N GLU H 105 23.18 25.72 13.80
CA GLU H 105 22.24 25.27 14.82
C GLU H 105 20.90 24.86 14.25
N HIS H 106 20.59 25.29 13.03
CA HIS H 106 19.30 24.97 12.42
C HIS H 106 19.30 23.82 11.41
N VAL H 107 20.45 23.16 11.25
CA VAL H 107 20.59 22.05 10.31
C VAL H 107 21.27 20.81 10.87
N MET H 108 21.91 20.92 12.03
CA MET H 108 22.59 19.78 12.64
C MET H 108 21.62 18.69 13.11
N SER H 109 21.79 17.49 12.56
CA SER H 109 20.94 16.37 12.94
C SER H 109 21.30 16.00 14.37
N GLU H 110 20.40 15.28 15.03
CA GLU H 110 20.64 14.85 16.40
C GLU H 110 21.77 13.81 16.41
N ASP H 111 21.92 13.10 15.30
CA ASP H 111 22.97 12.10 15.20
C ASP H 111 24.34 12.76 15.19
N VAL H 112 24.54 13.71 14.29
CA VAL H 112 25.81 14.40 14.22
C VAL H 112 26.13 14.99 15.60
N GLU H 113 25.10 15.32 16.38
CA GLU H 113 25.31 15.87 17.72
C GLU H 113 26.03 14.84 18.57
N ARG H 114 25.39 13.68 18.75
CA ARG H 114 25.96 12.59 19.52
C ARG H 114 27.42 12.29 19.16
N ARG H 115 27.70 12.18 17.86
CA ARG H 115 29.06 11.90 17.43
C ARG H 115 30.00 13.05 17.73
N LEU H 116 29.50 14.27 17.75
CA LEU H 116 30.35 15.39 18.06
C LEU H 116 30.72 15.32 19.54
N VAL H 117 29.81 14.78 20.33
CA VAL H 117 30.04 14.63 21.77
C VAL H 117 31.26 13.74 21.99
N LYS H 118 31.31 12.61 21.30
CA LYS H 118 32.43 11.69 21.41
C LYS H 118 33.73 12.24 20.82
N VAL H 119 33.63 13.03 19.76
CA VAL H 119 34.81 13.59 19.12
C VAL H 119 35.46 14.74 19.91
N LEU H 120 34.69 15.37 20.79
CA LEU H 120 35.22 16.48 21.57
C LEU H 120 35.42 16.08 23.03
N ASN H 121 35.23 14.80 23.30
CA ASN H 121 35.39 14.23 24.64
C ASN H 121 34.36 14.72 25.65
N ASN H 122 33.09 14.47 25.34
CA ASN H 122 32.00 14.84 26.24
C ASN H 122 32.11 16.25 26.78
N PRO H 123 32.29 17.24 25.90
CA PRO H 123 32.39 18.62 26.39
C PRO H 123 31.16 18.99 27.21
N THR H 124 31.22 20.09 27.95
CA THR H 124 30.11 20.51 28.78
C THR H 124 29.84 22.00 28.72
N THR H 125 30.66 22.71 27.94
CA THR H 125 30.52 24.15 27.79
C THR H 125 30.93 24.54 26.38
N SER H 126 30.75 25.82 26.06
CA SER H 126 31.10 26.35 24.76
C SER H 126 32.41 27.12 24.91
N PRO H 127 33.00 27.57 23.80
CA PRO H 127 34.25 28.34 23.84
C PRO H 127 34.05 29.66 24.58
N PHE H 128 32.83 29.88 25.06
CA PHE H 128 32.51 31.11 25.77
C PHE H 128 32.11 30.84 27.22
N GLY H 129 32.13 29.57 27.60
CA GLY H 129 31.82 29.22 28.97
C GLY H 129 30.41 28.83 29.32
N ASN H 130 29.47 28.99 28.40
CA ASN H 130 28.10 28.65 28.68
C ASN H 130 27.93 27.14 28.59
N PRO H 131 27.19 26.55 29.55
CA PRO H 131 26.95 25.10 29.59
C PRO H 131 26.08 24.57 28.46
N ILE H 132 26.42 23.40 27.93
CA ILE H 132 25.66 22.80 26.87
C ILE H 132 24.46 22.11 27.50
N PRO H 133 23.25 22.62 27.24
CA PRO H 133 21.99 22.10 27.77
C PRO H 133 21.49 20.83 27.10
N GLY H 134 20.45 20.25 27.71
CA GLY H 134 19.83 19.04 27.20
C GLY H 134 20.77 17.94 26.79
N LEU H 135 21.89 17.81 27.49
CA LEU H 135 22.86 16.79 27.13
C LEU H 135 22.44 15.37 27.44
N ASP H 136 21.55 15.19 28.41
CA ASP H 136 21.10 13.85 28.77
C ASP H 136 19.94 13.38 27.89
N GLU H 137 19.00 14.26 27.59
CA GLU H 137 17.88 13.87 26.75
C GLU H 137 18.38 13.59 25.35
N LEU H 138 19.66 13.87 25.13
CA LEU H 138 20.31 13.60 23.85
C LEU H 138 20.79 12.15 23.95
N GLY H 139 21.38 11.81 25.09
CA GLY H 139 21.87 10.47 25.33
C GLY H 139 23.28 10.38 25.89
N VAL H 140 23.57 11.16 26.93
CA VAL H 140 24.90 11.15 27.56
C VAL H 140 24.90 11.96 28.86
N GLY H 141 25.89 12.84 29.03
CA GLY H 141 25.98 13.67 30.21
C GLY H 141 26.17 12.94 31.52
N LEU H 151 28.82 32.16 41.77
CA LEU H 151 28.71 32.68 40.41
C LEU H 151 27.66 33.78 40.29
N VAL H 152 28.08 34.94 39.80
CA VAL H 152 27.15 36.06 39.67
C VAL H 152 27.16 36.70 38.30
N ARG H 153 26.22 37.63 38.10
CA ARG H 153 26.08 38.35 36.84
C ARG H 153 26.54 39.80 37.08
N LEU H 154 27.39 40.33 36.21
CA LEU H 154 27.91 41.68 36.37
C LEU H 154 26.90 42.72 36.85
N THR H 155 25.62 42.50 36.57
CA THR H 155 24.61 43.44 37.00
C THR H 155 24.33 43.28 38.48
N GLU H 156 24.47 42.05 38.98
CA GLU H 156 24.23 41.72 40.39
C GLU H 156 25.47 42.05 41.23
N LEU H 157 26.30 42.97 40.76
CA LEU H 157 27.50 43.32 41.50
C LEU H 157 27.36 44.71 42.12
N PRO H 158 27.56 44.80 43.45
CA PRO H 158 27.45 46.06 44.20
C PRO H 158 28.39 47.13 43.67
N ALA H 159 27.96 48.38 43.76
CA ALA H 159 28.76 49.49 43.29
C ALA H 159 29.69 49.98 44.39
N GLY H 160 30.50 50.97 44.05
CA GLY H 160 31.44 51.52 45.01
C GLY H 160 32.87 51.25 44.61
N SER H 161 33.52 50.34 45.32
CA SER H 161 34.91 49.99 45.06
C SER H 161 35.02 48.78 44.14
N PRO H 162 35.96 48.82 43.18
CA PRO H 162 36.19 47.73 42.22
C PRO H 162 36.17 46.36 42.89
N VAL H 163 36.11 45.31 42.07
CA VAL H 163 36.11 43.95 42.61
C VAL H 163 36.84 43.03 41.65
N ALA H 164 37.68 42.17 42.22
CA ALA H 164 38.42 41.21 41.45
C ALA H 164 37.51 40.02 41.25
N VAL H 165 37.41 39.58 39.99
CA VAL H 165 36.57 38.44 39.64
C VAL H 165 37.21 37.72 38.47
N VAL H 166 36.69 36.54 38.16
CA VAL H 166 37.23 35.80 37.05
C VAL H 166 36.13 35.48 36.04
N VAL H 167 36.25 36.03 34.84
CA VAL H 167 35.26 35.84 33.80
C VAL H 167 34.94 34.34 33.61
N ARG H 168 33.66 33.99 33.72
CA ARG H 168 33.24 32.60 33.57
C ARG H 168 32.37 32.33 32.33
N GLN H 169 31.50 33.27 31.98
CA GLN H 169 30.62 33.10 30.82
C GLN H 169 30.39 34.38 30.05
N LEU H 170 30.18 34.21 28.75
CA LEU H 170 29.87 35.32 27.84
C LEU H 170 28.67 34.80 27.03
N THR H 171 27.46 35.07 27.52
CA THR H 171 26.26 34.58 26.85
C THR H 171 26.09 35.09 25.43
N GLU H 172 25.33 34.32 24.65
CA GLU H 172 25.08 34.61 23.24
C GLU H 172 24.90 36.11 22.97
N HIS H 173 24.08 36.79 23.75
CA HIS H 173 23.88 38.22 23.50
C HIS H 173 25.17 39.00 23.28
N VAL H 174 26.19 38.76 24.10
CA VAL H 174 27.42 39.49 23.89
C VAL H 174 28.11 38.96 22.63
N GLN H 175 27.97 37.66 22.37
CA GLN H 175 28.58 37.07 21.18
C GLN H 175 28.02 37.77 19.96
N GLY H 176 26.82 38.30 20.10
CA GLY H 176 26.16 38.99 19.01
C GLY H 176 26.93 40.18 18.50
N ASP H 177 27.17 41.16 19.35
CA ASP H 177 27.91 42.35 18.94
C ASP H 177 29.34 41.92 18.64
N ILE H 178 29.61 41.67 17.35
CA ILE H 178 30.93 41.21 16.92
C ILE H 178 32.06 42.20 17.22
N ASP H 179 31.78 43.50 17.05
CA ASP H 179 32.77 44.54 17.33
C ASP H 179 33.25 44.45 18.78
N LEU H 180 32.32 44.18 19.69
CA LEU H 180 32.61 44.05 21.13
C LEU H 180 33.28 42.73 21.50
N ILE H 181 32.74 41.63 20.97
CA ILE H 181 33.31 40.33 21.27
C ILE H 181 34.74 40.30 20.79
N THR H 182 35.06 41.17 19.85
CA THR H 182 36.42 41.26 19.33
C THR H 182 37.30 42.01 20.31
N ARG H 183 36.83 43.18 20.73
CA ARG H 183 37.59 43.98 21.68
C ARG H 183 37.88 43.18 22.94
N LEU H 184 36.87 42.43 23.38
CA LEU H 184 37.02 41.62 24.58
C LEU H 184 38.13 40.60 24.41
N LYS H 185 38.24 40.03 23.21
CA LYS H 185 39.30 39.06 22.96
C LYS H 185 40.63 39.79 23.05
N ASP H 186 40.75 40.89 22.33
CA ASP H 186 41.98 41.68 22.35
C ASP H 186 42.38 42.09 23.76
N ALA H 187 41.41 42.43 24.59
CA ALA H 187 41.71 42.82 25.95
C ALA H 187 41.81 41.61 26.87
N GLY H 188 41.75 40.41 26.29
CA GLY H 188 41.85 39.20 27.08
C GLY H 188 40.68 38.83 27.97
N VAL H 189 39.66 39.67 28.02
CA VAL H 189 38.48 39.39 28.84
C VAL H 189 37.78 38.13 28.33
N VAL H 190 38.24 36.95 28.75
CA VAL H 190 37.63 35.71 28.31
C VAL H 190 37.56 34.74 29.49
N PRO H 191 36.98 33.54 29.28
CA PRO H 191 36.87 32.56 30.36
C PRO H 191 38.18 32.30 31.08
N ASN H 192 38.12 32.18 32.40
CA ASN H 192 39.29 31.95 33.24
C ASN H 192 40.29 33.06 33.04
N ALA H 193 39.85 34.27 33.36
CA ALA H 193 40.71 35.44 33.24
C ALA H 193 40.43 36.36 34.42
N ARG H 194 41.46 36.63 35.21
CA ARG H 194 41.28 37.51 36.35
C ARG H 194 41.25 38.94 35.86
N VAL H 195 40.26 39.68 36.35
CA VAL H 195 40.10 41.06 35.97
C VAL H 195 39.22 41.73 37.01
N THR H 196 39.25 43.06 37.08
CA THR H 196 38.44 43.76 38.05
C THR H 196 37.36 44.55 37.35
N VAL H 197 36.21 44.67 38.01
CA VAL H 197 35.06 45.38 37.47
C VAL H 197 34.49 46.34 38.47
N GLU H 198 34.06 47.50 38.00
CA GLU H 198 33.47 48.52 38.87
C GLU H 198 32.20 49.08 38.22
N THR H 199 31.15 49.25 39.03
CA THR H 199 29.88 49.77 38.56
C THR H 199 29.97 51.22 38.12
N THR H 200 29.55 51.51 36.89
CA THR H 200 29.59 52.88 36.38
C THR H 200 28.33 53.61 36.84
N PRO H 201 28.28 54.94 36.66
CA PRO H 201 27.10 55.70 37.07
C PRO H 201 25.81 55.21 36.40
N GLY H 202 25.87 55.04 35.08
CA GLY H 202 24.71 54.59 34.36
C GLY H 202 24.45 53.10 34.36
N GLY H 203 24.32 52.53 35.56
CA GLY H 203 24.06 51.10 35.69
C GLY H 203 24.99 50.21 34.87
N GLY H 204 25.97 50.82 34.22
CA GLY H 204 26.92 50.07 33.41
C GLY H 204 27.99 49.40 34.26
N VAL H 205 29.06 48.98 33.59
CA VAL H 205 30.17 48.31 34.27
C VAL H 205 31.48 48.52 33.50
N THR H 206 32.55 48.77 34.24
CA THR H 206 33.87 48.98 33.65
C THR H 206 34.83 47.86 34.04
N ILE H 207 35.41 47.22 33.03
CA ILE H 207 36.35 46.13 33.26
C ILE H 207 37.79 46.63 33.13
N VAL H 208 38.57 46.39 34.16
CA VAL H 208 39.96 46.81 34.19
C VAL H 208 40.86 45.60 33.97
N ILE H 209 41.43 45.50 32.78
CA ILE H 209 42.30 44.38 32.44
C ILE H 209 43.77 44.72 32.60
N PRO H 210 44.47 44.03 33.51
CA PRO H 210 45.90 44.33 33.71
C PRO H 210 46.66 44.09 32.41
N GLY H 211 47.04 45.18 31.76
CA GLY H 211 47.79 45.06 30.52
C GLY H 211 47.15 45.75 29.33
N HIS H 212 45.83 45.67 29.23
CA HIS H 212 45.15 46.26 28.09
C HIS H 212 44.19 47.39 28.47
N GLU H 213 43.87 48.24 27.49
CA GLU H 213 42.96 49.37 27.67
C GLU H 213 41.75 48.91 28.46
N ASN H 214 41.04 49.85 29.09
CA ASN H 214 39.85 49.47 29.84
C ASN H 214 38.70 49.23 28.87
N VAL H 215 37.68 48.51 29.32
CA VAL H 215 36.54 48.22 28.47
C VAL H 215 35.25 48.37 29.28
N THR H 216 34.34 49.22 28.81
CA THR H 216 33.08 49.47 29.50
C THR H 216 31.90 48.86 28.78
N LEU H 217 31.03 48.17 29.53
CA LEU H 217 29.85 47.53 28.97
C LEU H 217 28.58 48.20 29.45
N PRO H 218 27.62 48.45 28.54
CA PRO H 218 26.34 49.09 28.92
C PRO H 218 25.57 48.13 29.82
N HIS H 219 24.59 48.65 30.56
CA HIS H 219 23.83 47.81 31.48
C HIS H 219 23.35 46.51 30.79
N GLU H 220 22.89 46.63 29.55
CA GLU H 220 22.38 45.47 28.82
C GLU H 220 23.45 44.41 28.59
N MET H 221 24.56 44.79 27.97
CA MET H 221 25.64 43.85 27.74
C MET H 221 26.07 43.19 29.04
N ALA H 222 26.08 43.96 30.13
CA ALA H 222 26.49 43.45 31.43
C ALA H 222 25.60 42.31 31.90
N HIS H 223 24.32 42.38 31.57
CA HIS H 223 23.40 41.31 31.95
C HIS H 223 23.86 40.01 31.31
N ALA H 224 24.74 40.11 30.33
CA ALA H 224 25.20 38.92 29.61
C ALA H 224 26.58 38.39 29.95
N VAL H 225 27.12 38.78 31.09
CA VAL H 225 28.44 38.30 31.49
C VAL H 225 28.38 37.74 32.91
N LYS H 226 28.75 36.48 33.07
CA LYS H 226 28.75 35.87 34.40
C LYS H 226 30.19 35.75 34.90
N VAL H 227 30.41 36.05 36.18
CA VAL H 227 31.76 35.96 36.75
C VAL H 227 31.71 35.31 38.11
N GLU H 228 32.88 35.05 38.66
CA GLU H 228 33.02 34.43 39.97
C GLU H 228 33.82 35.38 40.84
N LYS H 229 33.26 35.73 42.00
CA LYS H 229 33.93 36.62 42.95
C LYS H 229 35.15 35.88 43.48
N VAL H 230 36.32 36.27 42.98
CA VAL H 230 37.58 35.64 43.38
C VAL H 230 38.72 36.62 43.19
N MET I 1 -11.27 -25.42 -8.67
CA MET I 1 -12.10 -26.41 -7.93
C MET I 1 -11.24 -27.47 -7.23
N ASN I 2 -10.50 -28.24 -8.03
CA ASN I 2 -9.62 -29.30 -7.52
C ASN I 2 -9.01 -30.00 -8.74
N GLU I 3 -7.68 -30.16 -8.74
CA GLU I 3 -6.97 -30.82 -9.83
C GLU I 3 -7.64 -32.15 -10.22
N LEU I 4 -7.71 -33.07 -9.26
CA LEU I 4 -8.29 -34.38 -9.43
C LEU I 4 -9.81 -34.41 -9.48
N VAL I 5 -10.45 -33.33 -9.03
CA VAL I 5 -11.90 -33.23 -8.98
C VAL I 5 -12.39 -33.92 -7.70
N ASP I 6 -11.93 -35.15 -7.49
CA ASP I 6 -12.28 -35.89 -6.28
C ASP I 6 -11.09 -36.78 -5.90
N THR I 7 -10.35 -36.36 -4.87
CA THR I 7 -9.17 -37.07 -4.41
C THR I 7 -9.42 -38.54 -4.14
N THR I 8 -10.33 -38.83 -3.22
CA THR I 8 -10.63 -40.22 -2.85
C THR I 8 -10.83 -41.14 -4.06
N GLU I 9 -11.76 -40.76 -4.93
CA GLU I 9 -12.00 -41.56 -6.12
C GLU I 9 -10.73 -41.78 -6.95
N MET I 10 -9.94 -40.74 -7.21
CA MET I 10 -8.74 -40.93 -7.99
C MET I 10 -7.79 -41.85 -7.29
N TYR I 11 -7.78 -41.84 -5.96
CA TYR I 11 -6.88 -42.74 -5.22
C TYR I 11 -7.35 -44.17 -5.40
N LEU I 12 -8.66 -44.39 -5.28
CA LEU I 12 -9.21 -45.73 -5.46
C LEU I 12 -8.96 -46.27 -6.88
N ARG I 13 -9.18 -45.42 -7.88
CA ARG I 13 -9.00 -45.83 -9.25
C ARG I 13 -7.54 -46.11 -9.53
N THR I 14 -6.64 -45.39 -8.86
CA THR I 14 -5.20 -45.59 -9.06
C THR I 14 -4.78 -46.93 -8.48
N ILE I 15 -5.42 -47.33 -7.38
CA ILE I 15 -5.14 -48.62 -6.76
C ILE I 15 -5.58 -49.68 -7.76
N TYR I 16 -6.76 -49.46 -8.33
CA TYR I 16 -7.35 -50.36 -9.31
C TYR I 16 -6.47 -50.48 -10.55
N ASP I 17 -6.04 -49.33 -11.10
CA ASP I 17 -5.17 -49.30 -12.27
C ASP I 17 -3.91 -50.12 -12.01
N LEU I 18 -3.29 -49.91 -10.85
CA LEU I 18 -2.11 -50.65 -10.48
C LEU I 18 -2.32 -52.17 -10.49
N GLU I 19 -3.46 -52.62 -9.97
CA GLU I 19 -3.74 -54.06 -9.97
C GLU I 19 -3.88 -54.51 -11.43
N GLU I 20 -4.59 -53.70 -12.23
CA GLU I 20 -4.82 -53.99 -13.64
C GLU I 20 -3.50 -54.12 -14.40
N GLU I 21 -2.49 -53.37 -13.98
CA GLU I 21 -1.17 -53.41 -14.61
C GLU I 21 -0.32 -54.55 -14.04
N GLY I 22 -0.80 -55.16 -12.96
CA GLY I 22 -0.06 -56.23 -12.33
C GLY I 22 1.10 -55.75 -11.46
N VAL I 23 1.03 -54.51 -10.96
CA VAL I 23 2.11 -54.01 -10.10
C VAL I 23 1.59 -53.90 -8.67
N THR I 24 2.49 -54.02 -7.70
CA THR I 24 2.10 -53.94 -6.30
C THR I 24 1.65 -52.53 -5.94
N PRO I 25 0.44 -52.40 -5.39
CA PRO I 25 -0.18 -51.13 -4.98
C PRO I 25 0.48 -50.49 -3.77
N LEU I 26 1.53 -49.72 -3.97
CA LEU I 26 2.18 -49.05 -2.86
C LEU I 26 1.80 -47.58 -2.85
N ARG I 27 1.92 -46.95 -1.69
CA ARG I 27 1.57 -45.53 -1.61
C ARG I 27 2.52 -44.73 -2.49
N ALA I 28 3.77 -45.15 -2.53
CA ALA I 28 4.76 -44.48 -3.34
C ALA I 28 4.27 -44.38 -4.76
N ARG I 29 3.66 -45.44 -5.27
CA ARG I 29 3.12 -45.43 -6.64
C ARG I 29 2.10 -44.29 -6.80
N ILE I 30 1.12 -44.24 -5.91
CA ILE I 30 0.09 -43.22 -5.98
C ILE I 30 0.71 -41.83 -6.05
N ALA I 31 1.74 -41.62 -5.24
CA ALA I 31 2.39 -40.33 -5.21
C ALA I 31 2.95 -39.98 -6.58
N GLU I 32 3.62 -40.94 -7.20
CA GLU I 32 4.20 -40.72 -8.53
C GLU I 32 3.12 -40.32 -9.52
N ARG I 33 2.13 -41.19 -9.65
CA ARG I 33 1.03 -40.98 -10.57
C ARG I 33 0.13 -39.76 -10.38
N LEU I 34 -0.14 -39.35 -9.15
CA LEU I 34 -0.99 -38.17 -8.98
C LEU I 34 -0.15 -36.93 -8.67
N ASP I 35 1.17 -37.10 -8.71
CA ASP I 35 2.08 -36.00 -8.43
C ASP I 35 1.80 -35.26 -7.11
N GLN I 36 1.81 -35.99 -6.00
CA GLN I 36 1.62 -35.41 -4.68
C GLN I 36 2.76 -35.94 -3.80
N SER I 37 3.13 -35.18 -2.76
CA SER I 37 4.21 -35.60 -1.89
C SER I 37 3.88 -36.87 -1.11
N GLY I 38 4.92 -37.49 -0.59
CA GLY I 38 4.75 -38.71 0.18
C GLY I 38 3.81 -38.49 1.34
N PRO I 39 4.11 -37.51 2.21
CA PRO I 39 3.28 -37.20 3.35
C PRO I 39 1.81 -37.00 2.97
N THR I 40 1.58 -36.38 1.82
CA THR I 40 0.23 -36.14 1.37
C THR I 40 -0.52 -37.44 1.14
N VAL I 41 0.04 -38.32 0.30
CA VAL I 41 -0.64 -39.58 0.02
C VAL I 41 -0.86 -40.43 1.27
N SER I 42 0.10 -40.40 2.19
CA SER I 42 -0.05 -41.16 3.42
C SER I 42 -1.26 -40.61 4.16
N GLN I 43 -1.18 -39.37 4.59
CA GLN I 43 -2.29 -38.79 5.30
C GLN I 43 -3.61 -39.12 4.62
N THR I 44 -3.68 -38.94 3.31
CA THR I 44 -4.93 -39.21 2.63
C THR I 44 -5.30 -40.67 2.76
N VAL I 45 -4.36 -41.56 2.57
CA VAL I 45 -4.68 -42.98 2.69
C VAL I 45 -5.36 -43.26 4.01
N SER I 46 -4.82 -42.69 5.08
CA SER I 46 -5.40 -42.89 6.38
C SER I 46 -6.85 -42.47 6.34
N ARG I 47 -7.13 -41.24 5.99
CA ARG I 47 -8.52 -40.84 5.95
C ARG I 47 -9.34 -41.95 5.28
N MET I 48 -8.81 -42.51 4.21
CA MET I 48 -9.51 -43.55 3.50
C MET I 48 -9.63 -44.84 4.31
N GLU I 49 -8.54 -45.23 4.98
CA GLU I 49 -8.54 -46.43 5.82
C GLU I 49 -9.56 -46.20 6.92
N ARG I 50 -9.46 -45.04 7.56
CA ARG I 50 -10.37 -44.65 8.62
C ARG I 50 -11.82 -44.74 8.17
N ASP I 51 -12.06 -44.65 6.87
CA ASP I 51 -13.43 -44.74 6.37
C ASP I 51 -13.71 -46.09 5.73
N GLY I 52 -12.82 -47.04 6.00
CA GLY I 52 -12.93 -48.39 5.50
C GLY I 52 -13.03 -48.58 4.00
N LEU I 53 -12.19 -47.87 3.26
CA LEU I 53 -12.19 -47.99 1.81
C LEU I 53 -11.04 -48.89 1.40
N LEU I 54 -10.03 -48.94 2.26
CA LEU I 54 -8.88 -49.78 1.98
C LEU I 54 -8.14 -50.06 3.29
N ARG I 55 -7.11 -50.89 3.23
CA ARG I 55 -6.31 -51.23 4.40
C ARG I 55 -4.86 -51.35 3.97
N VAL I 56 -3.96 -50.91 4.84
CA VAL I 56 -2.56 -51.00 4.54
C VAL I 56 -2.09 -52.30 5.17
N ALA I 57 -1.74 -53.28 4.33
CA ALA I 57 -1.28 -54.59 4.79
C ALA I 57 0.03 -54.59 5.56
N GLY I 58 0.53 -55.78 5.87
CA GLY I 58 1.78 -55.91 6.60
C GLY I 58 2.98 -55.52 5.78
N ASP I 59 3.00 -55.92 4.51
CA ASP I 59 4.10 -55.58 3.63
C ASP I 59 3.92 -54.15 3.15
N ARG I 60 2.82 -53.53 3.58
CA ARG I 60 2.50 -52.15 3.25
C ARG I 60 1.80 -51.96 1.93
N HIS I 61 1.40 -53.03 1.26
CA HIS I 61 0.75 -52.81 0.00
C HIS I 61 -0.68 -52.41 0.33
N LEU I 62 -1.36 -51.74 -0.59
CA LEU I 62 -2.72 -51.29 -0.35
C LEU I 62 -3.74 -52.32 -0.81
N GLU I 63 -4.68 -52.62 0.08
CA GLU I 63 -5.74 -53.59 -0.19
C GLU I 63 -7.09 -52.88 -0.16
N LEU I 64 -7.84 -52.95 -1.26
CA LEU I 64 -9.15 -52.31 -1.30
C LEU I 64 -10.14 -53.16 -0.51
N THR I 65 -10.98 -52.52 0.30
CA THR I 65 -11.98 -53.26 1.07
C THR I 65 -13.20 -53.55 0.19
N GLU I 66 -14.12 -54.35 0.70
CA GLU I 66 -15.34 -54.68 -0.03
C GLU I 66 -15.92 -53.39 -0.64
N LYS I 67 -16.17 -52.42 0.23
CA LYS I 67 -16.72 -51.13 -0.14
C LYS I 67 -15.82 -50.39 -1.12
N GLY I 68 -14.56 -50.23 -0.72
CA GLY I 68 -13.59 -49.54 -1.55
C GLY I 68 -13.56 -50.00 -3.00
N ARG I 69 -13.58 -51.33 -3.20
CA ARG I 69 -13.55 -51.88 -4.54
C ARG I 69 -14.84 -51.61 -5.30
N ALA I 70 -15.97 -51.69 -4.61
CA ALA I 70 -17.26 -51.47 -5.27
C ALA I 70 -17.25 -50.10 -5.92
N LEU I 71 -16.77 -49.11 -5.17
CA LEU I 71 -16.70 -47.73 -5.64
C LEU I 71 -15.66 -47.61 -6.76
N ALA I 72 -14.46 -48.16 -6.53
CA ALA I 72 -13.40 -48.12 -7.54
C ALA I 72 -13.95 -48.57 -8.88
N ILE I 73 -14.61 -49.72 -8.90
CA ILE I 73 -15.21 -50.25 -10.12
C ILE I 73 -16.19 -49.23 -10.70
N ALA I 74 -17.06 -48.73 -9.85
CA ALA I 74 -18.03 -47.75 -10.29
C ALA I 74 -17.33 -46.66 -11.06
N VAL I 75 -16.25 -46.09 -10.52
CA VAL I 75 -15.57 -45.03 -11.23
C VAL I 75 -15.01 -45.49 -12.56
N MET I 76 -14.30 -46.60 -12.54
CA MET I 76 -13.70 -47.11 -13.76
C MET I 76 -14.77 -47.28 -14.83
N ARG I 77 -15.94 -47.73 -14.41
CA ARG I 77 -17.05 -47.95 -15.34
C ARG I 77 -17.49 -46.67 -16.05
N LYS I 78 -17.66 -45.59 -15.27
CA LYS I 78 -18.08 -44.32 -15.83
C LYS I 78 -16.98 -43.81 -16.73
N HIS I 79 -15.75 -43.89 -16.23
CA HIS I 79 -14.61 -43.43 -17.00
C HIS I 79 -14.67 -43.99 -18.41
N ARG I 80 -14.72 -45.31 -18.53
CA ARG I 80 -14.76 -45.95 -19.84
C ARG I 80 -16.02 -45.75 -20.70
N LEU I 81 -17.19 -45.73 -20.11
CA LEU I 81 -18.39 -45.48 -20.89
C LEU I 81 -18.26 -44.08 -21.48
N ALA I 82 -17.66 -43.18 -20.70
CA ALA I 82 -17.45 -41.81 -21.13
C ALA I 82 -16.50 -41.80 -22.30
N GLU I 83 -15.36 -42.46 -22.18
CA GLU I 83 -14.39 -42.49 -23.27
C GLU I 83 -15.13 -42.93 -24.53
N ARG I 84 -16.01 -43.92 -24.37
CA ARG I 84 -16.80 -44.43 -25.49
C ARG I 84 -17.57 -43.26 -26.10
N LEU I 85 -18.46 -42.67 -25.31
CA LEU I 85 -19.29 -41.55 -25.75
C LEU I 85 -18.50 -40.42 -26.40
N LEU I 86 -17.30 -40.15 -25.89
CA LEU I 86 -16.48 -39.07 -26.42
C LEU I 86 -15.98 -39.37 -27.82
N VAL I 87 -15.52 -40.59 -28.03
CA VAL I 87 -15.00 -41.02 -29.32
C VAL I 87 -16.07 -41.27 -30.39
N ASP I 88 -17.02 -42.15 -30.08
CA ASP I 88 -18.09 -42.52 -31.01
C ASP I 88 -19.07 -41.41 -31.35
N VAL I 89 -19.75 -40.87 -30.35
CA VAL I 89 -20.75 -39.81 -30.56
C VAL I 89 -20.22 -38.38 -30.64
N ILE I 90 -19.65 -37.88 -29.54
CA ILE I 90 -19.12 -36.51 -29.50
C ILE I 90 -18.08 -36.27 -30.59
N GLY I 91 -17.36 -37.31 -30.96
CA GLY I 91 -16.36 -37.18 -32.00
C GLY I 91 -15.09 -36.48 -31.55
N LEU I 92 -14.69 -36.67 -30.30
CA LEU I 92 -13.48 -36.06 -29.78
C LEU I 92 -12.31 -36.95 -30.15
N PRO I 93 -11.18 -36.35 -30.58
CA PRO I 93 -9.98 -37.11 -30.95
C PRO I 93 -9.51 -38.11 -29.91
N TRP I 94 -9.08 -39.27 -30.40
CA TRP I 94 -8.64 -40.38 -29.57
C TRP I 94 -7.69 -40.04 -28.44
N GLU I 95 -6.55 -39.44 -28.77
CA GLU I 95 -5.56 -39.10 -27.75
C GLU I 95 -5.99 -37.93 -26.84
N GLU I 96 -7.29 -37.69 -26.75
CA GLU I 96 -7.80 -36.60 -25.91
C GLU I 96 -8.96 -37.02 -25.01
N VAL I 97 -9.63 -38.11 -25.35
CA VAL I 97 -10.77 -38.58 -24.57
C VAL I 97 -10.39 -39.03 -23.17
N HIS I 98 -9.26 -39.71 -23.02
CA HIS I 98 -8.88 -40.16 -21.69
C HIS I 98 -8.82 -39.03 -20.64
N ALA I 99 -8.15 -37.94 -20.98
CA ALA I 99 -8.02 -36.82 -20.08
C ALA I 99 -9.36 -36.16 -19.79
N GLU I 100 -10.27 -36.22 -20.75
CA GLU I 100 -11.58 -35.62 -20.57
C GLU I 100 -12.36 -36.49 -19.62
N ALA I 101 -12.36 -37.79 -19.90
CA ALA I 101 -13.09 -38.72 -19.07
C ALA I 101 -12.50 -38.83 -17.66
N CYS I 102 -11.21 -38.51 -17.50
CA CYS I 102 -10.60 -38.61 -16.17
C CYS I 102 -11.24 -37.57 -15.24
N ARG I 103 -12.07 -36.69 -15.82
CA ARG I 103 -12.78 -35.67 -15.06
C ARG I 103 -14.27 -36.03 -14.98
N TRP I 104 -14.82 -36.47 -16.11
CA TRP I 104 -16.23 -36.83 -16.20
C TRP I 104 -16.55 -38.00 -15.30
N GLU I 105 -15.56 -38.85 -15.11
CA GLU I 105 -15.75 -40.03 -14.29
C GLU I 105 -16.18 -39.67 -12.88
N HIS I 106 -15.95 -38.43 -12.47
CA HIS I 106 -16.33 -38.03 -11.12
C HIS I 106 -17.66 -37.27 -11.02
N VAL I 107 -18.41 -37.16 -12.12
CA VAL I 107 -19.69 -36.47 -12.05
C VAL I 107 -20.82 -37.17 -12.76
N MET I 108 -20.52 -38.19 -13.55
CA MET I 108 -21.58 -38.92 -14.26
C MET I 108 -22.48 -39.65 -13.27
N SER I 109 -23.79 -39.46 -13.40
CA SER I 109 -24.74 -40.12 -12.50
C SER I 109 -24.91 -41.56 -12.96
N GLU I 110 -25.43 -42.42 -12.09
CA GLU I 110 -25.61 -43.82 -12.45
C GLU I 110 -26.69 -43.94 -13.51
N ASP I 111 -27.59 -42.96 -13.58
CA ASP I 111 -28.64 -42.98 -14.60
C ASP I 111 -28.03 -42.76 -15.98
N VAL I 112 -27.34 -41.65 -16.15
CA VAL I 112 -26.71 -41.36 -17.43
C VAL I 112 -25.91 -42.56 -17.92
N GLU I 113 -25.31 -43.31 -16.98
CA GLU I 113 -24.53 -44.50 -17.33
C GLU I 113 -25.41 -45.48 -18.08
N ARG I 114 -26.48 -45.90 -17.42
CA ARG I 114 -27.44 -46.83 -17.99
C ARG I 114 -27.85 -46.39 -19.39
N ARG I 115 -28.33 -45.15 -19.51
CA ARG I 115 -28.74 -44.65 -20.81
C ARG I 115 -27.62 -44.67 -21.82
N LEU I 116 -26.38 -44.42 -21.37
CA LEU I 116 -25.25 -44.45 -22.28
C LEU I 116 -25.06 -45.87 -22.80
N VAL I 117 -25.39 -46.84 -21.96
CA VAL I 117 -25.28 -48.23 -22.34
C VAL I 117 -26.17 -48.53 -23.52
N LYS I 118 -27.39 -48.01 -23.49
CA LYS I 118 -28.35 -48.22 -24.58
C LYS I 118 -28.00 -47.45 -25.83
N VAL I 119 -27.43 -46.27 -25.66
CA VAL I 119 -27.05 -45.42 -26.78
C VAL I 119 -25.80 -45.91 -27.52
N LEU I 120 -24.98 -46.73 -26.89
CA LEU I 120 -23.76 -47.21 -27.53
C LEU I 120 -23.87 -48.68 -27.91
N ASN I 121 -25.04 -49.25 -27.66
CA ASN I 121 -25.33 -50.65 -27.95
C ASN I 121 -24.60 -51.63 -27.05
N ASN I 122 -24.82 -51.50 -25.76
CA ASN I 122 -24.21 -52.39 -24.78
C ASN I 122 -22.72 -52.61 -24.99
N PRO I 123 -21.94 -51.54 -25.13
CA PRO I 123 -20.50 -51.73 -25.33
C PRO I 123 -19.90 -52.57 -24.19
N THR I 124 -18.69 -53.06 -24.40
CA THR I 124 -18.06 -53.89 -23.40
C THR I 124 -16.60 -53.51 -23.17
N THR I 125 -16.12 -52.55 -23.94
CA THR I 125 -14.74 -52.11 -23.81
C THR I 125 -14.64 -50.62 -24.12
N SER I 126 -13.45 -50.07 -23.92
CA SER I 126 -13.21 -48.66 -24.17
C SER I 126 -12.53 -48.55 -25.52
N PRO I 127 -12.34 -47.33 -26.04
CA PRO I 127 -11.69 -47.11 -27.34
C PRO I 127 -10.24 -47.59 -27.27
N PHE I 128 -9.85 -48.09 -26.10
CA PHE I 128 -8.50 -48.55 -25.92
C PHE I 128 -8.46 -50.03 -25.64
N GLY I 129 -9.64 -50.66 -25.59
CA GLY I 129 -9.67 -52.10 -25.39
C GLY I 129 -9.89 -52.67 -24.01
N ASN I 130 -9.92 -51.82 -22.99
CA ASN I 130 -10.12 -52.34 -21.65
C ASN I 130 -11.60 -52.57 -21.44
N PRO I 131 -11.95 -53.69 -20.77
CA PRO I 131 -13.35 -54.06 -20.48
C PRO I 131 -13.99 -53.13 -19.49
N ILE I 132 -15.26 -52.82 -19.71
CA ILE I 132 -16.00 -51.94 -18.82
C ILE I 132 -16.46 -52.81 -17.65
N PRO I 133 -15.94 -52.56 -16.45
CA PRO I 133 -16.29 -53.32 -15.24
C PRO I 133 -17.66 -53.01 -14.67
N GLY I 134 -18.01 -53.70 -13.59
CA GLY I 134 -19.27 -53.50 -12.90
C GLY I 134 -20.49 -53.20 -13.77
N LEU I 135 -20.58 -53.82 -14.93
CA LEU I 135 -21.72 -53.57 -15.79
C LEU I 135 -23.01 -54.22 -15.32
N ASP I 136 -22.91 -55.35 -14.62
CA ASP I 136 -24.12 -56.00 -14.13
C ASP I 136 -24.65 -55.31 -12.87
N GLU I 137 -23.75 -54.92 -11.98
CA GLU I 137 -24.16 -54.23 -10.75
C GLU I 137 -24.93 -53.01 -11.18
N LEU I 138 -24.66 -52.56 -12.39
CA LEU I 138 -25.30 -51.38 -12.94
C LEU I 138 -26.73 -51.74 -13.34
N GLY I 139 -26.88 -52.84 -14.04
CA GLY I 139 -28.19 -53.27 -14.48
C GLY I 139 -28.23 -53.72 -15.93
N VAL I 140 -27.24 -54.52 -16.35
CA VAL I 140 -27.14 -55.02 -17.72
C VAL I 140 -26.08 -56.12 -17.83
N GLY I 141 -25.26 -56.06 -18.88
CA GLY I 141 -24.20 -57.03 -19.08
C GLY I 141 -24.65 -58.45 -19.37
N LEU I 151 -3.94 -64.27 -23.92
CA LEU I 151 -3.75 -62.84 -23.65
C LEU I 151 -2.67 -62.56 -22.60
N VAL I 152 -1.58 -61.92 -23.03
CA VAL I 152 -0.50 -61.63 -22.10
C VAL I 152 -0.20 -60.15 -21.98
N ARG I 153 0.78 -59.85 -21.13
CA ARG I 153 1.20 -58.49 -20.87
C ARG I 153 2.66 -58.40 -21.37
N LEU I 154 2.97 -57.35 -22.12
CA LEU I 154 4.31 -57.13 -22.68
C LEU I 154 5.50 -57.49 -21.77
N THR I 155 5.29 -57.42 -20.46
CA THR I 155 6.35 -57.75 -19.52
C THR I 155 6.47 -59.26 -19.41
N GLU I 156 5.34 -59.96 -19.54
CA GLU I 156 5.33 -61.40 -19.47
C GLU I 156 5.76 -62.06 -20.79
N LEU I 157 6.51 -61.33 -21.63
CA LEU I 157 6.95 -61.85 -22.91
C LEU I 157 8.43 -62.21 -22.86
N PRO I 158 8.77 -63.45 -23.23
CA PRO I 158 10.16 -63.93 -23.23
C PRO I 158 11.09 -63.12 -24.12
N ALA I 159 12.34 -62.96 -23.69
CA ALA I 159 13.33 -62.21 -24.44
C ALA I 159 13.97 -63.07 -25.52
N GLY I 160 14.85 -62.45 -26.30
CA GLY I 160 15.52 -63.17 -27.37
C GLY I 160 15.13 -62.67 -28.75
N SER I 161 14.34 -63.47 -29.44
CA SER I 161 13.89 -63.13 -30.79
C SER I 161 12.51 -62.48 -30.80
N PRO I 162 12.30 -61.48 -31.69
CA PRO I 162 11.03 -60.76 -31.82
C PRO I 162 9.85 -61.69 -31.84
N VAL I 163 8.66 -61.15 -31.64
CA VAL I 163 7.43 -61.94 -31.64
C VAL I 163 6.31 -61.12 -32.23
N ALA I 164 5.54 -61.75 -33.10
CA ALA I 164 4.41 -61.08 -33.74
C ALA I 164 3.25 -61.21 -32.78
N VAL I 165 2.59 -60.09 -32.53
CA VAL I 165 1.45 -60.06 -31.63
C VAL I 165 0.50 -58.99 -32.11
N VAL I 166 -0.71 -58.99 -31.55
CA VAL I 166 -1.71 -58.01 -31.92
C VAL I 166 -2.15 -57.23 -30.68
N VAL I 167 -1.88 -55.93 -30.69
CA VAL I 167 -2.24 -55.05 -29.57
C VAL I 167 -3.71 -55.20 -29.21
N ARG I 168 -3.97 -55.59 -27.96
CA ARG I 168 -5.33 -55.77 -27.45
C ARG I 168 -5.80 -54.70 -26.44
N GLN I 169 -4.91 -54.28 -25.54
CA GLN I 169 -5.25 -53.27 -24.54
C GLN I 169 -4.17 -52.23 -24.27
N LEU I 170 -4.62 -51.04 -23.88
CA LEU I 170 -3.75 -49.94 -23.51
C LEU I 170 -4.38 -49.38 -22.24
N THR I 171 -4.00 -49.96 -21.09
CA THR I 171 -4.54 -49.56 -19.80
C THR I 171 -4.27 -48.12 -19.45
N GLU I 172 -5.18 -47.57 -18.66
CA GLU I 172 -5.13 -46.18 -18.25
C GLU I 172 -3.73 -45.62 -18.04
N HIS I 173 -2.84 -46.38 -17.42
CA HIS I 173 -1.51 -45.83 -17.19
C HIS I 173 -0.86 -45.25 -18.43
N VAL I 174 -0.95 -45.96 -19.56
CA VAL I 174 -0.35 -45.47 -20.79
C VAL I 174 -1.10 -44.27 -21.33
N GLN I 175 -2.42 -44.31 -21.19
CA GLN I 175 -3.29 -43.22 -21.63
C GLN I 175 -2.86 -41.94 -20.93
N GLY I 176 -2.22 -42.11 -19.78
CA GLY I 176 -1.79 -40.97 -18.98
C GLY I 176 -0.74 -40.15 -19.68
N ASP I 177 0.35 -40.79 -20.09
CA ASP I 177 1.41 -40.09 -20.79
C ASP I 177 0.91 -39.72 -22.17
N ILE I 178 0.33 -38.53 -22.27
CA ILE I 178 -0.24 -38.06 -23.52
C ILE I 178 0.76 -38.05 -24.68
N ASP I 179 1.99 -37.63 -24.41
CA ASP I 179 3.02 -37.59 -25.44
C ASP I 179 3.19 -38.97 -26.09
N LEU I 180 3.17 -40.00 -25.26
CA LEU I 180 3.32 -41.37 -25.73
C LEU I 180 2.07 -41.94 -26.39
N ILE I 181 0.90 -41.67 -25.81
CA ILE I 181 -0.34 -42.18 -26.38
C ILE I 181 -0.53 -41.56 -27.75
N THR I 182 0.10 -40.42 -27.98
CA THR I 182 0.01 -39.75 -29.26
C THR I 182 0.92 -40.47 -30.25
N ARG I 183 2.18 -40.66 -29.87
CA ARG I 183 3.13 -41.35 -30.73
C ARG I 183 2.56 -42.72 -31.12
N LEU I 184 1.99 -43.42 -30.15
CA LEU I 184 1.42 -44.74 -30.42
C LEU I 184 0.33 -44.67 -31.48
N LYS I 185 -0.43 -43.59 -31.48
CA LYS I 185 -1.49 -43.45 -32.47
C LYS I 185 -0.85 -43.22 -33.84
N ASP I 186 0.13 -42.32 -33.89
CA ASP I 186 0.83 -42.04 -35.14
C ASP I 186 1.47 -43.29 -35.74
N ALA I 187 2.01 -44.13 -34.88
CA ALA I 187 2.66 -45.36 -35.35
C ALA I 187 1.65 -46.50 -35.48
N GLY I 188 0.36 -46.16 -35.39
CA GLY I 188 -0.68 -47.16 -35.53
C GLY I 188 -0.83 -48.20 -34.42
N VAL I 189 0.08 -48.19 -33.44
CA VAL I 189 0.01 -49.15 -32.34
C VAL I 189 -1.25 -48.96 -31.53
N VAL I 190 -2.32 -49.62 -31.94
CA VAL I 190 -3.60 -49.51 -31.27
C VAL I 190 -4.32 -50.85 -31.34
N PRO I 191 -5.45 -50.99 -30.64
CA PRO I 191 -6.20 -52.26 -30.67
C PRO I 191 -6.38 -52.86 -32.06
N ASN I 192 -6.22 -54.19 -32.15
CA ASN I 192 -6.33 -54.92 -33.40
C ASN I 192 -5.31 -54.39 -34.39
N ALA I 193 -4.05 -54.52 -34.04
CA ALA I 193 -2.95 -54.07 -34.89
C ALA I 193 -1.79 -55.05 -34.78
N ARG I 194 -1.44 -55.68 -35.90
CA ARG I 194 -0.35 -56.63 -35.92
C ARG I 194 0.95 -55.87 -35.87
N VAL I 195 1.80 -56.27 -34.92
CA VAL I 195 3.07 -55.62 -34.75
C VAL I 195 3.99 -56.60 -34.02
N THR I 196 5.29 -56.34 -34.05
CA THR I 196 6.23 -57.22 -33.36
C THR I 196 6.93 -56.49 -32.22
N VAL I 197 7.20 -57.23 -31.16
CA VAL I 197 7.84 -56.68 -29.97
C VAL I 197 9.02 -57.52 -29.53
N GLU I 198 10.09 -56.86 -29.11
CA GLU I 198 11.29 -57.56 -28.64
C GLU I 198 11.78 -56.97 -27.33
N THR I 199 12.11 -57.84 -26.38
CA THR I 199 12.59 -57.42 -25.06
C THR I 199 13.93 -56.71 -25.10
N THR I 200 13.95 -55.47 -24.60
CA THR I 200 15.19 -54.68 -24.56
C THR I 200 16.07 -55.11 -23.37
N PRO I 201 17.34 -54.65 -23.33
CA PRO I 201 18.22 -55.05 -22.22
C PRO I 201 17.65 -54.63 -20.87
N GLY I 202 17.26 -53.36 -20.76
CA GLY I 202 16.71 -52.86 -19.50
C GLY I 202 15.27 -53.23 -19.24
N GLY I 203 14.96 -54.53 -19.25
CA GLY I 203 13.60 -54.97 -19.00
C GLY I 203 12.53 -54.25 -19.78
N GLY I 204 12.93 -53.40 -20.72
CA GLY I 204 11.98 -52.65 -21.53
C GLY I 204 11.43 -53.48 -22.68
N VAL I 205 10.84 -52.81 -23.67
CA VAL I 205 10.26 -53.49 -24.82
C VAL I 205 10.26 -52.56 -26.05
N THR I 206 10.58 -53.13 -27.20
CA THR I 206 10.63 -52.37 -28.45
C THR I 206 9.57 -52.87 -29.42
N ILE I 207 8.71 -51.96 -29.85
CA ILE I 207 7.64 -52.28 -30.78
C ILE I 207 8.08 -51.92 -32.20
N VAL I 208 8.00 -52.89 -33.10
CA VAL I 208 8.37 -52.68 -34.50
C VAL I 208 7.13 -52.64 -35.39
N ILE I 209 6.75 -51.43 -35.79
CA ILE I 209 5.57 -51.23 -36.62
C ILE I 209 5.91 -51.17 -38.10
N PRO I 210 5.39 -52.14 -38.90
CA PRO I 210 5.65 -52.15 -40.34
C PRO I 210 5.17 -50.88 -41.00
N GLY I 211 6.11 -50.00 -41.30
CA GLY I 211 5.79 -48.74 -41.94
C GLY I 211 6.21 -47.50 -41.18
N HIS I 212 6.06 -47.51 -39.85
CA HIS I 212 6.42 -46.34 -39.06
C HIS I 212 7.64 -46.55 -38.18
N GLU I 213 8.24 -45.46 -37.72
CA GLU I 213 9.42 -45.49 -36.85
C GLU I 213 9.20 -46.47 -35.72
N ASN I 214 10.27 -46.95 -35.10
CA ASN I 214 10.09 -47.88 -33.99
C ASN I 214 9.69 -47.11 -32.74
N VAL I 215 9.15 -47.82 -31.75
CA VAL I 215 8.73 -47.17 -30.52
C VAL I 215 9.10 -48.09 -29.37
N THR I 216 9.84 -47.56 -28.39
CA THR I 216 10.27 -48.34 -27.24
C THR I 216 9.60 -47.89 -25.95
N LEU I 217 9.10 -48.85 -25.19
CA LEU I 217 8.42 -48.57 -23.92
C LEU I 217 9.26 -49.04 -22.74
N PRO I 218 9.35 -48.21 -21.68
CA PRO I 218 10.12 -48.56 -20.48
C PRO I 218 9.40 -49.74 -19.80
N HIS I 219 10.09 -50.44 -18.91
CA HIS I 219 9.47 -51.57 -18.23
C HIS I 219 8.10 -51.25 -17.63
N GLU I 220 7.97 -50.07 -17.00
CA GLU I 220 6.70 -49.65 -16.38
C GLU I 220 5.53 -49.53 -17.39
N MET I 221 5.75 -48.76 -18.46
CA MET I 221 4.73 -48.57 -19.49
C MET I 221 4.34 -49.93 -20.09
N ALA I 222 5.33 -50.78 -20.27
CA ALA I 222 5.08 -52.11 -20.82
C ALA I 222 4.05 -52.84 -19.94
N HIS I 223 4.22 -52.77 -18.63
CA HIS I 223 3.31 -53.43 -17.72
C HIS I 223 1.89 -53.06 -18.10
N ALA I 224 1.74 -51.91 -18.76
CA ALA I 224 0.40 -51.42 -19.11
C ALA I 224 -0.14 -51.73 -20.51
N VAL I 225 0.47 -52.68 -21.22
CA VAL I 225 0.01 -53.03 -22.55
C VAL I 225 -0.22 -54.54 -22.64
N LYS I 226 -1.44 -54.94 -23.02
CA LYS I 226 -1.75 -56.36 -23.15
C LYS I 226 -1.87 -56.71 -24.63
N VAL I 227 -1.33 -57.86 -25.02
CA VAL I 227 -1.37 -58.30 -26.41
C VAL I 227 -1.76 -59.77 -26.52
N GLU I 228 -1.95 -60.23 -27.76
CA GLU I 228 -2.30 -61.61 -28.03
C GLU I 228 -1.26 -62.21 -28.95
N LYS I 229 -0.60 -63.27 -28.48
CA LYS I 229 0.43 -63.94 -29.28
C LYS I 229 -0.23 -64.48 -30.53
N VAL I 230 -0.03 -63.78 -31.63
CA VAL I 230 -0.59 -64.17 -32.92
C VAL I 230 0.28 -63.66 -34.07
N MET J 1 -16.57 -35.57 -2.77
CA MET J 1 -15.75 -34.57 -3.50
C MET J 1 -16.11 -33.13 -3.12
N ASN J 2 -17.36 -32.75 -3.35
CA ASN J 2 -17.89 -31.41 -3.06
C ASN J 2 -19.30 -31.31 -3.65
N GLU J 3 -20.26 -30.86 -2.84
CA GLU J 3 -21.67 -30.71 -3.26
C GLU J 3 -21.80 -29.97 -4.59
N LEU J 4 -21.26 -28.76 -4.62
CA LEU J 4 -21.28 -27.89 -5.78
C LEU J 4 -20.29 -28.31 -6.86
N VAL J 5 -19.27 -29.05 -6.46
CA VAL J 5 -18.22 -29.51 -7.36
C VAL J 5 -17.19 -28.42 -7.44
N ASP J 6 -17.66 -27.20 -7.67
CA ASP J 6 -16.77 -26.03 -7.72
C ASP J 6 -17.50 -24.82 -7.13
N THR J 7 -17.16 -24.45 -5.91
CA THR J 7 -17.81 -23.33 -5.24
C THR J 7 -17.81 -22.03 -6.03
N THR J 8 -16.63 -21.55 -6.38
CA THR J 8 -16.50 -20.31 -7.13
C THR J 8 -17.42 -20.26 -8.36
N GLU J 9 -17.31 -21.26 -9.24
CA GLU J 9 -18.16 -21.27 -10.40
C GLU J 9 -19.64 -21.18 -10.06
N MET J 10 -20.14 -21.99 -9.12
CA MET J 10 -21.56 -21.93 -8.75
C MET J 10 -21.96 -20.59 -8.19
N TYR J 11 -21.06 -19.92 -7.49
CA TYR J 11 -21.40 -18.59 -6.97
C TYR J 11 -21.54 -17.65 -8.18
N LEU J 12 -20.61 -17.74 -9.12
CA LEU J 12 -20.65 -16.91 -10.31
C LEU J 12 -21.94 -17.15 -11.08
N ARG J 13 -22.24 -18.41 -11.36
CA ARG J 13 -23.45 -18.71 -12.11
C ARG J 13 -24.73 -18.28 -11.37
N THR J 14 -24.71 -18.32 -10.05
CA THR J 14 -25.89 -17.93 -9.29
C THR J 14 -26.11 -16.45 -9.51
N ILE J 15 -25.01 -15.68 -9.50
CA ILE J 15 -25.04 -14.24 -9.70
C ILE J 15 -25.66 -14.00 -11.07
N TYR J 16 -25.14 -14.70 -12.05
CA TYR J 16 -25.63 -14.61 -13.42
C TYR J 16 -27.12 -14.93 -13.47
N ASP J 17 -27.50 -16.07 -12.91
CA ASP J 17 -28.91 -16.48 -12.88
C ASP J 17 -29.81 -15.39 -12.31
N LEU J 18 -29.38 -14.80 -11.20
CA LEU J 18 -30.17 -13.75 -10.57
C LEU J 18 -30.42 -12.59 -11.52
N GLU J 19 -29.38 -12.19 -12.27
CA GLU J 19 -29.50 -11.09 -13.24
C GLU J 19 -30.49 -11.49 -14.33
N GLU J 20 -30.37 -12.73 -14.77
CA GLU J 20 -31.25 -13.27 -15.81
C GLU J 20 -32.71 -13.23 -15.34
N GLU J 21 -32.91 -13.37 -14.03
CA GLU J 21 -34.24 -13.35 -13.44
C GLU J 21 -34.70 -11.94 -13.14
N GLY J 22 -33.77 -11.00 -13.23
CA GLY J 22 -34.12 -9.62 -12.95
C GLY J 22 -34.24 -9.29 -11.48
N VAL J 23 -33.60 -10.07 -10.61
CA VAL J 23 -33.65 -9.78 -9.18
C VAL J 23 -32.28 -9.27 -8.74
N THR J 24 -32.26 -8.44 -7.69
CA THR J 24 -31.00 -7.88 -7.22
C THR J 24 -30.09 -8.93 -6.61
N PRO J 25 -28.88 -9.07 -7.17
CA PRO J 25 -27.84 -10.03 -6.75
C PRO J 25 -27.27 -9.77 -5.36
N LEU J 26 -27.97 -10.18 -4.31
CA LEU J 26 -27.47 -9.98 -2.97
C LEU J 26 -26.83 -11.24 -2.46
N ARG J 27 -25.99 -11.11 -1.46
CA ARG J 27 -25.35 -12.29 -0.91
C ARG J 27 -26.42 -13.20 -0.30
N ALA J 28 -27.39 -12.59 0.38
CA ALA J 28 -28.47 -13.35 0.99
C ALA J 28 -29.10 -14.30 -0.02
N ARG J 29 -29.20 -13.88 -1.28
CA ARG J 29 -29.79 -14.76 -2.30
C ARG J 29 -28.94 -16.01 -2.42
N ILE J 30 -27.65 -15.81 -2.63
CA ILE J 30 -26.75 -16.91 -2.82
C ILE J 30 -26.92 -17.93 -1.72
N ALA J 31 -26.96 -17.47 -0.48
CA ALA J 31 -27.11 -18.40 0.62
C ALA J 31 -28.39 -19.22 0.50
N GLU J 32 -29.49 -18.58 0.17
CA GLU J 32 -30.75 -19.30 0.03
C GLU J 32 -30.60 -20.38 -1.03
N ARG J 33 -30.22 -19.95 -2.23
CA ARG J 33 -30.06 -20.84 -3.36
C ARG J 33 -29.05 -21.97 -3.23
N LEU J 34 -27.91 -21.71 -2.60
CA LEU J 34 -26.90 -22.76 -2.46
C LEU J 34 -26.97 -23.42 -1.10
N ASP J 35 -27.95 -23.03 -0.31
CA ASP J 35 -28.12 -23.58 1.03
C ASP J 35 -26.82 -23.58 1.87
N GLN J 36 -26.27 -22.39 2.12
CA GLN J 36 -25.06 -22.21 2.91
C GLN J 36 -25.31 -21.04 3.83
N SER J 37 -24.69 -21.05 5.00
CA SER J 37 -24.88 -19.98 5.97
C SER J 37 -24.39 -18.61 5.50
N GLY J 38 -24.91 -17.56 6.15
CA GLY J 38 -24.56 -16.20 5.80
C GLY J 38 -23.07 -15.93 5.88
N PRO J 39 -22.44 -16.32 6.99
CA PRO J 39 -21.00 -16.13 7.18
C PRO J 39 -20.23 -16.79 6.03
N THR J 40 -20.68 -17.98 5.65
CA THR J 40 -20.04 -18.72 4.58
C THR J 40 -20.08 -17.94 3.28
N VAL J 41 -21.25 -17.62 2.77
CA VAL J 41 -21.30 -16.90 1.51
C VAL J 41 -20.51 -15.59 1.55
N SER J 42 -20.51 -14.93 2.71
CA SER J 42 -19.77 -13.68 2.83
C SER J 42 -18.30 -13.93 2.63
N GLN J 43 -17.74 -14.78 3.48
CA GLN J 43 -16.33 -15.12 3.40
C GLN J 43 -15.93 -15.58 1.98
N THR J 44 -16.76 -16.42 1.35
CA THR J 44 -16.44 -16.91 0.01
C THR J 44 -16.50 -15.78 -1.01
N VAL J 45 -17.42 -14.85 -0.80
CA VAL J 45 -17.50 -13.73 -1.71
C VAL J 45 -16.16 -13.01 -1.65
N SER J 46 -15.70 -12.71 -0.44
CA SER J 46 -14.42 -12.05 -0.23
C SER J 46 -13.33 -12.71 -1.04
N ARG J 47 -13.06 -13.98 -0.79
CA ARG J 47 -12.02 -14.66 -1.56
C ARG J 47 -12.23 -14.31 -3.02
N MET J 48 -13.49 -14.27 -3.45
CA MET J 48 -13.81 -13.98 -4.85
C MET J 48 -13.47 -12.54 -5.23
N GLU J 49 -13.79 -11.60 -4.34
CA GLU J 49 -13.51 -10.18 -4.57
C GLU J 49 -12.00 -10.05 -4.64
N ARG J 50 -11.35 -10.56 -3.60
CA ARG J 50 -9.91 -10.55 -3.50
C ARG J 50 -9.26 -11.08 -4.79
N ASP J 51 -9.97 -11.90 -5.56
CA ASP J 51 -9.38 -12.45 -6.78
C ASP J 51 -9.96 -11.75 -7.99
N GLY J 52 -10.57 -10.60 -7.74
CA GLY J 52 -11.16 -9.79 -8.79
C GLY J 52 -12.13 -10.49 -9.71
N LEU J 53 -13.13 -11.15 -9.12
CA LEU J 53 -14.13 -11.84 -9.92
C LEU J 53 -15.44 -11.08 -9.77
N LEU J 54 -15.53 -10.33 -8.68
CA LEU J 54 -16.72 -9.55 -8.41
C LEU J 54 -16.46 -8.45 -7.38
N ARG J 55 -17.39 -7.51 -7.27
CA ARG J 55 -17.26 -6.40 -6.32
C ARG J 55 -18.58 -6.18 -5.61
N VAL J 56 -18.53 -5.91 -4.31
CA VAL J 56 -19.72 -5.65 -3.55
C VAL J 56 -19.89 -4.13 -3.59
N ALA J 57 -20.90 -3.67 -4.31
CA ALA J 57 -21.17 -2.24 -4.46
C ALA J 57 -21.62 -1.54 -3.18
N GLY J 58 -22.00 -0.28 -3.31
CA GLY J 58 -22.42 0.50 -2.17
C GLY J 58 -23.69 -0.01 -1.49
N ASP J 59 -24.68 -0.33 -2.30
CA ASP J 59 -25.95 -0.83 -1.78
C ASP J 59 -25.81 -2.29 -1.36
N ARG J 60 -24.62 -2.84 -1.58
CA ARG J 60 -24.29 -4.21 -1.23
C ARG J 60 -24.68 -5.27 -2.27
N HIS J 61 -25.10 -4.85 -3.46
CA HIS J 61 -25.45 -5.84 -4.47
C HIS J 61 -24.16 -6.32 -5.11
N LEU J 62 -24.17 -7.53 -5.67
CA LEU J 62 -22.96 -8.10 -6.24
C LEU J 62 -22.80 -7.77 -7.71
N GLU J 63 -21.61 -7.28 -8.07
CA GLU J 63 -21.31 -6.88 -9.43
C GLU J 63 -20.18 -7.75 -10.00
N LEU J 64 -20.43 -8.44 -11.11
CA LEU J 64 -19.39 -9.27 -11.70
C LEU J 64 -18.36 -8.42 -12.43
N THR J 65 -17.08 -8.67 -12.20
CA THR J 65 -16.05 -7.89 -12.88
C THR J 65 -15.93 -8.37 -14.31
N GLU J 66 -15.09 -7.69 -15.08
CA GLU J 66 -14.84 -8.05 -16.48
C GLU J 66 -14.54 -9.56 -16.56
N LYS J 67 -13.61 -9.98 -15.71
CA LYS J 67 -13.14 -11.37 -15.62
C LYS J 67 -14.24 -12.31 -15.13
N GLY J 68 -14.82 -11.96 -13.98
CA GLY J 68 -15.88 -12.77 -13.41
C GLY J 68 -16.99 -13.10 -14.38
N ARG J 69 -17.46 -12.10 -15.12
CA ARG J 69 -18.53 -12.30 -16.08
C ARG J 69 -18.10 -13.20 -17.23
N ALA J 70 -16.86 -13.10 -17.65
CA ALA J 70 -16.37 -13.93 -18.75
C ALA J 70 -16.50 -15.40 -18.37
N LEU J 71 -16.09 -15.72 -17.15
CA LEU J 71 -16.14 -17.09 -16.62
C LEU J 71 -17.59 -17.54 -16.44
N ALA J 72 -18.35 -16.72 -15.71
CA ALA J 72 -19.75 -17.03 -15.47
C ALA J 72 -20.42 -17.46 -16.77
N ILE J 73 -20.15 -16.73 -17.85
CA ILE J 73 -20.73 -17.05 -19.14
C ILE J 73 -20.23 -18.41 -19.59
N ALA J 74 -18.92 -18.62 -19.46
CA ALA J 74 -18.33 -19.88 -19.87
C ALA J 74 -19.07 -21.07 -19.26
N VAL J 75 -19.34 -20.96 -17.96
CA VAL J 75 -20.04 -22.03 -17.24
C VAL J 75 -21.43 -22.20 -17.78
N MET J 76 -22.18 -21.10 -17.86
CA MET J 76 -23.55 -21.17 -18.34
C MET J 76 -23.61 -21.79 -19.74
N ARG J 77 -22.61 -21.51 -20.56
CA ARG J 77 -22.55 -22.03 -21.92
C ARG J 77 -22.45 -23.56 -21.91
N LYS J 78 -21.52 -24.06 -21.09
CA LYS J 78 -21.29 -25.49 -20.95
C LYS J 78 -22.54 -26.13 -20.38
N HIS J 79 -23.11 -25.48 -19.37
CA HIS J 79 -24.31 -25.99 -18.73
C HIS J 79 -25.37 -26.29 -19.77
N ARG J 80 -25.74 -25.26 -20.54
CA ARG J 80 -26.78 -25.41 -21.55
C ARG J 80 -26.47 -26.31 -22.73
N LEU J 81 -25.22 -26.30 -23.19
CA LEU J 81 -24.87 -27.20 -24.29
C LEU J 81 -25.04 -28.61 -23.78
N ALA J 82 -24.78 -28.80 -22.48
CA ALA J 82 -24.89 -30.11 -21.83
C ALA J 82 -26.33 -30.57 -21.78
N GLU J 83 -27.19 -29.72 -21.23
CA GLU J 83 -28.60 -30.07 -21.13
C GLU J 83 -29.09 -30.50 -22.54
N ARG J 84 -28.59 -29.82 -23.56
CA ARG J 84 -28.92 -30.08 -24.96
C ARG J 84 -28.48 -31.50 -25.35
N LEU J 85 -27.23 -31.83 -25.06
CA LEU J 85 -26.68 -33.15 -25.35
C LEU J 85 -27.41 -34.25 -24.59
N LEU J 86 -27.76 -33.97 -23.34
CA LEU J 86 -28.45 -34.92 -22.48
C LEU J 86 -29.84 -35.31 -22.99
N VAL J 87 -30.61 -34.31 -23.40
CA VAL J 87 -31.95 -34.53 -23.90
C VAL J 87 -31.98 -35.11 -25.30
N ASP J 88 -31.29 -34.44 -26.23
CA ASP J 88 -31.25 -34.87 -27.62
C ASP J 88 -30.55 -36.20 -27.92
N VAL J 89 -29.28 -36.31 -27.57
CA VAL J 89 -28.52 -37.52 -27.85
C VAL J 89 -28.59 -38.61 -26.79
N ILE J 90 -28.17 -38.29 -25.58
CA ILE J 90 -28.17 -39.26 -24.48
C ILE J 90 -29.58 -39.81 -24.27
N GLY J 91 -30.57 -38.93 -24.38
CA GLY J 91 -31.95 -39.33 -24.19
C GLY J 91 -32.37 -39.36 -22.73
N LEU J 92 -31.75 -38.52 -21.91
CA LEU J 92 -32.08 -38.47 -20.50
C LEU J 92 -33.35 -37.63 -20.33
N PRO J 93 -34.32 -38.10 -19.51
CA PRO J 93 -35.57 -37.37 -19.28
C PRO J 93 -35.41 -35.89 -18.98
N TRP J 94 -36.35 -35.10 -19.49
CA TRP J 94 -36.36 -33.64 -19.36
C TRP J 94 -36.15 -33.07 -17.96
N GLU J 95 -37.00 -33.44 -17.03
CA GLU J 95 -36.90 -32.94 -15.68
C GLU J 95 -35.69 -33.52 -14.91
N GLU J 96 -34.70 -34.03 -15.63
CA GLU J 96 -33.51 -34.61 -15.00
C GLU J 96 -32.20 -34.07 -15.54
N VAL J 97 -32.24 -33.52 -16.75
CA VAL J 97 -31.04 -32.98 -17.38
C VAL J 97 -30.45 -31.78 -16.66
N HIS J 98 -31.29 -30.92 -16.13
CA HIS J 98 -30.75 -29.77 -15.43
C HIS J 98 -29.80 -30.13 -14.30
N ALA J 99 -30.23 -31.04 -13.42
CA ALA J 99 -29.42 -31.45 -12.27
C ALA J 99 -28.12 -32.10 -12.68
N GLU J 100 -28.15 -32.85 -13.78
CA GLU J 100 -26.97 -33.53 -14.27
C GLU J 100 -26.01 -32.53 -14.85
N ALA J 101 -26.54 -31.57 -15.59
CA ALA J 101 -25.71 -30.55 -16.21
C ALA J 101 -25.12 -29.58 -15.22
N CYS J 102 -25.76 -29.41 -14.07
CA CYS J 102 -25.26 -28.48 -13.04
C CYS J 102 -23.95 -29.03 -12.48
N ARG J 103 -23.64 -30.28 -12.82
CA ARG J 103 -22.40 -30.92 -12.40
C ARG J 103 -21.44 -30.98 -13.56
N TRP J 104 -21.94 -31.33 -14.74
CA TRP J 104 -21.09 -31.42 -15.93
C TRP J 104 -20.50 -30.06 -16.29
N GLU J 105 -21.26 -29.01 -16.02
CA GLU J 105 -20.83 -27.64 -16.33
C GLU J 105 -19.49 -27.26 -15.72
N HIS J 106 -19.04 -28.02 -14.72
CA HIS J 106 -17.77 -27.73 -14.07
C HIS J 106 -16.63 -28.65 -14.52
N VAL J 107 -16.84 -29.45 -15.58
CA VAL J 107 -15.79 -30.34 -16.06
C VAL J 107 -15.65 -30.42 -17.59
N MET J 108 -16.64 -29.92 -18.31
CA MET J 108 -16.61 -29.92 -19.77
C MET J 108 -15.49 -29.00 -20.32
N SER J 109 -14.57 -29.57 -21.08
CA SER J 109 -13.49 -28.79 -21.65
C SER J 109 -14.05 -27.92 -22.75
N GLU J 110 -13.30 -26.88 -23.11
CA GLU J 110 -13.75 -25.95 -24.14
C GLU J 110 -13.76 -26.66 -25.49
N ASP J 111 -12.97 -27.72 -25.61
CA ASP J 111 -12.93 -28.48 -26.85
C ASP J 111 -14.22 -29.29 -27.04
N VAL J 112 -14.60 -30.03 -26.00
CA VAL J 112 -15.82 -30.83 -26.06
C VAL J 112 -17.00 -29.91 -26.39
N GLU J 113 -16.93 -28.67 -25.91
CA GLU J 113 -17.99 -27.70 -26.18
C GLU J 113 -18.10 -27.52 -27.69
N ARG J 114 -17.04 -27.01 -28.29
CA ARG J 114 -17.02 -26.79 -29.72
C ARG J 114 -17.58 -27.98 -30.48
N ARG J 115 -17.05 -29.18 -30.20
CA ARG J 115 -17.56 -30.34 -30.91
C ARG J 115 -19.02 -30.64 -30.65
N LEU J 116 -19.53 -30.25 -29.49
CA LEU J 116 -20.94 -30.48 -29.21
C LEU J 116 -21.78 -29.55 -30.09
N VAL J 117 -21.24 -28.37 -30.35
CA VAL J 117 -21.90 -27.37 -31.19
C VAL J 117 -22.17 -27.98 -32.56
N LYS J 118 -21.15 -28.64 -33.11
CA LYS J 118 -21.27 -29.25 -34.42
C LYS J 118 -22.18 -30.46 -34.40
N VAL J 119 -22.15 -31.23 -33.32
CA VAL J 119 -22.98 -32.42 -33.21
C VAL J 119 -24.46 -32.12 -32.99
N LEU J 120 -24.77 -30.94 -32.50
CA LEU J 120 -26.16 -30.58 -32.25
C LEU J 120 -26.66 -29.57 -33.29
N ASN J 121 -25.83 -29.32 -34.30
CA ASN J 121 -26.14 -28.39 -35.35
C ASN J 121 -26.25 -26.94 -34.90
N ASN J 122 -25.18 -26.42 -34.32
CA ASN J 122 -25.14 -25.04 -33.88
C ASN J 122 -26.36 -24.58 -33.08
N PRO J 123 -26.77 -25.37 -32.07
CA PRO J 123 -27.93 -24.97 -31.27
C PRO J 123 -27.75 -23.56 -30.71
N THR J 124 -28.84 -22.94 -30.29
CA THR J 124 -28.79 -21.59 -29.76
C THR J 124 -29.55 -21.46 -28.45
N THR J 125 -30.19 -22.54 -28.03
CA THR J 125 -30.95 -22.51 -26.80
C THR J 125 -30.85 -23.84 -26.07
N SER J 126 -31.39 -23.87 -24.86
CA SER J 126 -31.40 -25.08 -24.07
C SER J 126 -32.79 -25.68 -24.17
N PRO J 127 -32.97 -26.94 -23.76
CA PRO J 127 -34.26 -27.59 -23.82
C PRO J 127 -35.32 -26.84 -23.01
N PHE J 128 -34.92 -25.73 -22.41
CA PHE J 128 -35.83 -24.92 -21.62
C PHE J 128 -36.02 -23.53 -22.22
N GLY J 129 -35.43 -23.31 -23.40
CA GLY J 129 -35.57 -22.05 -24.09
C GLY J 129 -34.59 -20.92 -23.81
N ASN J 130 -33.68 -21.11 -22.87
CA ASN J 130 -32.71 -20.07 -22.56
C ASN J 130 -31.58 -20.11 -23.58
N PRO J 131 -31.18 -18.94 -24.10
CA PRO J 131 -30.11 -18.80 -25.10
C PRO J 131 -28.74 -19.20 -24.59
N ILE J 132 -27.94 -19.80 -25.47
CA ILE J 132 -26.60 -20.24 -25.12
C ILE J 132 -25.61 -19.08 -25.26
N PRO J 133 -25.20 -18.49 -24.13
CA PRO J 133 -24.27 -17.35 -24.13
C PRO J 133 -22.88 -17.70 -24.61
N GLY J 134 -22.06 -16.66 -24.68
CA GLY J 134 -20.66 -16.75 -25.10
C GLY J 134 -20.36 -17.72 -26.23
N LEU J 135 -21.28 -17.86 -27.16
CA LEU J 135 -21.05 -18.76 -28.24
C LEU J 135 -19.95 -18.32 -29.20
N ASP J 136 -19.82 -17.01 -29.40
CA ASP J 136 -18.80 -16.50 -30.34
C ASP J 136 -17.40 -16.53 -29.76
N GLU J 137 -17.25 -16.11 -28.50
CA GLU J 137 -15.91 -16.12 -27.90
C GLU J 137 -15.43 -17.57 -27.78
N LEU J 138 -16.33 -18.49 -28.10
CA LEU J 138 -16.02 -19.90 -28.09
C LEU J 138 -15.43 -20.22 -29.46
N GLY J 139 -16.07 -19.67 -30.50
CA GLY J 139 -15.60 -19.89 -31.86
C GLY J 139 -16.67 -20.28 -32.86
N VAL J 140 -17.81 -19.57 -32.84
CA VAL J 140 -18.92 -19.84 -33.75
C VAL J 140 -19.99 -18.75 -33.65
N GLY J 141 -21.26 -19.15 -33.59
CA GLY J 141 -22.35 -18.20 -33.48
C GLY J 141 -22.57 -17.32 -34.70
N ASN J 150 -40.28 -7.00 -27.17
CA ASN J 150 -40.77 -8.15 -27.91
C ASN J 150 -40.75 -9.41 -27.03
N LEU J 151 -40.23 -9.27 -25.81
CA LEU J 151 -40.13 -10.39 -24.87
C LEU J 151 -40.18 -9.82 -23.46
N VAL J 152 -41.05 -10.40 -22.62
CA VAL J 152 -41.19 -9.94 -21.24
C VAL J 152 -41.07 -11.04 -20.21
N ARG J 153 -41.03 -10.62 -18.95
CA ARG J 153 -40.93 -11.53 -17.82
C ARG J 153 -42.29 -11.52 -17.09
N LEU J 154 -42.83 -12.71 -16.78
CA LEU J 154 -44.12 -12.81 -16.11
C LEU J 154 -44.36 -11.79 -15.02
N THR J 155 -43.31 -11.26 -14.41
CA THR J 155 -43.47 -10.28 -13.36
C THR J 155 -43.78 -8.92 -13.96
N GLU J 156 -43.25 -8.68 -15.15
CA GLU J 156 -43.45 -7.43 -15.86
C GLU J 156 -44.76 -7.45 -16.65
N LEU J 157 -45.73 -8.22 -16.18
CA LEU J 157 -47.01 -8.29 -16.88
C LEU J 157 -48.10 -7.61 -16.05
N PRO J 158 -48.82 -6.66 -16.67
CA PRO J 158 -49.90 -5.92 -16.00
C PRO J 158 -51.02 -6.81 -15.48
N ALA J 159 -51.58 -6.43 -14.32
CA ALA J 159 -52.66 -7.20 -13.72
C ALA J 159 -53.99 -6.85 -14.35
N GLY J 160 -55.05 -7.48 -13.85
CA GLY J 160 -56.37 -7.22 -14.38
C GLY J 160 -56.91 -8.40 -15.15
N SER J 161 -56.99 -8.24 -16.47
CA SER J 161 -57.52 -9.29 -17.33
C SER J 161 -56.43 -10.19 -17.88
N PRO J 162 -56.70 -11.51 -18.00
CA PRO J 162 -55.74 -12.48 -18.53
C PRO J 162 -55.06 -11.99 -19.81
N VAL J 163 -54.03 -12.70 -20.23
CA VAL J 163 -53.31 -12.36 -21.45
C VAL J 163 -52.78 -13.61 -22.12
N ALA J 164 -52.88 -13.65 -23.43
CA ALA J 164 -52.41 -14.78 -24.19
C ALA J 164 -50.96 -14.48 -24.52
N VAL J 165 -50.09 -15.45 -24.27
CA VAL J 165 -48.67 -15.31 -24.53
C VAL J 165 -48.14 -16.68 -24.89
N VAL J 166 -46.87 -16.72 -25.28
CA VAL J 166 -46.25 -17.98 -25.62
C VAL J 166 -44.96 -18.14 -24.84
N VAL J 167 -44.91 -19.18 -24.03
CA VAL J 167 -43.76 -19.47 -23.20
C VAL J 167 -42.48 -19.55 -24.03
N ARG J 168 -41.52 -18.69 -23.71
CA ARG J 168 -40.25 -18.65 -24.43
C ARG J 168 -39.07 -19.18 -23.62
N GLN J 169 -39.00 -18.81 -22.35
CA GLN J 169 -37.89 -19.25 -21.50
C GLN J 169 -38.26 -19.72 -20.10
N LEU J 170 -37.47 -20.66 -19.59
CA LEU J 170 -37.61 -21.20 -18.24
C LEU J 170 -36.19 -21.19 -17.67
N THR J 171 -35.83 -20.07 -17.04
CA THR J 171 -34.49 -19.94 -16.48
C THR J 171 -34.16 -20.96 -15.44
N GLU J 172 -32.86 -21.23 -15.33
CA GLU J 172 -32.36 -22.20 -14.38
C GLU J 172 -33.11 -22.29 -13.05
N HIS J 173 -33.40 -21.15 -12.43
CA HIS J 173 -34.09 -21.18 -11.14
C HIS J 173 -35.33 -22.09 -11.13
N VAL J 174 -36.16 -22.01 -12.18
CA VAL J 174 -37.35 -22.84 -12.22
C VAL J 174 -36.91 -24.29 -12.42
N GLN J 175 -35.86 -24.49 -13.22
CA GLN J 175 -35.31 -25.82 -13.49
C GLN J 175 -34.93 -26.46 -12.16
N GLY J 176 -34.69 -25.60 -11.18
CA GLY J 176 -34.32 -26.07 -9.86
C GLY J 176 -35.42 -26.87 -9.20
N ASP J 177 -36.56 -26.24 -8.93
CA ASP J 177 -37.64 -26.96 -8.29
C ASP J 177 -38.11 -28.05 -9.23
N ILE J 178 -37.58 -29.26 -9.05
CA ILE J 178 -37.92 -30.39 -9.91
C ILE J 178 -39.41 -30.76 -9.87
N ASP J 179 -40.02 -30.67 -8.70
CA ASP J 179 -41.44 -30.98 -8.58
C ASP J 179 -42.23 -30.09 -9.54
N LEU J 180 -41.87 -28.81 -9.58
CA LEU J 180 -42.51 -27.80 -10.43
C LEU J 180 -42.21 -27.93 -11.92
N ILE J 181 -40.94 -28.15 -12.25
CA ILE J 181 -40.55 -28.30 -13.64
C ILE J 181 -41.24 -29.53 -14.21
N THR J 182 -41.63 -30.47 -13.35
CA THR J 182 -42.31 -31.66 -13.84
C THR J 182 -43.76 -31.32 -14.11
N ARG J 183 -44.41 -30.64 -13.17
CA ARG J 183 -45.80 -30.26 -13.36
C ARG J 183 -45.95 -29.43 -14.64
N LEU J 184 -45.05 -28.47 -14.84
CA LEU J 184 -45.08 -27.62 -16.03
C LEU J 184 -45.03 -28.47 -17.30
N LYS J 185 -44.26 -29.55 -17.26
CA LYS J 185 -44.16 -30.43 -18.41
C LYS J 185 -45.51 -31.09 -18.63
N ASP J 186 -46.06 -31.67 -17.57
CA ASP J 186 -47.34 -32.33 -17.64
C ASP J 186 -48.44 -31.42 -18.18
N ALA J 187 -48.40 -30.14 -17.78
CA ALA J 187 -49.39 -29.19 -18.25
C ALA J 187 -48.95 -28.50 -19.54
N GLY J 188 -47.94 -29.06 -20.19
CA GLY J 188 -47.48 -28.50 -21.45
C GLY J 188 -46.83 -27.14 -21.43
N VAL J 189 -46.80 -26.47 -20.28
CA VAL J 189 -46.17 -25.16 -20.21
C VAL J 189 -44.69 -25.30 -20.55
N VAL J 190 -44.37 -25.19 -21.82
CA VAL J 190 -42.99 -25.31 -22.25
C VAL J 190 -42.76 -24.37 -23.42
N PRO J 191 -41.52 -24.29 -23.93
CA PRO J 191 -41.22 -23.40 -25.04
C PRO J 191 -42.17 -23.58 -26.22
N ASN J 192 -42.51 -22.45 -26.85
CA ASN J 192 -43.41 -22.46 -27.99
C ASN J 192 -44.70 -23.15 -27.59
N ALA J 193 -45.41 -22.54 -26.66
CA ALA J 193 -46.69 -23.06 -26.18
C ALA J 193 -47.59 -21.88 -25.87
N ARG J 194 -48.74 -21.84 -26.52
CA ARG J 194 -49.66 -20.75 -26.27
C ARG J 194 -50.37 -21.03 -24.97
N VAL J 195 -50.42 -20.02 -24.12
CA VAL J 195 -51.08 -20.15 -22.84
C VAL J 195 -51.41 -18.76 -22.33
N THR J 196 -52.39 -18.67 -21.43
CA THR J 196 -52.78 -17.38 -20.87
C THR J 196 -52.37 -17.30 -19.42
N VAL J 197 -51.97 -16.09 -19.02
CA VAL J 197 -51.53 -15.81 -17.67
C VAL J 197 -52.23 -14.58 -17.08
N GLU J 198 -52.55 -14.65 -15.79
CA GLU J 198 -53.21 -13.55 -15.09
C GLU J 198 -52.55 -13.35 -13.73
N THR J 199 -52.33 -12.09 -13.37
CA THR J 199 -51.69 -11.73 -12.10
C THR J 199 -52.55 -12.03 -10.88
N THR J 200 -52.01 -12.82 -9.95
CA THR J 200 -52.71 -13.19 -8.73
C THR J 200 -52.59 -12.03 -7.73
N PRO J 201 -53.40 -12.05 -6.65
CA PRO J 201 -53.34 -10.99 -5.65
C PRO J 201 -51.96 -10.83 -5.01
N GLY J 202 -51.35 -11.94 -4.63
CA GLY J 202 -50.04 -11.86 -4.01
C GLY J 202 -48.88 -11.78 -4.98
N GLY J 203 -48.94 -10.82 -5.90
CA GLY J 203 -47.86 -10.64 -6.87
C GLY J 203 -47.50 -11.90 -7.66
N GLY J 204 -48.24 -12.97 -7.45
CA GLY J 204 -47.98 -14.21 -8.16
C GLY J 204 -48.50 -14.17 -9.58
N VAL J 205 -48.62 -15.36 -10.19
CA VAL J 205 -49.09 -15.46 -11.56
C VAL J 205 -49.75 -16.82 -11.77
N THR J 206 -50.91 -16.82 -12.44
CA THR J 206 -51.66 -18.03 -12.72
C THR J 206 -51.64 -18.32 -14.22
N ILE J 207 -51.20 -19.52 -14.59
CA ILE J 207 -51.14 -19.94 -15.99
C ILE J 207 -52.35 -20.81 -16.31
N VAL J 208 -53.06 -20.45 -17.37
CA VAL J 208 -54.22 -21.22 -17.77
C VAL J 208 -53.87 -21.98 -19.05
N ILE J 209 -53.70 -23.29 -18.91
CA ILE J 209 -53.35 -24.15 -20.03
C ILE J 209 -54.58 -24.83 -20.63
N PRO J 210 -54.89 -24.52 -21.90
CA PRO J 210 -56.07 -25.16 -22.51
C PRO J 210 -55.90 -26.68 -22.55
N GLY J 211 -56.63 -27.36 -21.68
CA GLY J 211 -56.55 -28.81 -21.65
C GLY J 211 -56.10 -29.42 -20.34
N HIS J 212 -55.18 -28.74 -19.67
CA HIS J 212 -54.67 -29.24 -18.41
C HIS J 212 -54.98 -28.34 -17.22
N GLU J 213 -54.94 -28.91 -16.02
CA GLU J 213 -55.20 -28.17 -14.79
C GLU J 213 -54.44 -26.83 -14.81
N ASN J 214 -54.89 -25.86 -14.01
CA ASN J 214 -54.18 -24.57 -13.95
C ASN J 214 -52.93 -24.75 -13.10
N VAL J 215 -52.00 -23.82 -13.25
CA VAL J 215 -50.74 -23.88 -12.51
C VAL J 215 -50.35 -22.47 -12.09
N THR J 216 -50.20 -22.26 -10.79
CA THR J 216 -49.83 -20.95 -10.28
C THR J 216 -48.40 -20.88 -9.76
N LEU J 217 -47.70 -19.83 -10.17
CA LEU J 217 -46.32 -19.65 -9.76
C LEU J 217 -46.20 -18.48 -8.78
N PRO J 218 -45.36 -18.63 -7.74
CA PRO J 218 -45.17 -17.58 -6.74
C PRO J 218 -44.41 -16.44 -7.39
N HIS J 219 -44.42 -15.26 -6.78
CA HIS J 219 -43.73 -14.12 -7.35
C HIS J 219 -42.29 -14.50 -7.78
N GLU J 220 -41.55 -15.16 -6.89
CA GLU J 220 -40.17 -15.56 -7.20
C GLU J 220 -40.03 -16.43 -8.44
N MET J 221 -40.83 -17.49 -8.53
CA MET J 221 -40.77 -18.38 -9.67
C MET J 221 -41.13 -17.63 -10.94
N ALA J 222 -42.06 -16.68 -10.81
CA ALA J 222 -42.48 -15.90 -11.95
C ALA J 222 -41.30 -15.14 -12.56
N HIS J 223 -40.48 -14.54 -11.70
CA HIS J 223 -39.31 -13.79 -12.17
C HIS J 223 -38.48 -14.67 -13.09
N ALA J 224 -38.71 -15.99 -13.03
CA ALA J 224 -37.93 -16.91 -13.83
C ALA J 224 -38.59 -17.45 -15.08
N VAL J 225 -39.66 -16.81 -15.54
CA VAL J 225 -40.33 -17.26 -16.76
C VAL J 225 -40.48 -16.11 -17.76
N LYS J 226 -39.87 -16.24 -18.93
CA LYS J 226 -39.97 -15.19 -19.95
C LYS J 226 -40.97 -15.62 -21.04
N VAL J 227 -41.83 -14.69 -21.47
CA VAL J 227 -42.81 -15.01 -22.51
C VAL J 227 -42.87 -13.92 -23.57
N GLU J 228 -43.68 -14.17 -24.60
CA GLU J 228 -43.86 -13.22 -25.68
C GLU J 228 -45.34 -12.89 -25.81
N LYS J 229 -45.67 -11.60 -25.71
CA LYS J 229 -47.04 -11.14 -25.82
C LYS J 229 -47.56 -11.46 -27.21
N VAL J 230 -48.30 -12.56 -27.32
CA VAL J 230 -48.85 -12.99 -28.59
C VAL J 230 -50.14 -13.79 -28.38
N MET K 1 16.26 -22.23 9.54
CA MET K 1 16.14 -23.24 10.63
C MET K 1 14.69 -23.41 11.08
N ASN K 2 14.09 -22.29 11.49
CA ASN K 2 12.71 -22.26 11.97
C ASN K 2 12.46 -20.87 12.55
N GLU K 3 11.37 -20.23 12.12
CA GLU K 3 11.00 -18.90 12.59
C GLU K 3 11.04 -18.81 14.13
N LEU K 4 10.27 -19.69 14.77
CA LEU K 4 10.15 -19.76 16.23
C LEU K 4 11.32 -20.44 16.95
N VAL K 5 12.16 -21.13 16.19
CA VAL K 5 13.30 -21.85 16.75
C VAL K 5 12.79 -23.15 17.36
N ASP K 6 11.76 -23.03 18.18
CA ASP K 6 11.14 -24.19 18.82
C ASP K 6 9.66 -23.89 18.99
N THR K 7 8.84 -24.50 18.14
CA THR K 7 7.41 -24.26 18.16
C THR K 7 6.76 -24.55 19.52
N THR K 8 6.90 -25.77 20.01
CA THR K 8 6.29 -26.12 21.29
C THR K 8 6.59 -25.11 22.40
N GLU K 9 7.86 -24.80 22.61
CA GLU K 9 8.18 -23.84 23.63
C GLU K 9 7.46 -22.51 23.40
N MET K 10 7.46 -21.99 22.18
CA MET K 10 6.77 -20.72 21.93
C MET K 10 5.26 -20.81 22.18
N TYR K 11 4.68 -21.97 21.93
CA TYR K 11 3.25 -22.15 22.19
C TYR K 11 3.04 -22.08 23.70
N LEU K 12 3.90 -22.77 24.44
CA LEU K 12 3.82 -22.78 25.89
C LEU K 12 4.01 -21.38 26.45
N ARG K 13 5.04 -20.69 25.97
CA ARG K 13 5.29 -19.35 26.47
C ARG K 13 4.16 -18.40 26.10
N THR K 14 3.49 -18.65 24.97
CA THR K 14 2.38 -17.78 24.59
C THR K 14 1.18 -18.04 25.49
N ILE K 15 0.99 -19.29 25.89
CA ILE K 15 -0.10 -19.64 26.81
C ILE K 15 0.16 -18.86 28.09
N TYR K 16 1.38 -19.00 28.61
CA TYR K 16 1.81 -18.31 29.82
C TYR K 16 1.62 -16.80 29.71
N ASP K 17 2.10 -16.21 28.61
CA ASP K 17 1.97 -14.78 28.39
C ASP K 17 0.53 -14.33 28.54
N LEU K 18 -0.39 -15.04 27.89
CA LEU K 18 -1.80 -14.70 27.98
C LEU K 18 -2.29 -14.68 29.42
N GLU K 19 -1.92 -15.69 30.20
CA GLU K 19 -2.36 -15.74 31.60
C GLU K 19 -1.84 -14.50 32.30
N GLU K 20 -0.56 -14.20 32.08
CA GLU K 20 0.10 -13.04 32.68
C GLU K 20 -0.68 -11.79 32.35
N GLU K 21 -1.25 -11.75 31.14
CA GLU K 21 -2.03 -10.60 30.69
C GLU K 21 -3.47 -10.65 31.20
N GLY K 22 -3.87 -11.80 31.73
CA GLY K 22 -5.22 -11.92 32.23
C GLY K 22 -6.28 -12.06 31.14
N VAL K 23 -5.90 -12.64 30.00
CA VAL K 23 -6.87 -12.87 28.92
C VAL K 23 -7.00 -14.38 28.82
N THR K 24 -8.16 -14.86 28.34
CA THR K 24 -8.38 -16.30 28.23
C THR K 24 -7.55 -16.96 27.13
N PRO K 25 -6.77 -17.99 27.51
CA PRO K 25 -5.90 -18.76 26.62
C PRO K 25 -6.64 -19.57 25.57
N LEU K 26 -6.99 -18.93 24.46
CA LEU K 26 -7.67 -19.65 23.39
C LEU K 26 -6.71 -19.92 22.25
N ARG K 27 -7.04 -20.92 21.45
CA ARG K 27 -6.17 -21.23 20.34
C ARG K 27 -6.12 -20.04 19.39
N ALA K 28 -7.25 -19.35 19.26
CA ALA K 28 -7.34 -18.19 18.37
C ALA K 28 -6.27 -17.16 18.71
N ARG K 29 -5.99 -17.01 19.99
CA ARG K 29 -4.97 -16.07 20.43
C ARG K 29 -3.61 -16.48 19.87
N ILE K 30 -3.22 -17.72 20.13
CA ILE K 30 -1.93 -18.22 19.67
C ILE K 30 -1.71 -17.94 18.19
N ALA K 31 -2.72 -18.24 17.39
CA ALA K 31 -2.67 -18.04 15.95
C ALA K 31 -2.32 -16.60 15.61
N GLU K 32 -3.03 -15.66 16.25
CA GLU K 32 -2.80 -14.24 16.01
C GLU K 32 -1.36 -13.89 16.32
N ARG K 33 -0.96 -14.20 17.54
CA ARG K 33 0.37 -13.88 18.01
C ARG K 33 1.56 -14.54 17.32
N LEU K 34 1.44 -15.80 16.91
CA LEU K 34 2.58 -16.43 16.25
C LEU K 34 2.37 -16.38 14.75
N ASP K 35 1.29 -15.76 14.33
CA ASP K 35 0.98 -15.63 12.92
C ASP K 35 0.97 -16.95 12.16
N GLN K 36 0.14 -17.89 12.61
CA GLN K 36 0.01 -19.18 11.94
C GLN K 36 -1.47 -19.36 11.71
N SER K 37 -1.85 -20.25 10.80
CA SER K 37 -3.26 -20.48 10.51
C SER K 37 -3.96 -21.23 11.63
N GLY K 38 -5.28 -21.13 11.68
CA GLY K 38 -6.03 -21.83 12.70
C GLY K 38 -5.70 -23.32 12.70
N PRO K 39 -5.86 -23.99 11.54
CA PRO K 39 -5.56 -25.41 11.43
C PRO K 39 -4.21 -25.75 11.99
N THR K 40 -3.23 -24.89 11.71
CA THR K 40 -1.89 -25.19 12.22
C THR K 40 -1.86 -25.24 13.73
N VAL K 41 -2.38 -24.20 14.38
CA VAL K 41 -2.36 -24.16 15.84
C VAL K 41 -3.17 -25.28 16.46
N SER K 42 -4.23 -25.69 15.79
CA SER K 42 -5.05 -26.78 16.33
C SER K 42 -4.26 -28.06 16.35
N GLN K 43 -3.77 -28.45 15.17
CA GLN K 43 -2.98 -29.67 15.02
C GLN K 43 -1.79 -29.66 15.99
N THR K 44 -1.10 -28.51 16.08
CA THR K 44 0.06 -28.39 16.96
C THR K 44 -0.36 -28.60 18.40
N VAL K 45 -1.44 -27.95 18.80
CA VAL K 45 -1.91 -28.15 20.17
C VAL K 45 -2.15 -29.63 20.41
N SER K 46 -2.77 -30.32 19.46
CA SER K 46 -3.00 -31.75 19.63
C SER K 46 -1.69 -32.44 19.98
N ARG K 47 -0.69 -32.30 19.12
CA ARG K 47 0.58 -32.94 19.41
C ARG K 47 0.98 -32.63 20.84
N MET K 48 0.72 -31.40 21.28
CA MET K 48 1.07 -31.02 22.64
C MET K 48 0.18 -31.70 23.71
N GLU K 49 -1.10 -31.81 23.43
CA GLU K 49 -2.01 -32.46 24.35
C GLU K 49 -1.59 -33.93 24.46
N ARG K 50 -1.39 -34.54 23.30
CA ARG K 50 -0.96 -35.91 23.19
C ARG K 50 0.32 -36.17 24.00
N ASP K 51 1.13 -35.15 24.19
CA ASP K 51 2.36 -35.34 24.95
C ASP K 51 2.21 -34.81 26.37
N GLY K 52 0.96 -34.60 26.77
CA GLY K 52 0.67 -34.11 28.11
C GLY K 52 1.38 -32.83 28.51
N LEU K 53 1.25 -31.79 27.69
CA LEU K 53 1.85 -30.51 28.03
C LEU K 53 0.74 -29.53 28.34
N LEU K 54 -0.45 -29.84 27.83
CA LEU K 54 -1.62 -29.00 28.05
C LEU K 54 -2.89 -29.79 27.76
N ARG K 55 -4.04 -29.19 28.06
CA ARG K 55 -5.34 -29.82 27.81
C ARG K 55 -6.32 -28.76 27.34
N VAL K 56 -7.18 -29.12 26.40
CA VAL K 56 -8.18 -28.17 25.94
C VAL K 56 -9.44 -28.48 26.77
N ALA K 57 -9.83 -27.52 27.60
CA ALA K 57 -10.99 -27.65 28.49
C ALA K 57 -12.32 -27.62 27.79
N GLY K 58 -13.39 -27.70 28.59
CA GLY K 58 -14.73 -27.70 28.04
C GLY K 58 -15.06 -26.45 27.26
N ASP K 59 -14.77 -25.29 27.83
CA ASP K 59 -15.06 -24.04 27.15
C ASP K 59 -14.04 -23.78 26.03
N ARG K 60 -13.10 -24.72 25.88
CA ARG K 60 -12.06 -24.65 24.85
C ARG K 60 -10.85 -23.80 25.19
N HIS K 61 -10.71 -23.40 26.45
CA HIS K 61 -9.55 -22.59 26.81
C HIS K 61 -8.40 -23.54 27.10
N LEU K 62 -7.18 -23.08 26.90
CA LEU K 62 -6.02 -23.93 27.10
C LEU K 62 -5.50 -23.92 28.53
N GLU K 63 -5.36 -25.12 29.09
CA GLU K 63 -4.91 -25.32 30.45
C GLU K 63 -3.57 -26.05 30.44
N LEU K 64 -2.54 -25.44 31.01
CA LEU K 64 -1.23 -26.11 31.02
C LEU K 64 -1.24 -27.25 32.06
N THR K 65 -0.57 -28.36 31.75
CA THR K 65 -0.51 -29.46 32.70
C THR K 65 0.66 -29.24 33.64
N GLU K 66 0.79 -30.14 34.63
CA GLU K 66 1.86 -30.04 35.61
C GLU K 66 3.17 -29.85 34.87
N LYS K 67 3.44 -30.76 33.95
CA LYS K 67 4.65 -30.76 33.13
C LYS K 67 4.77 -29.50 32.25
N GLY K 68 3.72 -29.24 31.47
CA GLY K 68 3.69 -28.09 30.59
C GLY K 68 4.05 -26.78 31.26
N ARG K 69 3.49 -26.54 32.44
CA ARG K 69 3.76 -25.30 33.13
C ARG K 69 5.23 -25.23 33.55
N ALA K 70 5.77 -26.33 34.05
CA ALA K 70 7.15 -26.35 34.49
C ALA K 70 8.07 -25.85 33.39
N LEU K 71 7.85 -26.36 32.18
CA LEU K 71 8.64 -26.01 30.99
C LEU K 71 8.43 -24.55 30.62
N ALA K 72 7.16 -24.18 30.50
CA ALA K 72 6.79 -22.80 30.18
C ALA K 72 7.59 -21.84 31.05
N ILE K 73 7.56 -22.09 32.35
CA ILE K 73 8.27 -21.27 33.30
C ILE K 73 9.73 -21.24 32.93
N ALA K 74 10.30 -22.42 32.74
CA ALA K 74 11.71 -22.56 32.39
C ALA K 74 12.10 -21.67 31.22
N VAL K 75 11.24 -21.58 30.21
CA VAL K 75 11.51 -20.76 29.05
C VAL K 75 11.46 -19.30 29.43
N MET K 76 10.38 -18.90 30.12
CA MET K 76 10.23 -17.52 30.54
C MET K 76 11.42 -17.04 31.35
N ARG K 77 11.93 -17.90 32.23
CA ARG K 77 13.06 -17.58 33.09
C ARG K 77 14.30 -17.27 32.28
N LYS K 78 14.63 -18.12 31.32
CA LYS K 78 15.80 -17.92 30.47
C LYS K 78 15.61 -16.64 29.67
N HIS K 79 14.40 -16.49 29.11
CA HIS K 79 14.09 -15.32 28.31
C HIS K 79 14.42 -14.03 29.05
N ARG K 80 13.92 -13.91 30.26
CA ARG K 80 14.17 -12.71 31.04
C ARG K 80 15.60 -12.56 31.55
N LEU K 81 16.24 -13.64 31.93
CA LEU K 81 17.62 -13.54 32.38
C LEU K 81 18.47 -13.07 31.20
N ALA K 82 18.05 -13.45 30.00
CA ALA K 82 18.76 -13.08 28.78
C ALA K 82 18.61 -11.61 28.49
N GLU K 83 17.39 -11.10 28.62
CA GLU K 83 17.12 -9.68 28.40
C GLU K 83 17.98 -8.88 29.38
N ARG K 84 18.16 -9.41 30.59
CA ARG K 84 18.99 -8.77 31.60
C ARG K 84 20.40 -8.67 31.06
N LEU K 85 20.98 -9.82 30.77
CA LEU K 85 22.34 -9.87 30.24
C LEU K 85 22.55 -8.98 29.02
N LEU K 86 21.57 -8.97 28.11
CA LEU K 86 21.69 -8.17 26.91
C LEU K 86 21.76 -6.68 27.20
N VAL K 87 20.87 -6.20 28.05
CA VAL K 87 20.86 -4.80 28.38
C VAL K 87 22.04 -4.39 29.25
N ASP K 88 22.17 -5.01 30.42
CA ASP K 88 23.24 -4.70 31.37
C ASP K 88 24.67 -4.91 30.90
N VAL K 89 25.02 -6.15 30.57
CA VAL K 89 26.38 -6.47 30.15
C VAL K 89 26.71 -6.26 28.67
N ILE K 90 26.00 -6.97 27.80
CA ILE K 90 26.24 -6.85 26.36
C ILE K 90 26.05 -5.42 25.88
N GLY K 91 25.12 -4.71 26.51
CA GLY K 91 24.86 -3.33 26.14
C GLY K 91 24.06 -3.13 24.87
N LEU K 92 23.17 -4.08 24.58
CA LEU K 92 22.32 -3.99 23.40
C LEU K 92 21.17 -3.06 23.76
N PRO K 93 20.75 -2.17 22.84
CA PRO K 93 19.65 -1.23 23.06
C PRO K 93 18.35 -1.86 23.54
N TRP K 94 17.68 -1.15 24.44
CA TRP K 94 16.43 -1.60 25.06
C TRP K 94 15.35 -2.22 24.16
N GLU K 95 14.91 -1.47 23.16
CA GLU K 95 13.87 -1.94 22.25
C GLU K 95 14.36 -3.01 21.28
N GLU K 96 15.44 -3.70 21.63
CA GLU K 96 16.00 -4.74 20.77
C GLU K 96 16.29 -6.05 21.49
N VAL K 97 16.45 -6.00 22.80
CA VAL K 97 16.73 -7.19 23.58
C VAL K 97 15.62 -8.21 23.60
N HIS K 98 14.38 -7.76 23.63
CA HIS K 98 13.28 -8.71 23.65
C HIS K 98 13.36 -9.69 22.48
N ALA K 99 13.43 -9.16 21.26
CA ALA K 99 13.48 -10.00 20.06
C ALA K 99 14.69 -10.92 20.02
N GLU K 100 15.78 -10.48 20.61
CA GLU K 100 16.99 -11.29 20.64
C GLU K 100 16.80 -12.37 21.67
N ALA K 101 16.11 -12.03 22.76
CA ALA K 101 15.87 -12.97 23.83
C ALA K 101 14.81 -14.01 23.48
N CYS K 102 13.90 -13.64 22.58
CA CYS K 102 12.83 -14.55 22.16
C CYS K 102 13.43 -15.73 21.41
N ARG K 103 14.69 -15.60 20.99
CA ARG K 103 15.42 -16.66 20.28
C ARG K 103 16.39 -17.38 21.22
N TRP K 104 17.11 -16.63 22.04
CA TRP K 104 18.06 -17.22 22.98
C TRP K 104 17.36 -18.10 24.02
N GLU K 105 16.13 -17.77 24.35
CA GLU K 105 15.40 -18.50 25.36
C GLU K 105 15.28 -19.98 25.03
N HIS K 106 15.48 -20.33 23.76
CA HIS K 106 15.35 -21.71 23.32
C HIS K 106 16.68 -22.45 23.19
N VAL K 107 17.77 -21.89 23.70
CA VAL K 107 19.07 -22.56 23.61
C VAL K 107 19.94 -22.39 24.85
N MET K 108 19.52 -21.52 25.77
CA MET K 108 20.28 -21.30 26.99
C MET K 108 20.18 -22.54 27.87
N SER K 109 21.32 -23.09 28.25
CA SER K 109 21.35 -24.27 29.10
C SER K 109 21.00 -23.81 30.50
N GLU K 110 20.63 -24.74 31.37
CA GLU K 110 20.27 -24.39 32.74
C GLU K 110 21.50 -23.92 33.51
N ASP K 111 22.68 -24.40 33.08
CA ASP K 111 23.91 -24.00 33.72
C ASP K 111 24.17 -22.53 33.45
N VAL K 112 24.17 -22.13 32.18
CA VAL K 112 24.40 -20.74 31.86
C VAL K 112 23.41 -19.85 32.63
N GLU K 113 22.24 -20.38 32.92
CA GLU K 113 21.24 -19.61 33.67
C GLU K 113 21.80 -19.31 35.05
N ARG K 114 22.04 -20.35 35.85
CA ARG K 114 22.60 -20.19 37.18
C ARG K 114 23.72 -19.17 37.21
N ARG K 115 24.70 -19.41 36.36
CA ARG K 115 25.88 -18.56 36.24
C ARG K 115 25.49 -17.11 35.94
N LEU K 116 24.45 -16.90 35.14
CA LEU K 116 24.01 -15.54 34.83
C LEU K 116 23.42 -14.88 36.08
N VAL K 117 22.82 -15.71 36.94
CA VAL K 117 22.22 -15.23 38.19
C VAL K 117 23.30 -14.57 39.03
N LYS K 118 24.44 -15.24 39.15
CA LYS K 118 25.56 -14.72 39.93
C LYS K 118 26.21 -13.50 39.27
N VAL K 119 26.26 -13.48 37.95
CA VAL K 119 26.86 -12.36 37.24
C VAL K 119 26.02 -11.09 37.20
N LEU K 120 24.73 -11.21 37.49
CA LEU K 120 23.87 -10.04 37.49
C LEU K 120 23.40 -9.72 38.89
N ASN K 121 23.99 -10.40 39.87
CA ASN K 121 23.66 -10.19 41.28
C ASN K 121 22.24 -10.58 41.64
N ASN K 122 21.90 -11.84 41.42
CA ASN K 122 20.58 -12.36 41.75
C ASN K 122 19.44 -11.44 41.34
N PRO K 123 19.36 -11.06 40.06
CA PRO K 123 18.27 -10.17 39.65
C PRO K 123 16.92 -10.84 39.91
N THR K 124 15.85 -10.07 39.86
CA THR K 124 14.54 -10.64 40.11
C THR K 124 13.50 -10.18 39.11
N THR K 125 13.92 -9.32 38.18
CA THR K 125 13.02 -8.82 37.16
C THR K 125 13.75 -8.62 35.85
N SER K 126 13.00 -8.28 34.82
CA SER K 126 13.56 -8.05 33.50
C SER K 126 13.63 -6.54 33.27
N PRO K 127 14.42 -6.09 32.28
CA PRO K 127 14.55 -4.65 31.97
C PRO K 127 13.19 -4.01 31.70
N PHE K 128 12.13 -4.80 31.81
CA PHE K 128 10.79 -4.31 31.58
C PHE K 128 9.93 -4.44 32.83
N GLY K 129 10.53 -4.91 33.91
CA GLY K 129 9.79 -5.02 35.15
C GLY K 129 9.11 -6.32 35.52
N ASN K 130 9.00 -7.25 34.58
CA ASN K 130 8.34 -8.51 34.88
C ASN K 130 9.29 -9.39 35.68
N PRO K 131 8.77 -10.06 36.72
CA PRO K 131 9.54 -10.94 37.59
C PRO K 131 10.08 -12.21 36.93
N ILE K 132 11.27 -12.64 37.35
CA ILE K 132 11.87 -13.84 36.78
C ILE K 132 11.33 -15.07 37.52
N PRO K 133 10.45 -15.85 36.85
CA PRO K 133 9.85 -17.06 37.41
C PRO K 133 10.79 -18.23 37.63
N GLY K 134 10.27 -19.28 38.24
CA GLY K 134 11.04 -20.47 38.50
C GLY K 134 12.48 -20.30 38.95
N LEU K 135 12.74 -19.26 39.75
CA LEU K 135 14.11 -19.02 40.20
C LEU K 135 14.58 -20.00 41.26
N ASP K 136 13.67 -20.52 42.06
CA ASP K 136 14.08 -21.47 43.09
C ASP K 136 14.26 -22.88 42.57
N GLU K 137 13.39 -23.34 41.67
CA GLU K 137 13.57 -24.68 41.15
C GLU K 137 14.84 -24.73 40.31
N LEU K 138 15.41 -23.55 40.06
CA LEU K 138 16.65 -23.44 39.29
C LEU K 138 17.79 -23.69 40.28
N GLY K 139 17.69 -23.04 41.44
CA GLY K 139 18.70 -23.18 42.47
C GLY K 139 19.14 -21.89 43.12
N VAL K 140 18.19 -21.07 43.55
CA VAL K 140 18.47 -19.79 44.21
C VAL K 140 17.16 -19.16 44.71
N GLY K 141 17.02 -17.84 44.52
CA GLY K 141 15.82 -17.15 44.94
C GLY K 141 15.60 -16.98 46.43
N LEU K 151 -1.08 -3.52 43.27
CA LEU K 151 -0.68 -3.60 41.87
C LEU K 151 -1.84 -3.97 40.96
N VAL K 152 -2.11 -3.15 39.95
CA VAL K 152 -3.21 -3.43 39.03
C VAL K 152 -2.82 -3.41 37.56
N ARG K 153 -3.77 -3.79 36.72
CA ARG K 153 -3.59 -3.84 35.28
C ARG K 153 -4.38 -2.69 34.65
N LEU K 154 -3.74 -1.93 33.75
CA LEU K 154 -4.39 -0.79 33.11
C LEU K 154 -5.83 -1.00 32.68
N THR K 155 -6.22 -2.26 32.50
CA THR K 155 -7.59 -2.56 32.11
C THR K 155 -8.50 -2.51 33.34
N GLU K 156 -7.93 -2.89 34.49
CA GLU K 156 -8.64 -2.92 35.75
C GLU K 156 -8.71 -1.55 36.40
N LEU K 157 -8.61 -0.50 35.59
CA LEU K 157 -8.65 0.86 36.11
C LEU K 157 -9.96 1.54 35.74
N PRO K 158 -10.72 1.99 36.75
CA PRO K 158 -12.01 2.67 36.54
C PRO K 158 -11.88 3.90 35.64
N ALA K 159 -12.92 4.14 34.84
CA ALA K 159 -12.93 5.28 33.94
C ALA K 159 -13.34 6.56 34.66
N GLY K 160 -13.42 7.65 33.91
CA GLY K 160 -13.82 8.92 34.48
C GLY K 160 -12.68 9.91 34.51
N SER K 161 -12.19 10.19 35.72
CA SER K 161 -11.10 11.14 35.92
C SER K 161 -9.74 10.44 35.93
N PRO K 162 -8.72 11.05 35.28
CA PRO K 162 -7.37 10.48 35.23
C PRO K 162 -6.90 9.98 36.58
N VAL K 163 -5.80 9.23 36.58
CA VAL K 163 -5.24 8.71 37.81
C VAL K 163 -3.72 8.70 37.74
N ALA K 164 -3.07 9.03 38.84
CA ALA K 164 -1.63 9.04 38.93
C ALA K 164 -1.19 7.65 39.38
N VAL K 165 -0.29 7.06 38.60
CA VAL K 165 0.21 5.74 38.91
C VAL K 165 1.67 5.66 38.51
N VAL K 166 2.32 4.58 38.89
CA VAL K 166 3.71 4.40 38.54
C VAL K 166 3.87 3.07 37.78
N VAL K 167 4.35 3.18 36.55
CA VAL K 167 4.57 2.03 35.68
C VAL K 167 5.48 1.00 36.37
N ARG K 168 4.96 -0.22 36.52
CA ARG K 168 5.69 -1.30 37.17
C ARG K 168 6.12 -2.41 36.23
N GLN K 169 5.27 -2.76 35.27
CA GLN K 169 5.56 -3.84 34.33
C GLN K 169 5.12 -3.58 32.89
N LEU K 170 5.87 -4.16 31.97
CA LEU K 170 5.57 -4.09 30.55
C LEU K 170 5.75 -5.51 30.07
N THR K 171 4.67 -6.30 30.13
CA THR K 171 4.70 -7.70 29.72
C THR K 171 5.08 -7.94 28.26
N GLU K 172 5.68 -9.10 28.03
CA GLU K 172 6.16 -9.50 26.73
C GLU K 172 5.29 -9.06 25.56
N HIS K 173 3.97 -9.12 25.69
CA HIS K 173 3.12 -8.72 24.57
C HIS K 173 3.42 -7.32 24.06
N VAL K 174 3.63 -6.37 24.97
CA VAL K 174 3.94 -5.01 24.56
C VAL K 174 5.35 -4.96 23.97
N GLN K 175 6.25 -5.73 24.55
CA GLN K 175 7.63 -5.80 24.08
C GLN K 175 7.58 -6.22 22.62
N GLY K 176 6.55 -6.98 22.28
CA GLY K 176 6.40 -7.44 20.91
C GLY K 176 6.35 -6.31 19.90
N ASP K 177 5.37 -5.42 20.03
CA ASP K 177 5.25 -4.31 19.10
C ASP K 177 6.44 -3.37 19.31
N ILE K 178 7.47 -3.55 18.49
CA ILE K 178 8.68 -2.75 18.60
C ILE K 178 8.43 -1.26 18.41
N ASP K 179 7.55 -0.91 17.47
CA ASP K 179 7.25 0.50 17.22
C ASP K 179 6.72 1.18 18.48
N LEU K 180 5.88 0.45 19.22
CA LEU K 180 5.30 0.98 20.45
C LEU K 180 6.26 0.96 21.63
N ILE K 181 7.01 -0.12 21.77
CA ILE K 181 7.95 -0.21 22.87
C ILE K 181 8.99 0.88 22.71
N THR K 182 9.18 1.36 21.49
CA THR K 182 10.15 2.43 21.24
C THR K 182 9.55 3.76 21.67
N ARG K 183 8.34 4.04 21.21
CA ARG K 183 7.65 5.27 21.59
C ARG K 183 7.59 5.37 23.12
N LEU K 184 7.22 4.28 23.76
CA LEU K 184 7.12 4.26 25.22
C LEU K 184 8.42 4.64 25.91
N LYS K 185 9.54 4.31 25.28
CA LYS K 185 10.86 4.65 25.83
C LYS K 185 11.08 6.14 25.64
N ASP K 186 10.81 6.62 24.44
CA ASP K 186 10.98 8.04 24.13
C ASP K 186 10.13 8.90 25.05
N ALA K 187 8.91 8.45 25.34
CA ALA K 187 8.03 9.20 26.22
C ALA K 187 8.30 8.87 27.69
N GLY K 188 9.39 8.14 27.96
CA GLY K 188 9.76 7.79 29.31
C GLY K 188 8.88 6.79 30.04
N VAL K 189 7.80 6.33 29.41
CA VAL K 189 6.91 5.37 30.07
C VAL K 189 7.64 4.05 30.27
N VAL K 190 8.29 3.91 31.42
CA VAL K 190 9.02 2.70 31.75
C VAL K 190 8.93 2.45 33.26
N PRO K 191 9.50 1.34 33.74
CA PRO K 191 9.45 1.01 35.17
C PRO K 191 9.90 2.16 36.06
N ASN K 192 9.18 2.33 37.16
CA ASN K 192 9.46 3.39 38.13
C ASN K 192 9.37 4.74 37.44
N ALA K 193 8.18 5.07 36.96
CA ALA K 193 7.94 6.32 36.29
C ALA K 193 6.53 6.80 36.63
N ARG K 194 6.43 7.98 37.24
CA ARG K 194 5.13 8.53 37.59
C ARG K 194 4.47 9.07 36.34
N VAL K 195 3.21 8.69 36.15
CA VAL K 195 2.47 9.14 35.02
C VAL K 195 0.99 8.92 35.30
N THR K 196 0.14 9.61 34.53
CA THR K 196 -1.30 9.51 34.70
C THR K 196 -1.96 8.84 33.50
N VAL K 197 -3.00 8.07 33.79
CA VAL K 197 -3.74 7.35 32.77
C VAL K 197 -5.23 7.56 32.91
N GLU K 198 -5.91 7.62 31.77
CA GLU K 198 -7.35 7.83 31.74
C GLU K 198 -7.99 6.92 30.69
N THR K 199 -9.06 6.25 31.10
CA THR K 199 -9.80 5.33 30.24
C THR K 199 -10.44 6.02 29.04
N THR K 200 -10.09 5.57 27.84
CA THR K 200 -10.63 6.14 26.59
C THR K 200 -12.01 5.52 26.33
N PRO K 201 -12.77 6.09 25.36
CA PRO K 201 -14.10 5.55 25.06
C PRO K 201 -14.07 4.07 24.67
N GLY K 202 -13.21 3.73 23.71
CA GLY K 202 -13.12 2.36 23.26
C GLY K 202 -12.32 1.42 24.14
N GLY K 203 -12.69 1.34 25.42
CA GLY K 203 -12.00 0.47 26.36
C GLY K 203 -10.49 0.61 26.40
N GLY K 204 -9.96 1.59 25.67
CA GLY K 204 -8.54 1.82 25.63
C GLY K 204 -8.04 2.56 26.85
N VAL K 205 -6.86 3.17 26.73
CA VAL K 205 -6.24 3.91 27.82
C VAL K 205 -5.26 4.97 27.27
N THR K 206 -5.29 6.16 27.86
CA THR K 206 -4.40 7.24 27.43
C THR K 206 -3.41 7.56 28.55
N ILE K 207 -2.13 7.54 28.22
CA ILE K 207 -1.10 7.83 29.20
C ILE K 207 -0.62 9.26 28.98
N VAL K 208 -0.63 10.05 30.06
CA VAL K 208 -0.19 11.44 30.00
C VAL K 208 1.16 11.57 30.69
N ILE K 209 2.22 11.72 29.89
CA ILE K 209 3.57 11.84 30.43
C ILE K 209 3.99 13.29 30.56
N PRO K 210 4.30 13.72 31.80
CA PRO K 210 4.72 15.11 31.99
C PRO K 210 6.00 15.42 31.22
N GLY K 211 5.86 16.15 30.12
CA GLY K 211 7.02 16.49 29.32
C GLY K 211 7.00 15.99 27.90
N HIS K 212 6.45 14.80 27.67
CA HIS K 212 6.41 14.25 26.32
C HIS K 212 4.98 14.06 25.79
N GLU K 213 4.87 13.97 24.47
CA GLU K 213 3.59 13.77 23.79
C GLU K 213 2.78 12.70 24.50
N ASN K 214 1.47 12.71 24.32
CA ASN K 214 0.66 11.67 24.96
C ASN K 214 0.79 10.39 24.17
N VAL K 215 0.40 9.28 24.79
CA VAL K 215 0.48 7.98 24.16
C VAL K 215 -0.75 7.16 24.55
N THR K 216 -1.50 6.69 23.55
CA THR K 216 -2.69 5.90 23.80
C THR K 216 -2.52 4.43 23.42
N LEU K 217 -2.95 3.55 24.31
CA LEU K 217 -2.85 2.12 24.10
C LEU K 217 -4.20 1.47 23.86
N PRO K 218 -4.28 0.54 22.89
CA PRO K 218 -5.57 -0.13 22.62
C PRO K 218 -5.90 -1.05 23.79
N HIS K 219 -7.16 -1.47 23.91
CA HIS K 219 -7.55 -2.33 25.01
C HIS K 219 -6.61 -3.54 25.17
N GLU K 220 -6.21 -4.14 24.06
CA GLU K 220 -5.32 -5.31 24.12
C GLU K 220 -3.96 -4.99 24.74
N MET K 221 -3.31 -3.93 24.25
CA MET K 221 -2.00 -3.51 24.75
C MET K 221 -2.11 -3.13 26.22
N ALA K 222 -3.24 -2.54 26.59
CA ALA K 222 -3.47 -2.14 27.97
C ALA K 222 -3.46 -3.36 28.89
N HIS K 223 -3.98 -4.48 28.42
CA HIS K 223 -3.99 -5.69 29.23
C HIS K 223 -2.56 -6.06 29.60
N ALA K 224 -1.60 -5.57 28.81
CA ALA K 224 -0.19 -5.88 29.03
C ALA K 224 0.66 -4.88 29.81
N VAL K 225 0.03 -4.00 30.57
CA VAL K 225 0.77 -3.03 31.37
C VAL K 225 0.24 -3.01 32.81
N LYS K 226 1.10 -3.30 33.77
CA LYS K 226 0.70 -3.30 35.17
C LYS K 226 1.28 -2.03 35.81
N VAL K 227 0.51 -1.43 36.72
CA VAL K 227 0.93 -0.21 37.42
C VAL K 227 0.52 -0.27 38.87
N GLU K 228 1.00 0.71 39.63
CA GLU K 228 0.70 0.82 41.05
C GLU K 228 0.00 2.15 41.31
N LYS K 229 -1.18 2.08 41.94
CA LYS K 229 -1.95 3.27 42.27
C LYS K 229 -1.19 4.09 43.29
N VAL K 230 -0.50 5.13 42.81
CA VAL K 230 0.30 6.02 43.66
C VAL K 230 0.38 7.42 43.08
N MET L 1 12.88 -29.30 19.64
CA MET L 1 13.05 -28.32 18.52
C MET L 1 13.83 -28.91 17.36
N ASN L 2 15.06 -29.35 17.66
CA ASN L 2 15.96 -29.93 16.67
C ASN L 2 17.34 -30.11 17.33
N GLU L 3 17.91 -31.30 17.19
CA GLU L 3 19.22 -31.62 17.76
C GLU L 3 20.26 -30.56 17.43
N LEU L 4 20.45 -30.36 16.12
CA LEU L 4 21.42 -29.41 15.59
C LEU L 4 20.98 -27.94 15.67
N VAL L 5 19.68 -27.72 15.87
CA VAL L 5 19.06 -26.39 15.92
C VAL L 5 18.78 -25.93 14.50
N ASP L 6 19.81 -26.00 13.66
CA ASP L 6 19.73 -25.64 12.25
C ASP L 6 20.62 -26.58 11.48
N THR L 7 20.01 -27.51 10.74
CA THR L 7 20.76 -28.51 9.98
C THR L 7 21.74 -27.90 9.01
N THR L 8 21.24 -27.08 8.09
CA THR L 8 22.10 -26.46 7.09
C THR L 8 23.32 -25.77 7.68
N GLU L 9 23.13 -24.91 8.66
CA GLU L 9 24.30 -24.28 9.21
C GLU L 9 25.32 -25.30 9.74
N MET L 10 24.87 -26.29 10.53
CA MET L 10 25.79 -27.29 11.06
C MET L 10 26.53 -28.03 9.96
N TYR L 11 25.85 -28.28 8.84
CA TYR L 11 26.52 -28.97 7.75
C TYR L 11 27.61 -28.02 7.21
N LEU L 12 27.24 -26.76 6.98
CA LEU L 12 28.23 -25.82 6.47
C LEU L 12 29.42 -25.78 7.40
N ARG L 13 29.19 -25.51 8.67
CA ARG L 13 30.28 -25.44 9.64
C ARG L 13 31.10 -26.70 9.72
N THR L 14 30.47 -27.84 9.47
CA THR L 14 31.22 -29.09 9.52
C THR L 14 32.17 -29.13 8.34
N ILE L 15 31.70 -28.65 7.19
CA ILE L 15 32.50 -28.60 5.96
C ILE L 15 33.72 -27.77 6.28
N TYR L 16 33.46 -26.60 6.87
CA TYR L 16 34.50 -25.65 7.25
C TYR L 16 35.49 -26.27 8.24
N ASP L 17 34.97 -26.91 9.28
CA ASP L 17 35.82 -27.55 10.28
C ASP L 17 36.78 -28.53 9.64
N LEU L 18 36.26 -29.38 8.77
CA LEU L 18 37.11 -30.33 8.09
C LEU L 18 38.24 -29.63 7.34
N GLU L 19 37.93 -28.56 6.62
CA GLU L 19 38.96 -27.84 5.88
C GLU L 19 40.01 -27.36 6.85
N GLU L 20 39.54 -26.81 7.96
CA GLU L 20 40.41 -26.29 9.02
C GLU L 20 41.35 -27.38 9.56
N GLU L 21 40.88 -28.62 9.56
CA GLU L 21 41.67 -29.75 10.05
C GLU L 21 42.57 -30.31 8.96
N GLY L 22 42.32 -29.87 7.73
CA GLY L 22 43.11 -30.35 6.61
C GLY L 22 42.69 -31.71 6.11
N VAL L 23 41.45 -32.12 6.37
CA VAL L 23 40.98 -33.41 5.88
C VAL L 23 39.96 -33.17 4.77
N THR L 24 39.88 -34.12 3.84
CA THR L 24 38.99 -33.97 2.71
C THR L 24 37.52 -34.00 3.11
N PRO L 25 36.77 -32.93 2.77
CA PRO L 25 35.34 -32.73 3.04
C PRO L 25 34.44 -33.73 2.33
N LEU L 26 34.32 -34.94 2.85
CA LEU L 26 33.44 -35.95 2.24
C LEU L 26 32.13 -36.03 3.00
N ARG L 27 31.11 -36.57 2.34
CA ARG L 27 29.81 -36.70 2.95
C ARG L 27 29.90 -37.70 4.10
N ALA L 28 30.75 -38.70 3.93
CA ALA L 28 30.95 -39.69 4.97
C ALA L 28 31.41 -39.02 6.27
N ARG L 29 32.23 -37.99 6.17
CA ARG L 29 32.69 -37.27 7.35
C ARG L 29 31.53 -36.68 8.11
N ILE L 30 30.73 -35.90 7.40
CA ILE L 30 29.58 -35.25 8.00
C ILE L 30 28.74 -36.29 8.76
N ALA L 31 28.43 -37.40 8.09
CA ALA L 31 27.64 -38.43 8.72
C ALA L 31 28.21 -38.84 10.07
N GLU L 32 29.49 -39.15 10.11
CA GLU L 32 30.12 -39.55 11.36
C GLU L 32 29.92 -38.49 12.40
N ARG L 33 30.35 -37.26 12.08
CA ARG L 33 30.29 -36.13 13.02
C ARG L 33 28.94 -35.63 13.50
N LEU L 34 27.92 -35.67 12.66
CA LEU L 34 26.63 -35.21 13.13
C LEU L 34 25.77 -36.42 13.46
N ASP L 35 26.39 -37.59 13.43
CA ASP L 35 25.70 -38.83 13.74
C ASP L 35 24.39 -39.01 12.99
N GLN L 36 24.44 -38.93 11.65
CA GLN L 36 23.25 -39.13 10.83
C GLN L 36 23.60 -40.22 9.82
N SER L 37 22.58 -40.90 9.26
CA SER L 37 22.82 -41.97 8.29
C SER L 37 23.28 -41.44 6.93
N GLY L 38 23.91 -42.34 6.16
CA GLY L 38 24.41 -41.95 4.86
C GLY L 38 23.37 -41.26 4.00
N PRO L 39 22.26 -41.95 3.75
CA PRO L 39 21.18 -41.41 2.95
C PRO L 39 20.79 -40.02 3.43
N THR L 40 20.73 -39.83 4.74
CA THR L 40 20.35 -38.53 5.25
C THR L 40 21.31 -37.45 4.76
N VAL L 41 22.58 -37.57 5.09
CA VAL L 41 23.55 -36.55 4.68
C VAL L 41 23.50 -36.29 3.19
N SER L 42 23.29 -37.34 2.41
CA SER L 42 23.25 -37.19 0.96
C SER L 42 22.10 -36.28 0.53
N GLN L 43 20.88 -36.67 0.91
CA GLN L 43 19.66 -35.93 0.56
C GLN L 43 19.77 -34.48 1.04
N THR L 44 20.28 -34.29 2.25
CA THR L 44 20.43 -32.96 2.80
C THR L 44 21.41 -32.15 1.96
N VAL L 45 22.52 -32.78 1.56
CA VAL L 45 23.49 -32.07 0.74
C VAL L 45 22.79 -31.60 -0.52
N SER L 46 22.04 -32.49 -1.18
CA SER L 46 21.31 -32.10 -2.39
C SER L 46 20.57 -30.82 -2.13
N ARG L 47 19.60 -30.84 -1.23
CA ARG L 47 18.86 -29.61 -0.93
C ARG L 47 19.84 -28.46 -0.90
N MET L 48 21.00 -28.68 -0.26
CA MET L 48 22.01 -27.63 -0.14
C MET L 48 22.63 -27.25 -1.47
N GLU L 49 22.89 -28.24 -2.32
CA GLU L 49 23.48 -27.98 -3.64
C GLU L 49 22.44 -27.26 -4.47
N ARG L 50 21.21 -27.74 -4.36
CA ARG L 50 20.07 -27.17 -5.06
C ARG L 50 19.87 -25.70 -4.67
N ASP L 51 20.36 -25.30 -3.52
CA ASP L 51 20.21 -23.90 -3.11
C ASP L 51 21.53 -23.17 -3.24
N GLY L 52 22.43 -23.75 -4.03
CA GLY L 52 23.75 -23.16 -4.28
C GLY L 52 24.55 -22.76 -3.06
N LEU L 53 24.77 -23.71 -2.15
CA LEU L 53 25.53 -23.46 -0.94
C LEU L 53 26.84 -24.23 -1.02
N LEU L 54 26.84 -25.25 -1.87
CA LEU L 54 28.02 -26.08 -2.07
C LEU L 54 27.85 -26.92 -3.35
N ARG L 55 28.94 -27.53 -3.80
CA ARG L 55 28.90 -28.38 -4.99
C ARG L 55 29.66 -29.65 -4.69
N VAL L 56 29.20 -30.78 -5.22
CA VAL L 56 29.88 -32.03 -5.03
C VAL L 56 30.75 -32.19 -6.27
N ALA L 57 32.06 -32.09 -6.09
CA ALA L 57 33.01 -32.18 -7.19
C ALA L 57 33.05 -33.54 -7.85
N GLY L 58 34.03 -33.72 -8.73
CA GLY L 58 34.18 -34.97 -9.43
C GLY L 58 34.62 -36.11 -8.53
N ASP L 59 35.59 -35.84 -7.66
CA ASP L 59 36.10 -36.86 -6.75
C ASP L 59 35.13 -37.06 -5.58
N ARG L 60 34.05 -36.31 -5.60
CA ARG L 60 33.00 -36.38 -4.59
C ARG L 60 33.27 -35.60 -3.32
N HIS L 61 34.28 -34.72 -3.32
CA HIS L 61 34.55 -33.94 -2.12
C HIS L 61 33.64 -32.73 -2.16
N LEU L 62 33.27 -32.22 -0.99
CA LEU L 62 32.37 -31.08 -0.93
C LEU L 62 33.12 -29.76 -1.03
N GLU L 63 32.61 -28.90 -1.90
CA GLU L 63 33.22 -27.61 -2.16
C GLU L 63 32.19 -26.54 -1.83
N LEU L 64 32.51 -25.63 -0.91
CA LEU L 64 31.57 -24.57 -0.55
C LEU L 64 31.53 -23.48 -1.62
N THR L 65 30.33 -23.04 -2.01
CA THR L 65 30.22 -22.01 -3.04
C THR L 65 30.49 -20.64 -2.44
N GLU L 66 30.53 -19.63 -3.30
CA GLU L 66 30.77 -18.27 -2.86
C GLU L 66 29.86 -18.00 -1.67
N LYS L 67 28.58 -18.27 -1.88
CA LYS L 67 27.53 -18.06 -0.88
C LYS L 67 27.72 -18.92 0.35
N GLY L 68 27.82 -20.23 0.12
CA GLY L 68 27.99 -21.17 1.21
C GLY L 68 29.08 -20.78 2.19
N ARG L 69 30.23 -20.40 1.67
CA ARG L 69 31.36 -20.03 2.50
C ARG L 69 31.12 -18.77 3.31
N ALA L 70 30.45 -17.80 2.73
CA ALA L 70 30.18 -16.55 3.41
C ALA L 70 29.36 -16.83 4.68
N LEU L 71 28.39 -17.74 4.56
CA LEU L 71 27.50 -18.12 5.65
C LEU L 71 28.25 -18.96 6.66
N ALA L 72 29.01 -19.93 6.16
CA ALA L 72 29.83 -20.80 7.00
C ALA L 72 30.71 -19.96 7.92
N ILE L 73 31.36 -18.96 7.36
CA ILE L 73 32.20 -18.08 8.15
C ILE L 73 31.34 -17.39 9.19
N ALA L 74 30.24 -16.81 8.75
CA ALA L 74 29.35 -16.12 9.68
C ALA L 74 29.08 -16.95 10.92
N VAL L 75 28.71 -18.20 10.72
CA VAL L 75 28.42 -19.08 11.84
C VAL L 75 29.66 -19.27 12.68
N MET L 76 30.77 -19.64 12.05
CA MET L 76 31.98 -19.84 12.81
C MET L 76 32.30 -18.63 13.67
N ARG L 77 32.10 -17.45 13.12
CA ARG L 77 32.37 -16.20 13.82
C ARG L 77 31.53 -16.04 15.09
N LYS L 78 30.22 -16.31 15.00
CA LYS L 78 29.34 -16.20 16.16
C LYS L 78 29.74 -17.26 17.17
N HIS L 79 30.00 -18.46 16.67
CA HIS L 79 30.41 -19.57 17.53
C HIS L 79 31.55 -19.13 18.43
N ARG L 80 32.63 -18.65 17.82
CA ARG L 80 33.80 -18.22 18.58
C ARG L 80 33.61 -16.98 19.43
N LEU L 81 32.83 -16.02 18.97
CA LEU L 81 32.63 -14.84 19.81
C LEU L 81 31.84 -15.26 21.03
N ALA L 82 30.98 -16.26 20.84
CA ALA L 82 30.16 -16.82 21.93
C ALA L 82 31.03 -17.51 22.95
N GLU L 83 31.90 -18.40 22.48
CA GLU L 83 32.80 -19.11 23.38
C GLU L 83 33.55 -18.08 24.23
N ARG L 84 33.92 -16.95 23.60
CA ARG L 84 34.63 -15.88 24.27
C ARG L 84 33.76 -15.34 25.38
N LEU L 85 32.56 -14.91 25.05
CA LEU L 85 31.66 -14.37 26.05
C LEU L 85 31.34 -15.34 27.18
N LEU L 86 31.19 -16.62 26.86
CA LEU L 86 30.88 -17.63 27.87
C LEU L 86 31.97 -17.77 28.90
N VAL L 87 33.21 -17.87 28.44
CA VAL L 87 34.36 -18.00 29.31
C VAL L 87 34.74 -16.72 30.07
N ASP L 88 34.93 -15.63 29.34
CA ASP L 88 35.34 -14.36 29.95
C ASP L 88 34.31 -13.66 30.83
N VAL L 89 33.11 -13.41 30.31
CA VAL L 89 32.08 -12.71 31.09
C VAL L 89 31.14 -13.60 31.90
N ILE L 90 30.42 -14.48 31.22
CA ILE L 90 29.47 -15.40 31.87
C ILE L 90 30.17 -16.24 32.93
N GLY L 91 31.39 -16.65 32.63
CA GLY L 91 32.14 -17.44 33.59
C GLY L 91 31.87 -18.92 33.55
N LEU L 92 31.38 -19.42 32.43
CA LEU L 92 31.09 -20.84 32.29
C LEU L 92 32.41 -21.62 32.11
N PRO L 93 32.51 -22.79 32.73
CA PRO L 93 33.71 -23.61 32.62
C PRO L 93 34.15 -23.88 31.19
N TRP L 94 35.46 -23.93 31.00
CA TRP L 94 36.12 -24.16 29.71
C TRP L 94 35.58 -25.32 28.90
N GLU L 95 35.69 -26.52 29.46
CA GLU L 95 35.22 -27.70 28.76
C GLU L 95 33.71 -27.75 28.59
N GLU L 96 33.05 -26.60 28.69
CA GLU L 96 31.60 -26.57 28.55
C GLU L 96 31.09 -25.51 27.60
N VAL L 97 31.92 -24.50 27.31
CA VAL L 97 31.52 -23.42 26.42
C VAL L 97 31.27 -23.87 25.00
N HIS L 98 32.14 -24.72 24.47
CA HIS L 98 31.96 -25.19 23.11
C HIS L 98 30.56 -25.76 22.81
N ALA L 99 30.09 -26.68 23.64
CA ALA L 99 28.77 -27.29 23.48
C ALA L 99 27.64 -26.26 23.58
N GLU L 100 27.86 -25.23 24.40
CA GLU L 100 26.87 -24.19 24.58
C GLU L 100 26.89 -23.31 23.34
N ALA L 101 28.08 -22.94 22.90
CA ALA L 101 28.18 -22.08 21.74
C ALA L 101 27.70 -22.75 20.48
N CYS L 102 27.83 -24.08 20.40
CA CYS L 102 27.40 -24.84 19.21
C CYS L 102 25.91 -24.66 18.98
N ARG L 103 25.22 -24.17 20.00
CA ARG L 103 23.77 -23.91 19.92
C ARG L 103 23.53 -22.44 19.70
N TRP L 104 24.21 -21.60 20.46
CA TRP L 104 24.06 -20.15 20.33
C TRP L 104 24.48 -19.63 18.95
N GLU L 105 25.44 -20.31 18.33
CA GLU L 105 25.91 -19.90 17.04
C GLU L 105 24.77 -19.81 16.02
N HIS L 106 23.65 -20.44 16.29
CA HIS L 106 22.55 -20.43 15.34
C HIS L 106 21.47 -19.40 15.68
N VAL L 107 21.72 -18.56 16.68
CA VAL L 107 20.72 -17.59 17.05
C VAL L 107 21.26 -16.21 17.38
N MET L 108 22.58 -16.05 17.40
CA MET L 108 23.15 -14.75 17.70
C MET L 108 22.98 -13.82 16.51
N SER L 109 22.43 -12.64 16.76
CA SER L 109 22.22 -11.67 15.68
C SER L 109 23.56 -11.07 15.32
N GLU L 110 23.62 -10.43 14.15
CA GLU L 110 24.85 -9.80 13.69
C GLU L 110 25.10 -8.55 14.56
N ASP L 111 24.03 -7.99 15.11
CA ASP L 111 24.19 -6.83 15.96
C ASP L 111 24.87 -7.21 17.25
N VAL L 112 24.34 -8.23 17.93
CA VAL L 112 24.94 -8.67 19.18
C VAL L 112 26.39 -9.06 18.97
N GLU L 113 26.73 -9.48 17.76
CA GLU L 113 28.11 -9.86 17.46
C GLU L 113 28.97 -8.62 17.59
N ARG L 114 28.65 -7.61 16.79
CA ARG L 114 29.38 -6.35 16.83
C ARG L 114 29.57 -5.86 18.26
N ARG L 115 28.48 -5.78 19.02
CA ARG L 115 28.59 -5.32 20.40
C ARG L 115 29.49 -6.19 21.26
N LEU L 116 29.51 -7.49 20.99
CA LEU L 116 30.35 -8.39 21.77
C LEU L 116 31.81 -8.08 21.46
N VAL L 117 32.06 -7.64 20.22
CA VAL L 117 33.40 -7.29 19.79
C VAL L 117 33.93 -6.16 20.67
N LYS L 118 33.09 -5.16 20.91
CA LYS L 118 33.49 -4.05 21.75
C LYS L 118 33.59 -4.42 23.22
N VAL L 119 32.72 -5.31 23.68
CA VAL L 119 32.73 -5.73 25.08
C VAL L 119 33.90 -6.63 25.43
N LEU L 120 34.48 -7.28 24.43
CA LEU L 120 35.59 -8.18 24.67
C LEU L 120 36.90 -7.59 24.19
N ASN L 121 36.88 -6.32 23.80
CA ASN L 121 38.07 -5.60 23.32
C ASN L 121 38.67 -6.18 22.03
N ASN L 122 37.86 -6.17 20.98
CA ASN L 122 38.27 -6.65 19.68
C ASN L 122 39.04 -7.98 19.69
N PRO L 123 38.49 -9.01 20.36
CA PRO L 123 39.21 -10.29 20.39
C PRO L 123 39.53 -10.77 19.00
N THR L 124 40.43 -11.74 18.90
CA THR L 124 40.80 -12.26 17.60
C THR L 124 40.91 -13.77 17.59
N THR L 125 40.65 -14.40 18.74
CA THR L 125 40.71 -15.85 18.84
C THR L 125 39.71 -16.34 19.88
N SER L 126 39.53 -17.65 19.92
CA SER L 126 38.62 -18.27 20.87
C SER L 126 39.42 -18.76 22.06
N PRO L 127 38.74 -19.16 23.13
CA PRO L 127 39.41 -19.65 24.32
C PRO L 127 40.24 -20.89 23.99
N PHE L 128 40.20 -21.31 22.74
CA PHE L 128 40.95 -22.47 22.31
C PHE L 128 41.98 -22.11 21.26
N GLY L 129 42.14 -20.81 21.03
CA GLY L 129 43.14 -20.35 20.09
C GLY L 129 42.83 -20.24 18.60
N ASN L 130 41.65 -20.65 18.17
CA ASN L 130 41.33 -20.54 16.75
C ASN L 130 40.91 -19.11 16.46
N PRO L 131 41.38 -18.54 15.34
CA PRO L 131 41.08 -17.17 14.93
C PRO L 131 39.61 -16.96 14.58
N ILE L 132 39.06 -15.81 14.96
CA ILE L 132 37.68 -15.46 14.66
C ILE L 132 37.58 -14.94 13.22
N PRO L 133 37.02 -15.75 12.31
CA PRO L 133 36.87 -15.38 10.91
C PRO L 133 35.85 -14.28 10.62
N GLY L 134 35.82 -13.87 9.36
CA GLY L 134 34.88 -12.86 8.90
C GLY L 134 34.70 -11.65 9.79
N LEU L 135 35.76 -11.26 10.48
CA LEU L 135 35.64 -10.12 11.37
C LEU L 135 35.49 -8.78 10.65
N ASP L 136 36.05 -8.65 9.46
CA ASP L 136 35.92 -7.39 8.74
C ASP L 136 34.57 -7.23 8.04
N GLU L 137 34.10 -8.28 7.37
CA GLU L 137 32.81 -8.19 6.69
C GLU L 137 31.71 -8.01 7.72
N LEU L 138 32.12 -8.02 8.99
CA LEU L 138 31.19 -7.81 10.09
C LEU L 138 31.20 -6.31 10.28
N GLY L 139 32.40 -5.73 10.29
CA GLY L 139 32.55 -4.30 10.47
C GLY L 139 33.61 -3.90 11.49
N VAL L 140 34.80 -4.48 11.37
CA VAL L 140 35.93 -4.18 12.28
C VAL L 140 37.20 -4.87 11.79
N GLY L 141 37.94 -5.47 12.72
CA GLY L 141 39.17 -6.17 12.37
C GLY L 141 40.31 -5.28 11.89
N ASN L 150 55.43 -20.88 10.00
CA ASN L 150 55.83 -20.82 11.40
C ASN L 150 54.81 -21.52 12.31
N LEU L 151 53.77 -22.08 11.73
CA LEU L 151 52.73 -22.77 12.48
C LEU L 151 52.38 -24.08 11.76
N VAL L 152 52.41 -25.19 12.50
CA VAL L 152 52.12 -26.50 11.90
C VAL L 152 51.01 -27.26 12.58
N ARG L 153 50.64 -28.38 11.97
CA ARG L 153 49.59 -29.24 12.48
C ARG L 153 50.30 -30.51 12.98
N LEU L 154 49.92 -31.01 14.17
CA LEU L 154 50.57 -32.20 14.72
C LEU L 154 50.78 -33.35 13.76
N THR L 155 49.96 -33.42 12.73
CA THR L 155 50.10 -34.49 11.75
C THR L 155 51.26 -34.19 10.80
N GLU L 156 51.56 -32.91 10.62
CA GLU L 156 52.65 -32.46 9.75
C GLU L 156 53.97 -32.41 10.51
N LEU L 157 54.08 -33.20 11.56
CA LEU L 157 55.31 -33.22 12.35
C LEU L 157 56.07 -34.52 12.12
N PRO L 158 57.34 -34.43 11.68
CA PRO L 158 58.19 -35.59 11.40
C PRO L 158 58.38 -36.51 12.61
N ALA L 159 58.46 -37.81 12.35
CA ALA L 159 58.64 -38.78 13.43
C ALA L 159 60.09 -38.91 13.87
N GLY L 160 60.34 -39.81 14.81
CA GLY L 160 61.69 -40.01 15.29
C GLY L 160 61.83 -39.53 16.73
N SER L 161 62.56 -38.42 16.89
CA SER L 161 62.80 -37.85 18.21
C SER L 161 61.77 -36.77 18.56
N PRO L 162 61.32 -36.74 19.83
CA PRO L 162 60.34 -35.76 20.29
C PRO L 162 60.68 -34.35 19.83
N VAL L 163 59.75 -33.43 20.03
CA VAL L 163 59.95 -32.04 19.64
C VAL L 163 59.24 -31.11 20.60
N ALA L 164 59.91 -30.02 20.96
CA ALA L 164 59.33 -29.04 21.87
C ALA L 164 58.56 -28.06 21.00
N VAL L 165 57.31 -27.82 21.39
CA VAL L 165 56.44 -26.93 20.65
C VAL L 165 55.52 -26.22 21.64
N VAL L 166 54.75 -25.27 21.16
CA VAL L 166 53.83 -24.57 22.03
C VAL L 166 52.44 -24.62 21.41
N VAL L 167 51.51 -25.23 22.14
CA VAL L 167 50.13 -25.37 21.68
C VAL L 167 49.54 -24.01 21.31
N ARG L 168 49.09 -23.90 20.07
CA ARG L 168 48.50 -22.67 19.55
C ARG L 168 46.99 -22.75 19.29
N GLN L 169 46.52 -23.89 18.81
CA GLN L 169 45.10 -24.05 18.52
C GLN L 169 44.53 -25.44 18.83
N LEU L 170 43.24 -25.45 19.17
CA LEU L 170 42.53 -26.70 19.44
C LEU L 170 41.22 -26.52 18.67
N THR L 171 41.20 -26.99 17.42
CA THR L 171 40.02 -26.82 16.57
C THR L 171 38.77 -27.49 17.09
N GLU L 172 37.63 -26.99 16.63
CA GLU L 172 36.34 -27.48 17.07
C GLU L 172 36.24 -29.00 17.21
N HIS L 173 36.78 -29.76 16.26
CA HIS L 173 36.69 -31.22 16.36
C HIS L 173 37.15 -31.76 17.70
N VAL L 174 38.29 -31.28 18.19
CA VAL L 174 38.79 -31.76 19.47
C VAL L 174 37.87 -31.27 20.55
N GLN L 175 37.34 -30.05 20.40
CA GLN L 175 36.41 -29.47 21.38
C GLN L 175 35.20 -30.37 21.52
N GLY L 176 34.94 -31.13 20.45
CA GLY L 176 33.83 -32.05 20.43
C GLY L 176 33.95 -33.12 21.49
N ASP L 177 35.02 -33.91 21.45
CA ASP L 177 35.20 -34.98 22.44
C ASP L 177 35.43 -34.34 23.80
N ILE L 178 34.34 -34.17 24.55
CA ILE L 178 34.39 -33.53 25.86
C ILE L 178 35.29 -34.24 26.89
N ASP L 179 35.34 -35.57 26.81
CA ASP L 179 36.18 -36.34 27.73
C ASP L 179 37.64 -35.97 27.50
N LEU L 180 38.02 -35.79 26.24
CA LEU L 180 39.39 -35.43 25.86
C LEU L 180 39.71 -33.97 26.11
N ILE L 181 38.80 -33.07 25.74
CA ILE L 181 39.05 -31.65 25.94
C ILE L 181 39.26 -31.39 27.43
N THR L 182 38.68 -32.25 28.26
CA THR L 182 38.81 -32.12 29.70
C THR L 182 40.16 -32.61 30.18
N ARG L 183 40.58 -33.79 29.69
CA ARG L 183 41.88 -34.35 30.04
C ARG L 183 42.96 -33.35 29.66
N LEU L 184 42.81 -32.75 28.49
CA LEU L 184 43.78 -31.77 27.99
C LEU L 184 43.90 -30.57 28.93
N LYS L 185 42.79 -30.15 29.53
CA LYS L 185 42.81 -29.03 30.45
C LYS L 185 43.56 -29.44 31.69
N ASP L 186 43.19 -30.60 32.24
CA ASP L 186 43.84 -31.13 33.44
C ASP L 186 45.33 -31.30 33.23
N ALA L 187 45.72 -31.65 32.02
CA ALA L 187 47.13 -31.85 31.74
C ALA L 187 47.78 -30.55 31.22
N GLY L 188 47.05 -29.45 31.33
CA GLY L 188 47.59 -28.17 30.91
C GLY L 188 47.79 -27.95 29.42
N VAL L 189 47.55 -28.97 28.61
CA VAL L 189 47.72 -28.82 27.16
C VAL L 189 46.71 -27.81 26.65
N VAL L 190 47.09 -26.54 26.67
CA VAL L 190 46.21 -25.50 26.19
C VAL L 190 47.04 -24.42 25.51
N PRO L 191 46.39 -23.43 24.89
CA PRO L 191 47.10 -22.36 24.20
C PRO L 191 48.22 -21.72 25.04
N ASN L 192 49.34 -21.47 24.39
CA ASN L 192 50.51 -20.88 25.06
C ASN L 192 50.98 -21.80 26.18
N ALA L 193 51.35 -23.02 25.80
CA ALA L 193 51.84 -24.00 26.76
C ALA L 193 52.96 -24.80 26.11
N ARG L 194 54.14 -24.77 26.73
CA ARG L 194 55.26 -25.51 26.19
C ARG L 194 55.07 -26.97 26.51
N VAL L 195 55.28 -27.81 25.50
CA VAL L 195 55.12 -29.24 25.68
C VAL L 195 55.81 -29.94 24.51
N THR L 196 56.14 -31.21 24.67
CA THR L 196 56.80 -31.96 23.60
C THR L 196 55.88 -33.03 23.06
N VAL L 197 56.02 -33.28 21.77
CA VAL L 197 55.19 -34.26 21.08
C VAL L 197 56.05 -35.21 20.26
N GLU L 198 55.63 -36.46 20.20
CA GLU L 198 56.36 -37.48 19.44
C GLU L 198 55.40 -38.38 18.69
N THR L 199 55.70 -38.59 17.41
CA THR L 199 54.88 -39.42 16.54
C THR L 199 54.82 -40.88 16.98
N THR L 200 53.61 -41.39 17.22
CA THR L 200 53.42 -42.79 17.64
C THR L 200 53.46 -43.69 16.39
N PRO L 201 53.55 -45.02 16.58
CA PRO L 201 53.59 -45.94 15.44
C PRO L 201 52.36 -45.82 14.54
N GLY L 202 51.18 -45.80 15.15
CA GLY L 202 49.96 -45.70 14.37
C GLY L 202 49.57 -44.29 13.96
N GLY L 203 50.48 -43.60 13.26
CA GLY L 203 50.21 -42.25 12.81
C GLY L 203 49.69 -41.30 13.86
N GLY L 204 49.61 -41.77 15.10
CA GLY L 204 49.13 -40.93 16.19
C GLY L 204 50.18 -39.96 16.69
N VAL L 205 49.97 -39.45 17.90
CA VAL L 205 50.90 -38.49 18.49
C VAL L 205 50.82 -38.56 20.00
N THR L 206 51.96 -38.42 20.67
CA THR L 206 52.00 -38.45 22.12
C THR L 206 52.52 -37.15 22.67
N ILE L 207 51.74 -36.53 23.55
CA ILE L 207 52.12 -35.26 24.16
C ILE L 207 52.70 -35.50 25.54
N VAL L 208 53.91 -34.98 25.75
CA VAL L 208 54.58 -35.13 27.04
C VAL L 208 54.50 -33.81 27.81
N ILE L 209 53.62 -33.75 28.80
CA ILE L 209 53.46 -32.53 29.58
C ILE L 209 54.30 -32.58 30.85
N PRO L 210 55.25 -31.64 30.98
CA PRO L 210 56.09 -31.64 32.19
C PRO L 210 55.25 -31.47 33.45
N GLY L 211 55.06 -32.56 34.18
CA GLY L 211 54.31 -32.48 35.41
C GLY L 211 53.06 -33.33 35.48
N HIS L 212 52.43 -33.55 34.33
CA HIS L 212 51.20 -34.35 34.31
C HIS L 212 51.37 -35.59 33.44
N GLU L 213 50.48 -36.56 33.65
CA GLU L 213 50.48 -37.81 32.89
C GLU L 213 50.60 -37.50 31.41
N ASN L 214 51.08 -38.45 30.62
CA ASN L 214 51.18 -38.20 29.19
C ASN L 214 49.78 -38.29 28.60
N VAL L 215 49.63 -37.80 27.38
CA VAL L 215 48.34 -37.85 26.70
C VAL L 215 48.58 -38.16 25.23
N THR L 216 47.94 -39.21 24.73
CA THR L 216 48.09 -39.61 23.34
C THR L 216 46.83 -39.34 22.52
N LEU L 217 47.03 -38.76 21.33
CA LEU L 217 45.93 -38.43 20.43
C LEU L 217 45.98 -39.33 19.19
N PRO L 218 44.82 -39.81 18.70
CA PRO L 218 44.77 -40.67 17.51
C PRO L 218 45.06 -39.78 16.31
N HIS L 219 45.37 -40.40 15.17
CA HIS L 219 45.66 -39.60 13.99
C HIS L 219 44.61 -38.49 13.75
N GLU L 220 43.33 -38.86 13.78
CA GLU L 220 42.26 -37.91 13.55
C GLU L 220 42.32 -36.70 14.49
N MET L 221 42.33 -36.95 15.79
CA MET L 221 42.38 -35.86 16.77
C MET L 221 43.62 -35.01 16.54
N ALA L 222 44.69 -35.63 16.10
CA ALA L 222 45.94 -34.92 15.83
C ALA L 222 45.74 -33.87 14.75
N HIS L 223 45.01 -34.23 13.70
CA HIS L 223 44.72 -33.31 12.60
C HIS L 223 44.11 -32.03 13.13
N ALA L 224 43.55 -32.09 14.34
CA ALA L 224 42.88 -30.94 14.92
C ALA L 224 43.66 -30.09 15.96
N VAL L 225 44.98 -30.26 16.00
CA VAL L 225 45.83 -29.49 16.91
C VAL L 225 46.96 -28.78 16.15
N LYS L 226 47.00 -27.46 16.26
CA LYS L 226 48.05 -26.68 15.61
C LYS L 226 49.05 -26.18 16.66
N VAL L 227 50.34 -26.33 16.38
CA VAL L 227 51.39 -25.88 17.29
C VAL L 227 52.46 -25.07 16.56
N GLU L 228 53.36 -24.50 17.35
CA GLU L 228 54.45 -23.70 16.81
C GLU L 228 55.77 -24.32 17.25
N LYS L 229 56.61 -24.68 16.27
CA LYS L 229 57.91 -25.28 16.57
C LYS L 229 58.73 -24.26 17.34
N VAL L 230 58.88 -24.50 18.64
CA VAL L 230 59.61 -23.59 19.51
C VAL L 230 60.13 -24.33 20.75
CO CO M . -28.67 39.53 -4.87
CO CO N . -21.67 35.20 -8.18
CO CO O . -18.39 54.59 6.72
NA NA P . -10.77 30.63 1.51
CO CO Q . -30.88 19.47 -23.83
CO CO R . -23.27 21.23 -19.52
CO CO S . -24.40 1.82 -34.30
NA NA T . -10.21 21.87 -27.15
CO CO U . 26.51 13.96 -1.60
CO CO V . 20.64 20.61 -0.21
CO CO W . 20.07 7.43 -20.59
NA NA X . 5.98 18.07 -2.17
CO CO Y . 27.11 31.39 20.24
CO CO Z . 20.38 31.00 14.20
CO CO AA . 18.65 45.00 34.80
NA NA BA . 14.38 44.19 9.49
CO CO CA . -8.93 -43.67 -19.87
CO CO DA . -10.26 -38.74 -12.63
CO CO EA . 7.60 -55.57 -13.10
NA NA FA . 2.12 -31.28 -6.55
CO CO GA . -30.31 -25.73 -16.54
CO CO HA . -23.13 -26.58 -10.92
CO CO IA . -40.03 -8.98 -8.15
NA NA JA . -25.52 -26.58 4.28
CO CO KA . 10.78 -9.94 26.41
CO CO LA . 10.87 -17.36 21.29
CO CO MA . -10.28 -7.22 28.31
NA NA NA . 2.50 -17.49 8.91
CO CO OA . 33.85 -24.32 19.74
CO CO PA . 25.84 -25.87 16.24
CO CO QA . 45.87 -37.62 7.85
NA NA RA . 20.79 -39.74 14.45
#